data_6P0W
# 
_entry.id   6P0W 
# 
_audit_conform.dict_name       mmcif_pdbx.dic 
_audit_conform.dict_version    5.380 
_audit_conform.dict_location   http://mmcif.pdb.org/dictionaries/ascii/mmcif_pdbx.dic 
# 
loop_
_database_2.database_id 
_database_2.database_code 
_database_2.pdbx_database_accession 
_database_2.pdbx_DOI 
PDB   6P0W         pdb_00006p0w 10.2210/pdb6p0w/pdb 
WWPDB D_1000241702 ?            ?                   
# 
_pdbx_database_related.db_name        PDB 
_pdbx_database_related.details        'sulfonic acid form' 
_pdbx_database_related.db_id          6POH 
_pdbx_database_related.content_type   unspecified 
# 
_pdbx_database_status.status_code                     REL 
_pdbx_database_status.status_code_sf                  REL 
_pdbx_database_status.status_code_mr                  ? 
_pdbx_database_status.entry_id                        6P0W 
_pdbx_database_status.recvd_initial_deposition_date   2019-05-17 
_pdbx_database_status.SG_entry                        N 
_pdbx_database_status.deposit_site                    RCSB 
_pdbx_database_status.process_site                    RCSB 
_pdbx_database_status.status_code_cs                  ? 
_pdbx_database_status.methods_development_category    ? 
_pdbx_database_status.pdb_format_compatible           Y 
_pdbx_database_status.status_code_nmr_data            ? 
# 
loop_
_audit_author.name 
_audit_author.pdbx_ordinal 
_audit_author.identifier_ORCID 
'AIeixo-Silva, R.L.' 1 0000-0003-0770-5612 
'Domingos, R.M.'     2 0000-0002-6928-4836 
'Netto, L.E.S.'      3 0000-0002-4250-9177 
# 
_citation.abstract                  ? 
_citation.abstract_id_CAS           ? 
_citation.book_id_ISBN              ? 
_citation.book_publisher            ? 
_citation.book_publisher_city       ? 
_citation.book_title                ? 
_citation.coordinate_linkage        ? 
_citation.country                   ? 
_citation.database_id_Medline       ? 
_citation.details                   ? 
_citation.id                        primary 
_citation.journal_abbrev            'To Be Published' 
_citation.journal_id_ASTM           ? 
_citation.journal_id_CSD            0353 
_citation.journal_id_ISSN           ? 
_citation.journal_full              ? 
_citation.journal_issue             ? 
_citation.journal_volume            ? 
_citation.language                  ? 
_citation.page_first                ? 
_citation.page_last                 ? 
_citation.title                     'Structure of LsfA, a 1-Cys Prx in reduced form' 
_citation.year                      ? 
_citation.database_id_CSD           ? 
_citation.pdbx_database_id_DOI      ? 
_citation.pdbx_database_id_PubMed   ? 
_citation.unpublished_flag          ? 
# 
loop_
_citation_author.citation_id 
_citation_author.name 
_citation_author.ordinal 
_citation_author.identifier_ORCID 
primary 'AIeixo-Silva, R.L.' 1 0000-0003-0770-5612 
primary 'Domingos, R.M.'     2 0000-0002-6928-4836 
primary 'Netto, L.E.S.'      3 0000-0002-4250-9177 
# 
_cell.angle_alpha                  90.000 
_cell.angle_alpha_esd              ? 
_cell.angle_beta                   90.000 
_cell.angle_beta_esd               ? 
_cell.angle_gamma                  120.000 
_cell.angle_gamma_esd              ? 
_cell.entry_id                     6P0W 
_cell.details                      ? 
_cell.formula_units_Z              ? 
_cell.length_a                     82.427 
_cell.length_a_esd                 ? 
_cell.length_b                     82.427 
_cell.length_b_esd                 ? 
_cell.length_c                     102.859 
_cell.length_c_esd                 ? 
_cell.volume                       ? 
_cell.volume_esd                   ? 
_cell.Z_PDB                        12 
_cell.reciprocal_angle_alpha       ? 
_cell.reciprocal_angle_beta        ? 
_cell.reciprocal_angle_gamma       ? 
_cell.reciprocal_angle_alpha_esd   ? 
_cell.reciprocal_angle_beta_esd    ? 
_cell.reciprocal_angle_gamma_esd   ? 
_cell.reciprocal_length_a          ? 
_cell.reciprocal_length_b          ? 
_cell.reciprocal_length_c          ? 
_cell.reciprocal_length_a_esd      ? 
_cell.reciprocal_length_b_esd      ? 
_cell.reciprocal_length_c_esd      ? 
_cell.pdbx_unique_axis             ? 
# 
_symmetry.entry_id                         6P0W 
_symmetry.cell_setting                     ? 
_symmetry.Int_Tables_number                178 
_symmetry.space_group_name_Hall            ? 
_symmetry.space_group_name_H-M             'P 61 2 2' 
_symmetry.pdbx_full_space_group_name_H-M   ? 
# 
loop_
_entity.id 
_entity.type 
_entity.src_method 
_entity.pdbx_description 
_entity.formula_weight 
_entity.pdbx_number_of_molecules 
_entity.pdbx_ec 
_entity.pdbx_mutation 
_entity.pdbx_fragment 
_entity.details 
1 polymer     man 'Putative thiol-specific antioxidant protein' 24209.363 1  ? ? ? ? 
2 non-polymer syn 'CHLORIDE ION'                                35.453    1  ? ? ? ? 
3 water       nat water                                         18.015    26 ? ? ? ? 
# 
_entity_poly.entity_id                      1 
_entity_poly.type                           'polypeptide(L)' 
_entity_poly.nstd_linkage                   no 
_entity_poly.nstd_monomer                   no 
_entity_poly.pdbx_seq_one_letter_code       
;MSLRLGDIAPDFEQDSSEGRIRLHEWLGDSWGVLFSHPADFTPVCTTELGFTAKLKDQFAQRGVKVLALSVDPVDSHLKW
IDDINETQDTRVNFPIIADADRKVSELYDLIHPNANDTLTVRSLFIIDPNKKVRLIITYPASTGRNFNEILRVIDSLQLT
DEHKVATPANWEDGDEVVIVPSLKDEEEIKRRFPKGYRAVKPYLRLTPQPNR
;
_entity_poly.pdbx_seq_one_letter_code_can   
;MSLRLGDIAPDFEQDSSEGRIRLHEWLGDSWGVLFSHPADFTPVCTTELGFTAKLKDQFAQRGVKVLALSVDPVDSHLKW
IDDINETQDTRVNFPIIADADRKVSELYDLIHPNANDTLTVRSLFIIDPNKKVRLIITYPASTGRNFNEILRVIDSLQLT
DEHKVATPANWEDGDEVVIVPSLKDEEEIKRRFPKGYRAVKPYLRLTPQPNR
;
_entity_poly.pdbx_strand_id                 A 
_entity_poly.pdbx_target_identifier         ? 
# 
loop_
_entity_poly_seq.entity_id 
_entity_poly_seq.num 
_entity_poly_seq.mon_id 
_entity_poly_seq.hetero 
1 1   MET n 
1 2   SER n 
1 3   LEU n 
1 4   ARG n 
1 5   LEU n 
1 6   GLY n 
1 7   ASP n 
1 8   ILE n 
1 9   ALA n 
1 10  PRO n 
1 11  ASP n 
1 12  PHE n 
1 13  GLU n 
1 14  GLN n 
1 15  ASP n 
1 16  SER n 
1 17  SER n 
1 18  GLU n 
1 19  GLY n 
1 20  ARG n 
1 21  ILE n 
1 22  ARG n 
1 23  LEU n 
1 24  HIS n 
1 25  GLU n 
1 26  TRP n 
1 27  LEU n 
1 28  GLY n 
1 29  ASP n 
1 30  SER n 
1 31  TRP n 
1 32  GLY n 
1 33  VAL n 
1 34  LEU n 
1 35  PHE n 
1 36  SER n 
1 37  HIS n 
1 38  PRO n 
1 39  ALA n 
1 40  ASP n 
1 41  PHE n 
1 42  THR n 
1 43  PRO n 
1 44  VAL n 
1 45  CYS n 
1 46  THR n 
1 47  THR n 
1 48  GLU n 
1 49  LEU n 
1 50  GLY n 
1 51  PHE n 
1 52  THR n 
1 53  ALA n 
1 54  LYS n 
1 55  LEU n 
1 56  LYS n 
1 57  ASP n 
1 58  GLN n 
1 59  PHE n 
1 60  ALA n 
1 61  GLN n 
1 62  ARG n 
1 63  GLY n 
1 64  VAL n 
1 65  LYS n 
1 66  VAL n 
1 67  LEU n 
1 68  ALA n 
1 69  LEU n 
1 70  SER n 
1 71  VAL n 
1 72  ASP n 
1 73  PRO n 
1 74  VAL n 
1 75  ASP n 
1 76  SER n 
1 77  HIS n 
1 78  LEU n 
1 79  LYS n 
1 80  TRP n 
1 81  ILE n 
1 82  ASP n 
1 83  ASP n 
1 84  ILE n 
1 85  ASN n 
1 86  GLU n 
1 87  THR n 
1 88  GLN n 
1 89  ASP n 
1 90  THR n 
1 91  ARG n 
1 92  VAL n 
1 93  ASN n 
1 94  PHE n 
1 95  PRO n 
1 96  ILE n 
1 97  ILE n 
1 98  ALA n 
1 99  ASP n 
1 100 ALA n 
1 101 ASP n 
1 102 ARG n 
1 103 LYS n 
1 104 VAL n 
1 105 SER n 
1 106 GLU n 
1 107 LEU n 
1 108 TYR n 
1 109 ASP n 
1 110 LEU n 
1 111 ILE n 
1 112 HIS n 
1 113 PRO n 
1 114 ASN n 
1 115 ALA n 
1 116 ASN n 
1 117 ASP n 
1 118 THR n 
1 119 LEU n 
1 120 THR n 
1 121 VAL n 
1 122 ARG n 
1 123 SER n 
1 124 LEU n 
1 125 PHE n 
1 126 ILE n 
1 127 ILE n 
1 128 ASP n 
1 129 PRO n 
1 130 ASN n 
1 131 LYS n 
1 132 LYS n 
1 133 VAL n 
1 134 ARG n 
1 135 LEU n 
1 136 ILE n 
1 137 ILE n 
1 138 THR n 
1 139 TYR n 
1 140 PRO n 
1 141 ALA n 
1 142 SER n 
1 143 THR n 
1 144 GLY n 
1 145 ARG n 
1 146 ASN n 
1 147 PHE n 
1 148 ASN n 
1 149 GLU n 
1 150 ILE n 
1 151 LEU n 
1 152 ARG n 
1 153 VAL n 
1 154 ILE n 
1 155 ASP n 
1 156 SER n 
1 157 LEU n 
1 158 GLN n 
1 159 LEU n 
1 160 THR n 
1 161 ASP n 
1 162 GLU n 
1 163 HIS n 
1 164 LYS n 
1 165 VAL n 
1 166 ALA n 
1 167 THR n 
1 168 PRO n 
1 169 ALA n 
1 170 ASN n 
1 171 TRP n 
1 172 GLU n 
1 173 ASP n 
1 174 GLY n 
1 175 ASP n 
1 176 GLU n 
1 177 VAL n 
1 178 VAL n 
1 179 ILE n 
1 180 VAL n 
1 181 PRO n 
1 182 SER n 
1 183 LEU n 
1 184 LYS n 
1 185 ASP n 
1 186 GLU n 
1 187 GLU n 
1 188 GLU n 
1 189 ILE n 
1 190 LYS n 
1 191 ARG n 
1 192 ARG n 
1 193 PHE n 
1 194 PRO n 
1 195 LYS n 
1 196 GLY n 
1 197 TYR n 
1 198 ARG n 
1 199 ALA n 
1 200 VAL n 
1 201 LYS n 
1 202 PRO n 
1 203 TYR n 
1 204 LEU n 
1 205 ARG n 
1 206 LEU n 
1 207 THR n 
1 208 PRO n 
1 209 GLN n 
1 210 PRO n 
1 211 ASN n 
1 212 ARG n 
# 
_entity_src_gen.entity_id                          1 
_entity_src_gen.pdbx_src_id                        1 
_entity_src_gen.pdbx_alt_source_flag               sample 
_entity_src_gen.pdbx_seq_type                      'Biological sequence' 
_entity_src_gen.pdbx_beg_seq_num                   1 
_entity_src_gen.pdbx_end_seq_num                   212 
_entity_src_gen.gene_src_common_name               ? 
_entity_src_gen.gene_src_genus                     ? 
_entity_src_gen.pdbx_gene_src_gene                 'lsfA, PA14_19490' 
_entity_src_gen.gene_src_species                   ? 
_entity_src_gen.gene_src_strain                    UCBPP-PA14 
_entity_src_gen.gene_src_tissue                    ? 
_entity_src_gen.gene_src_tissue_fraction           ? 
_entity_src_gen.gene_src_details                   ? 
_entity_src_gen.pdbx_gene_src_fragment             ? 
_entity_src_gen.pdbx_gene_src_scientific_name      'Pseudomonas aeruginosa (strain UCBPP-PA14)' 
_entity_src_gen.pdbx_gene_src_ncbi_taxonomy_id     208963 
_entity_src_gen.pdbx_gene_src_variant              ? 
_entity_src_gen.pdbx_gene_src_cell_line            ? 
_entity_src_gen.pdbx_gene_src_atcc                 ? 
_entity_src_gen.pdbx_gene_src_organ                ? 
_entity_src_gen.pdbx_gene_src_organelle            ? 
_entity_src_gen.pdbx_gene_src_cell                 ? 
_entity_src_gen.pdbx_gene_src_cellular_location    ? 
_entity_src_gen.host_org_common_name               ? 
_entity_src_gen.pdbx_host_org_scientific_name      'Escherichia coli BL21' 
_entity_src_gen.pdbx_host_org_ncbi_taxonomy_id     511693 
_entity_src_gen.host_org_genus                     ? 
_entity_src_gen.pdbx_host_org_gene                 ? 
_entity_src_gen.pdbx_host_org_organ                ? 
_entity_src_gen.host_org_species                   ? 
_entity_src_gen.pdbx_host_org_tissue               ? 
_entity_src_gen.pdbx_host_org_tissue_fraction      ? 
_entity_src_gen.pdbx_host_org_strain               BL21 
_entity_src_gen.pdbx_host_org_variant              ? 
_entity_src_gen.pdbx_host_org_cell_line            ? 
_entity_src_gen.pdbx_host_org_atcc                 ? 
_entity_src_gen.pdbx_host_org_culture_collection   ? 
_entity_src_gen.pdbx_host_org_cell                 ? 
_entity_src_gen.pdbx_host_org_organelle            ? 
_entity_src_gen.pdbx_host_org_cellular_location    ? 
_entity_src_gen.pdbx_host_org_vector_type          ? 
_entity_src_gen.pdbx_host_org_vector               ? 
_entity_src_gen.host_org_details                   ? 
_entity_src_gen.expression_system_id               ? 
_entity_src_gen.plasmid_name                       ? 
_entity_src_gen.plasmid_details                    ? 
_entity_src_gen.pdbx_description                   ? 
# 
_struct_ref.id                         1 
_struct_ref.db_name                    UNP 
_struct_ref.db_code                    A0A0H2ZEH5_PSEAB 
_struct_ref.pdbx_db_accession          A0A0H2ZEH5 
_struct_ref.pdbx_db_isoform            ? 
_struct_ref.entity_id                  1 
_struct_ref.pdbx_seq_one_letter_code   
;MSLRLGDIAPDFEQDSSEGRIRLHEWLGDSWGVLFSHPADFTPVCTTELGFTAKLKDQFAQRGVKVLALSVDPVDSHLKW
IDDINETQDTRVNFPIIADADRKVSELYDLIHPNANDTLTVRSLFIIDPNKKVRLIITYPASTGRNFNEILRVIDSLQLT
DEHKVATPANWEDGDEVVIVPSLKDEEEIKRRFPKGYRAVKPYLRLTPQPNR
;
_struct_ref.pdbx_align_begin           1 
# 
_struct_ref_seq.align_id                      1 
_struct_ref_seq.ref_id                        1 
_struct_ref_seq.pdbx_PDB_id_code              6P0W 
_struct_ref_seq.pdbx_strand_id                A 
_struct_ref_seq.seq_align_beg                 1 
_struct_ref_seq.pdbx_seq_align_beg_ins_code   ? 
_struct_ref_seq.seq_align_end                 212 
_struct_ref_seq.pdbx_seq_align_end_ins_code   ? 
_struct_ref_seq.pdbx_db_accession             A0A0H2ZEH5 
_struct_ref_seq.db_align_beg                  1 
_struct_ref_seq.pdbx_db_align_beg_ins_code    ? 
_struct_ref_seq.db_align_end                  212 
_struct_ref_seq.pdbx_db_align_end_ins_code    ? 
_struct_ref_seq.pdbx_auth_seq_align_beg       1 
_struct_ref_seq.pdbx_auth_seq_align_end       212 
# 
loop_
_chem_comp.id 
_chem_comp.type 
_chem_comp.mon_nstd_flag 
_chem_comp.name 
_chem_comp.pdbx_synonyms 
_chem_comp.formula 
_chem_comp.formula_weight 
ALA 'L-peptide linking' y ALANINE         ? 'C3 H7 N O2'     89.093  
ARG 'L-peptide linking' y ARGININE        ? 'C6 H15 N4 O2 1' 175.209 
ASN 'L-peptide linking' y ASPARAGINE      ? 'C4 H8 N2 O3'    132.118 
ASP 'L-peptide linking' y 'ASPARTIC ACID' ? 'C4 H7 N O4'     133.103 
CL  non-polymer         . 'CHLORIDE ION'  ? 'Cl -1'          35.453  
CYS 'L-peptide linking' y CYSTEINE        ? 'C3 H7 N O2 S'   121.158 
GLN 'L-peptide linking' y GLUTAMINE       ? 'C5 H10 N2 O3'   146.144 
GLU 'L-peptide linking' y 'GLUTAMIC ACID' ? 'C5 H9 N O4'     147.129 
GLY 'peptide linking'   y GLYCINE         ? 'C2 H5 N O2'     75.067  
HIS 'L-peptide linking' y HISTIDINE       ? 'C6 H10 N3 O2 1' 156.162 
HOH non-polymer         . WATER           ? 'H2 O'           18.015  
ILE 'L-peptide linking' y ISOLEUCINE      ? 'C6 H13 N O2'    131.173 
LEU 'L-peptide linking' y LEUCINE         ? 'C6 H13 N O2'    131.173 
LYS 'L-peptide linking' y LYSINE          ? 'C6 H15 N2 O2 1' 147.195 
MET 'L-peptide linking' y METHIONINE      ? 'C5 H11 N O2 S'  149.211 
PHE 'L-peptide linking' y PHENYLALANINE   ? 'C9 H11 N O2'    165.189 
PRO 'L-peptide linking' y PROLINE         ? 'C5 H9 N O2'     115.130 
SER 'L-peptide linking' y SERINE          ? 'C3 H7 N O3'     105.093 
THR 'L-peptide linking' y THREONINE       ? 'C4 H9 N O3'     119.119 
TRP 'L-peptide linking' y TRYPTOPHAN      ? 'C11 H12 N2 O2'  204.225 
TYR 'L-peptide linking' y TYROSINE        ? 'C9 H11 N O3'    181.189 
VAL 'L-peptide linking' y VALINE          ? 'C5 H11 N O2'    117.146 
# 
_exptl.absorpt_coefficient_mu     ? 
_exptl.absorpt_correction_T_max   ? 
_exptl.absorpt_correction_T_min   ? 
_exptl.absorpt_correction_type    ? 
_exptl.absorpt_process_details    ? 
_exptl.entry_id                   6P0W 
_exptl.crystals_number            1 
_exptl.details                    ? 
_exptl.method                     'X-RAY DIFFRACTION' 
_exptl.method_details             ? 
# 
_exptl_crystal.colour                      ? 
_exptl_crystal.density_diffrn              ? 
_exptl_crystal.density_Matthews            2.20 
_exptl_crystal.density_method              ? 
_exptl_crystal.density_percent_sol         43.97 
_exptl_crystal.description                 ? 
_exptl_crystal.F_000                       ? 
_exptl_crystal.id                          1 
_exptl_crystal.preparation                 ? 
_exptl_crystal.size_max                    ? 
_exptl_crystal.size_mid                    ? 
_exptl_crystal.size_min                    ? 
_exptl_crystal.size_rad                    ? 
_exptl_crystal.colour_lustre               ? 
_exptl_crystal.colour_modifier             ? 
_exptl_crystal.colour_primary              ? 
_exptl_crystal.density_meas                ? 
_exptl_crystal.density_meas_esd            ? 
_exptl_crystal.density_meas_gt             ? 
_exptl_crystal.density_meas_lt             ? 
_exptl_crystal.density_meas_temp           ? 
_exptl_crystal.density_meas_temp_esd       ? 
_exptl_crystal.density_meas_temp_gt        ? 
_exptl_crystal.density_meas_temp_lt        ? 
_exptl_crystal.pdbx_crystal_image_url      ? 
_exptl_crystal.pdbx_crystal_image_format   ? 
_exptl_crystal.pdbx_mosaicity              ? 
_exptl_crystal.pdbx_mosaicity_esd          ? 
# 
_exptl_crystal_grow.apparatus       ? 
_exptl_crystal_grow.atmosphere      ? 
_exptl_crystal_grow.crystal_id      1 
_exptl_crystal_grow.details         ? 
_exptl_crystal_grow.method          'VAPOR DIFFUSION, SITTING DROP' 
_exptl_crystal_grow.method_ref      ? 
_exptl_crystal_grow.pH              5.5 
_exptl_crystal_grow.pressure        ? 
_exptl_crystal_grow.pressure_esd    ? 
_exptl_crystal_grow.seeding         ? 
_exptl_crystal_grow.seeding_ref     ? 
_exptl_crystal_grow.temp            291.15 
_exptl_crystal_grow.temp_details    ? 
_exptl_crystal_grow.temp_esd        ? 
_exptl_crystal_grow.time            ? 
_exptl_crystal_grow.pdbx_details    'PEG 3000, Phosphate citrate, sodium chloride' 
_exptl_crystal_grow.pdbx_pH_range   ? 
# 
_diffrn.ambient_environment              ? 
_diffrn.ambient_temp                     100 
_diffrn.ambient_temp_details             ? 
_diffrn.ambient_temp_esd                 ? 
_diffrn.crystal_id                       1 
_diffrn.crystal_support                  ? 
_diffrn.crystal_treatment                ? 
_diffrn.details                          ? 
_diffrn.id                               1 
_diffrn.ambient_pressure                 ? 
_diffrn.ambient_pressure_esd             ? 
_diffrn.ambient_pressure_gt              ? 
_diffrn.ambient_pressure_lt              ? 
_diffrn.ambient_temp_gt                  ? 
_diffrn.ambient_temp_lt                  ? 
_diffrn.pdbx_serial_crystal_experiment   N 
# 
_diffrn_detector.details                      ? 
_diffrn_detector.detector                     PIXEL 
_diffrn_detector.diffrn_id                    1 
_diffrn_detector.type                         'DECTRIS PILATUS 6M' 
_diffrn_detector.area_resol_mean              ? 
_diffrn_detector.dtime                        ? 
_diffrn_detector.pdbx_frames_total            ? 
_diffrn_detector.pdbx_collection_time_total   ? 
_diffrn_detector.pdbx_collection_date         2017-10-20 
_diffrn_detector.pdbx_frequency               ? 
# 
_diffrn_radiation.collimation                      ? 
_diffrn_radiation.diffrn_id                        1 
_diffrn_radiation.filter_edge                      ? 
_diffrn_radiation.inhomogeneity                    ? 
_diffrn_radiation.monochromator                    ? 
_diffrn_radiation.polarisn_norm                    ? 
_diffrn_radiation.polarisn_ratio                   ? 
_diffrn_radiation.probe                            ? 
_diffrn_radiation.type                             ? 
_diffrn_radiation.xray_symbol                      ? 
_diffrn_radiation.wavelength_id                    1 
_diffrn_radiation.pdbx_monochromatic_or_laue_m_l   M 
_diffrn_radiation.pdbx_wavelength_list             ? 
_diffrn_radiation.pdbx_wavelength                  ? 
_diffrn_radiation.pdbx_diffrn_protocol             'SINGLE WAVELENGTH' 
_diffrn_radiation.pdbx_analyzer                    ? 
_diffrn_radiation.pdbx_scattering_type             x-ray 
# 
_diffrn_radiation_wavelength.id           1 
_diffrn_radiation_wavelength.wavelength   0.979460 
_diffrn_radiation_wavelength.wt           1.0 
# 
_diffrn_source.current                     ? 
_diffrn_source.details                     ? 
_diffrn_source.diffrn_id                   1 
_diffrn_source.power                       ? 
_diffrn_source.size                        ? 
_diffrn_source.source                      SYNCHROTRON 
_diffrn_source.target                      ? 
_diffrn_source.type                        'SSRL BEAMLINE BL12-2' 
_diffrn_source.voltage                     ? 
_diffrn_source.take-off_angle              ? 
_diffrn_source.pdbx_wavelength_list        0.979460 
_diffrn_source.pdbx_wavelength             ? 
_diffrn_source.pdbx_synchrotron_beamline   BL12-2 
_diffrn_source.pdbx_synchrotron_site       SSRL 
# 
_reflns.B_iso_Wilson_estimate            ? 
_reflns.entry_id                         6P0W 
_reflns.data_reduction_details           ? 
_reflns.data_reduction_method            ? 
_reflns.d_resolution_high                2.4 
_reflns.d_resolution_low                 33.74 
_reflns.details                          ? 
_reflns.limit_h_max                      ? 
_reflns.limit_h_min                      ? 
_reflns.limit_k_max                      ? 
_reflns.limit_k_min                      ? 
_reflns.limit_l_max                      ? 
_reflns.limit_l_min                      ? 
_reflns.number_all                       ? 
_reflns.number_obs                       8552 
_reflns.observed_criterion               ? 
_reflns.observed_criterion_F_max         ? 
_reflns.observed_criterion_F_min         ? 
_reflns.observed_criterion_I_max         ? 
_reflns.observed_criterion_I_min         ? 
_reflns.observed_criterion_sigma_F       ? 
_reflns.observed_criterion_sigma_I       ? 
_reflns.percent_possible_obs             99.9 
_reflns.R_free_details                   ? 
_reflns.Rmerge_F_all                     ? 
_reflns.Rmerge_F_obs                     ? 
_reflns.Friedel_coverage                 ? 
_reflns.number_gt                        ? 
_reflns.threshold_expression             ? 
_reflns.pdbx_redundancy                  35.92 
_reflns.pdbx_Rmerge_I_obs                ? 
_reflns.pdbx_Rmerge_I_all                ? 
_reflns.pdbx_Rsym_value                  ? 
_reflns.pdbx_netI_over_av_sigmaI         ? 
_reflns.pdbx_netI_over_sigmaI            2.28 
_reflns.pdbx_res_netI_over_av_sigmaI_2   ? 
_reflns.pdbx_res_netI_over_sigmaI_2      ? 
_reflns.pdbx_chi_squared                 ? 
_reflns.pdbx_scaling_rejects             ? 
_reflns.pdbx_d_res_high_opt              ? 
_reflns.pdbx_d_res_low_opt               ? 
_reflns.pdbx_d_res_opt_method            ? 
_reflns.phase_calculation_details        ? 
_reflns.pdbx_Rrim_I_all                  ? 
_reflns.pdbx_Rpim_I_all                  0.226 
_reflns.pdbx_d_opt                       ? 
_reflns.pdbx_number_measured_all         ? 
_reflns.pdbx_diffrn_id                   1 
_reflns.pdbx_ordinal                     1 
_reflns.pdbx_CC_half                     0.996 
_reflns.pdbx_R_split                     ? 
# 
_reflns_shell.d_res_high                  2.4 
_reflns_shell.d_res_low                   2.49 
_reflns_shell.meanI_over_sigI_all         ? 
_reflns_shell.meanI_over_sigI_obs         ? 
_reflns_shell.number_measured_all         ? 
_reflns_shell.number_measured_obs         ? 
_reflns_shell.number_possible             ? 
_reflns_shell.number_unique_all           ? 
_reflns_shell.number_unique_obs           8588 
_reflns_shell.percent_possible_all        ? 
_reflns_shell.percent_possible_obs        ? 
_reflns_shell.Rmerge_F_all                ? 
_reflns_shell.Rmerge_F_obs                ? 
_reflns_shell.Rmerge_I_all                ? 
_reflns_shell.Rmerge_I_obs                ? 
_reflns_shell.meanI_over_sigI_gt          ? 
_reflns_shell.meanI_over_uI_all           ? 
_reflns_shell.meanI_over_uI_gt            ? 
_reflns_shell.number_measured_gt          ? 
_reflns_shell.number_unique_gt            ? 
_reflns_shell.percent_possible_gt         ? 
_reflns_shell.Rmerge_F_gt                 ? 
_reflns_shell.Rmerge_I_gt                 ? 
_reflns_shell.pdbx_redundancy             ? 
_reflns_shell.pdbx_Rsym_value             ? 
_reflns_shell.pdbx_chi_squared            ? 
_reflns_shell.pdbx_netI_over_sigmaI_all   ? 
_reflns_shell.pdbx_netI_over_sigmaI_obs   ? 
_reflns_shell.pdbx_Rrim_I_all             ? 
_reflns_shell.pdbx_Rpim_I_all             1.786 
_reflns_shell.pdbx_rejects                ? 
_reflns_shell.pdbx_ordinal                1 
_reflns_shell.pdbx_diffrn_id              1 
_reflns_shell.pdbx_CC_half                0.809 
_reflns_shell.pdbx_R_split                ? 
# 
_refine.aniso_B[1][1]                            0.0000 
_refine.aniso_B[1][2]                            0.0000 
_refine.aniso_B[1][3]                            0.0000 
_refine.aniso_B[2][2]                            0.0000 
_refine.aniso_B[2][3]                            0.0000 
_refine.aniso_B[3][3]                            -0.0100 
_refine.B_iso_max                                95.280 
_refine.B_iso_mean                               37.2940 
_refine.B_iso_min                                23.480 
_refine.correlation_coeff_Fo_to_Fc               0.9490 
_refine.correlation_coeff_Fo_to_Fc_free          0.9130 
_refine.details                                  
'HYDROGENS HAVE BEEN ADDED IN THE RIDING POSITIONS U VALUES      : REFINED INDIVIDUALLY' 
_refine.diff_density_max                         ? 
_refine.diff_density_max_esd                     ? 
_refine.diff_density_min                         ? 
_refine.diff_density_min_esd                     ? 
_refine.diff_density_rms                         ? 
_refine.diff_density_rms_esd                     ? 
_refine.entry_id                                 6P0W 
_refine.pdbx_refine_id                           'X-RAY DIFFRACTION' 
_refine.ls_abs_structure_details                 ? 
_refine.ls_abs_structure_Flack                   ? 
_refine.ls_abs_structure_Flack_esd               ? 
_refine.ls_abs_structure_Rogers                  ? 
_refine.ls_abs_structure_Rogers_esd              ? 
_refine.ls_d_res_high                            2.4000 
_refine.ls_d_res_low                             33.7400 
_refine.ls_extinction_coef                       ? 
_refine.ls_extinction_coef_esd                   ? 
_refine.ls_extinction_expression                 ? 
_refine.ls_extinction_method                     ? 
_refine.ls_goodness_of_fit_all                   ? 
_refine.ls_goodness_of_fit_all_esd               ? 
_refine.ls_goodness_of_fit_obs                   ? 
_refine.ls_goodness_of_fit_obs_esd               ? 
_refine.ls_hydrogen_treatment                    ? 
_refine.ls_matrix_type                           ? 
_refine.ls_number_constraints                    ? 
_refine.ls_number_parameters                     ? 
_refine.ls_number_reflns_all                     ? 
_refine.ls_number_reflns_obs                     8112 
_refine.ls_number_reflns_R_free                  440 
_refine.ls_number_reflns_R_work                  ? 
_refine.ls_number_restraints                     ? 
_refine.ls_percent_reflns_obs                    99.9200 
_refine.ls_percent_reflns_R_free                 5.1000 
_refine.ls_R_factor_all                          ? 
_refine.ls_R_factor_obs                          0.2065 
_refine.ls_R_factor_R_free                       0.2721 
_refine.ls_R_factor_R_free_error                 ? 
_refine.ls_R_factor_R_free_error_details         ? 
_refine.ls_R_factor_R_work                       0.2031 
_refine.ls_R_Fsqd_factor_obs                     ? 
_refine.ls_R_I_factor_obs                        ? 
_refine.ls_redundancy_reflns_all                 ? 
_refine.ls_redundancy_reflns_obs                 ? 
_refine.ls_restrained_S_all                      ? 
_refine.ls_restrained_S_obs                      ? 
_refine.ls_shift_over_esd_max                    ? 
_refine.ls_shift_over_esd_mean                   ? 
_refine.ls_structure_factor_coef                 ? 
_refine.ls_weighting_details                     ? 
_refine.ls_weighting_scheme                      ? 
_refine.ls_wR_factor_all                         ? 
_refine.ls_wR_factor_obs                         ? 
_refine.ls_wR_factor_R_free                      ? 
_refine.ls_wR_factor_R_work                      ? 
_refine.occupancy_max                            ? 
_refine.occupancy_min                            ? 
_refine.solvent_model_details                    ? 
_refine.solvent_model_param_bsol                 ? 
_refine.solvent_model_param_ksol                 ? 
_refine.ls_R_factor_gt                           ? 
_refine.ls_goodness_of_fit_gt                    ? 
_refine.ls_goodness_of_fit_ref                   ? 
_refine.ls_shift_over_su_max                     ? 
_refine.ls_shift_over_su_max_lt                  ? 
_refine.ls_shift_over_su_mean                    ? 
_refine.ls_shift_over_su_mean_lt                 ? 
_refine.pdbx_ls_sigma_I                          ? 
_refine.pdbx_ls_sigma_F                          0.000 
_refine.pdbx_ls_sigma_Fsqd                       ? 
_refine.pdbx_data_cutoff_high_absF               ? 
_refine.pdbx_data_cutoff_high_rms_absF           ? 
_refine.pdbx_data_cutoff_low_absF                ? 
_refine.pdbx_isotropic_thermal_model             ? 
_refine.pdbx_ls_cross_valid_method               THROUGHOUT 
_refine.pdbx_method_to_determine_struct          'MOLECULAR REPLACEMENT' 
_refine.pdbx_starting_model                      1PRX 
_refine.pdbx_stereochemistry_target_values       ? 
_refine.pdbx_R_Free_selection_details            RANDOM 
_refine.pdbx_stereochem_target_val_spec_case     ? 
_refine.pdbx_overall_ESU_R                       0.5180 
_refine.pdbx_overall_ESU_R_Free                  0.3000 
_refine.pdbx_solvent_vdw_probe_radii             1.2000 
_refine.pdbx_solvent_ion_probe_radii             0.8000 
_refine.pdbx_solvent_shrinkage_radii             0.8000 
_refine.pdbx_real_space_R                        ? 
_refine.pdbx_density_correlation                 ? 
_refine.pdbx_pd_number_of_powder_patterns        ? 
_refine.pdbx_pd_number_of_points                 ? 
_refine.pdbx_pd_meas_number_of_points            ? 
_refine.pdbx_pd_proc_ls_prof_R_factor            ? 
_refine.pdbx_pd_proc_ls_prof_wR_factor           ? 
_refine.pdbx_pd_Marquardt_correlation_coeff      ? 
_refine.pdbx_pd_Fsqrd_R_factor                   ? 
_refine.pdbx_pd_ls_matrix_band_width             ? 
_refine.pdbx_overall_phase_error                 ? 
_refine.pdbx_overall_SU_R_free_Cruickshank_DPI   ? 
_refine.pdbx_overall_SU_R_free_Blow_DPI          ? 
_refine.pdbx_overall_SU_R_Blow_DPI               ? 
_refine.pdbx_TLS_residual_ADP_flag               ? 
_refine.pdbx_diffrn_id                           1 
_refine.overall_SU_B                             ? 
_refine.overall_SU_ML                            ? 
_refine.overall_SU_R_Cruickshank_DPI             ? 
_refine.overall_SU_R_free                        ? 
_refine.overall_FOM_free_R_set                   ? 
_refine.overall_FOM_work_R_set                   ? 
_refine.pdbx_average_fsc_overall                 ? 
_refine.pdbx_average_fsc_work                    ? 
_refine.pdbx_average_fsc_free                    ? 
# 
_refine_hist.pdbx_refine_id                   'X-RAY DIFFRACTION' 
_refine_hist.cycle_id                         final 
_refine_hist.details                          ? 
_refine_hist.d_res_high                       2.4000 
_refine_hist.d_res_low                        33.7400 
_refine_hist.number_atoms_solvent             26 
_refine_hist.number_atoms_total               1649 
_refine_hist.number_reflns_all                ? 
_refine_hist.number_reflns_obs                ? 
_refine_hist.number_reflns_R_free             ? 
_refine_hist.number_reflns_R_work             ? 
_refine_hist.R_factor_all                     ? 
_refine_hist.R_factor_obs                     ? 
_refine_hist.R_factor_R_free                  ? 
_refine_hist.R_factor_R_work                  ? 
_refine_hist.pdbx_number_residues_total       201 
_refine_hist.pdbx_B_iso_mean_ligand           47.43 
_refine_hist.pdbx_B_iso_mean_solvent          34.91 
_refine_hist.pdbx_number_atoms_protein        1622 
_refine_hist.pdbx_number_atoms_nucleic_acid   0 
_refine_hist.pdbx_number_atoms_ligand         1 
_refine_hist.pdbx_number_atoms_lipid          ? 
_refine_hist.pdbx_number_atoms_carb           ? 
_refine_hist.pdbx_pseudo_atom_details         ? 
# 
loop_
_refine_ls_restr.pdbx_refine_id 
_refine_ls_restr.criterion 
_refine_ls_restr.dev_ideal 
_refine_ls_restr.dev_ideal_target 
_refine_ls_restr.number 
_refine_ls_restr.rejects 
_refine_ls_restr.type 
_refine_ls_restr.weight 
_refine_ls_restr.pdbx_restraint_function 
'X-RAY DIFFRACTION' ? 0.008  0.013  1657 ? r_bond_refined_d       ? ? 
'X-RAY DIFFRACTION' ? 0.034  0.017  1563 ? r_bond_other_d         ? ? 
'X-RAY DIFFRACTION' ? 1.594  1.647  2250 ? r_angle_refined_deg    ? ? 
'X-RAY DIFFRACTION' ? 2.265  1.585  3624 ? r_angle_other_deg      ? ? 
'X-RAY DIFFRACTION' ? 7.354  5.000  198  ? r_dihedral_angle_1_deg ? ? 
'X-RAY DIFFRACTION' ? 33.710 21.895 95   ? r_dihedral_angle_2_deg ? ? 
'X-RAY DIFFRACTION' ? 19.836 15.000 287  ? r_dihedral_angle_3_deg ? ? 
'X-RAY DIFFRACTION' ? 15.430 15.000 14   ? r_dihedral_angle_4_deg ? ? 
'X-RAY DIFFRACTION' ? 0.069  0.200  218  ? r_chiral_restr         ? ? 
'X-RAY DIFFRACTION' ? 0.006  0.020  1826 ? r_gen_planes_refined   ? ? 
'X-RAY DIFFRACTION' ? 0.008  0.020  348  ? r_gen_planes_other     ? ? 
'X-RAY DIFFRACTION' ? 2.733  3.713  801  ? r_mcbond_it            ? ? 
'X-RAY DIFFRACTION' ? 2.718  3.708  800  ? r_mcbond_other         ? ? 
'X-RAY DIFFRACTION' ? 4.119  5.552  996  ? r_mcangle_it           ? ? 
# 
_refine_ls_shell.pdbx_refine_id                   'X-RAY DIFFRACTION' 
_refine_ls_shell.d_res_high                       2.4000 
_refine_ls_shell.d_res_low                        2.4620 
_refine_ls_shell.number_reflns_all                617 
_refine_ls_shell.number_reflns_obs                ? 
_refine_ls_shell.number_reflns_R_free             29 
_refine_ls_shell.number_reflns_R_work             588 
_refine_ls_shell.percent_reflns_obs               99.8400 
_refine_ls_shell.percent_reflns_R_free            ? 
_refine_ls_shell.R_factor_all                     ? 
_refine_ls_shell.R_factor_obs                     ? 
_refine_ls_shell.R_factor_R_free                  0.3250 
_refine_ls_shell.R_factor_R_free_error            ? 
_refine_ls_shell.R_factor_R_work                  0.2920 
_refine_ls_shell.redundancy_reflns_all            ? 
_refine_ls_shell.redundancy_reflns_obs            ? 
_refine_ls_shell.wR_factor_all                    ? 
_refine_ls_shell.wR_factor_obs                    ? 
_refine_ls_shell.wR_factor_R_free                 ? 
_refine_ls_shell.wR_factor_R_work                 ? 
_refine_ls_shell.pdbx_total_number_of_bins_used   20 
_refine_ls_shell.pdbx_phase_error                 ? 
_refine_ls_shell.pdbx_fsc_work                    ? 
_refine_ls_shell.pdbx_fsc_free                    ? 
# 
_struct.entry_id                     6P0W 
_struct.title                        'LsfA from P. aeruginosa, a 1-Cys Prx in reduced form' 
_struct.pdbx_model_details           ? 
_struct.pdbx_formula_weight          ? 
_struct.pdbx_formula_weight_method   ? 
_struct.pdbx_model_type_details      ? 
_struct.pdbx_CASP_flag               N 
# 
_struct_keywords.entry_id        6P0W 
_struct_keywords.text            'Peroxiredoxin, 1-Cys, Prx6, virulence involvement, thioredoxin fold, OXIDOREDUCTASE' 
_struct_keywords.pdbx_keywords   OXIDOREDUCTASE 
# 
loop_
_struct_asym.id 
_struct_asym.pdbx_blank_PDB_chainid_flag 
_struct_asym.pdbx_modified 
_struct_asym.entity_id 
_struct_asym.details 
A N N 1 ? 
B N N 2 ? 
C N N 3 ? 
# 
loop_
_struct_conf.conf_type_id 
_struct_conf.id 
_struct_conf.pdbx_PDB_helix_id 
_struct_conf.beg_label_comp_id 
_struct_conf.beg_label_asym_id 
_struct_conf.beg_label_seq_id 
_struct_conf.pdbx_beg_PDB_ins_code 
_struct_conf.end_label_comp_id 
_struct_conf.end_label_asym_id 
_struct_conf.end_label_seq_id 
_struct_conf.pdbx_end_PDB_ins_code 
_struct_conf.beg_auth_comp_id 
_struct_conf.beg_auth_asym_id 
_struct_conf.beg_auth_seq_id 
_struct_conf.end_auth_comp_id 
_struct_conf.end_auth_asym_id 
_struct_conf.end_auth_seq_id 
_struct_conf.pdbx_PDB_helix_class 
_struct_conf.details 
_struct_conf.pdbx_PDB_helix_length 
HELX_P HELX_P1 AA1 LEU A 23  ? GLY A 28  ? LEU A 23  GLY A 28  1 ? 6  
HELX_P HELX_P2 AA2 THR A 42  ? LEU A 55  ? THR A 42  LEU A 55  1 ? 14 
HELX_P HELX_P3 AA3 LEU A 55  ? ARG A 62  ? LEU A 55  ARG A 62  1 ? 8  
HELX_P HELX_P4 AA4 PRO A 73  ? ASP A 89  ? PRO A 73  ASP A 89  1 ? 17 
HELX_P HELX_P5 AA5 ARG A 102 ? TYR A 108 ? ARG A 102 TYR A 108 1 ? 7  
HELX_P HELX_P6 AA6 ASN A 146 ? HIS A 163 ? ASN A 146 HIS A 163 1 ? 18 
HELX_P HELX_P7 AA7 ASP A 185 ? PHE A 193 ? ASP A 185 PHE A 193 1 ? 9  
# 
_struct_conf_type.id          HELX_P 
_struct_conf_type.criteria    ? 
_struct_conf_type.reference   ? 
# 
loop_
_struct_sheet.id 
_struct_sheet.type 
_struct_sheet.number_strands 
_struct_sheet.details 
AA1 ? 2 ? 
AA2 ? 5 ? 
AA3 ? 4 ? 
# 
loop_
_struct_sheet_order.sheet_id 
_struct_sheet_order.range_id_1 
_struct_sheet_order.range_id_2 
_struct_sheet_order.offset 
_struct_sheet_order.sense 
AA1 1 2 ? anti-parallel 
AA2 1 2 ? parallel      
AA2 2 3 ? parallel      
AA2 3 4 ? anti-parallel 
AA2 4 5 ? anti-parallel 
AA3 1 2 ? anti-parallel 
AA3 2 3 ? anti-parallel 
AA3 3 4 ? anti-parallel 
# 
loop_
_struct_sheet_range.sheet_id 
_struct_sheet_range.id 
_struct_sheet_range.beg_label_comp_id 
_struct_sheet_range.beg_label_asym_id 
_struct_sheet_range.beg_label_seq_id 
_struct_sheet_range.pdbx_beg_PDB_ins_code 
_struct_sheet_range.end_label_comp_id 
_struct_sheet_range.end_label_asym_id 
_struct_sheet_range.end_label_seq_id 
_struct_sheet_range.pdbx_end_PDB_ins_code 
_struct_sheet_range.beg_auth_comp_id 
_struct_sheet_range.beg_auth_asym_id 
_struct_sheet_range.beg_auth_seq_id 
_struct_sheet_range.end_auth_comp_id 
_struct_sheet_range.end_auth_asym_id 
_struct_sheet_range.end_auth_seq_id 
AA1 1 GLU A 13  ? GLN A 14  ? GLU A 13  GLN A 14  
AA1 2 ILE A 21  ? ARG A 22  ? ILE A 21  ARG A 22  
AA2 1 ILE A 96  ? ALA A 98  ? ILE A 96  ALA A 98  
AA2 2 VAL A 64  ? SER A 70  ? VAL A 64  SER A 70  
AA2 3 TRP A 31  ? SER A 36  ? TRP A 31  SER A 36  
AA2 4 VAL A 121 ? ILE A 127 ? VAL A 121 ILE A 127 
AA2 5 VAL A 133 ? PRO A 140 ? VAL A 133 PRO A 140 
AA3 1 VAL A 165 ? ALA A 166 ? VAL A 165 ALA A 166 
AA3 2 VAL A 177 ? ILE A 179 ? VAL A 177 ILE A 179 
AA3 3 LEU A 204 ? THR A 207 ? LEU A 204 THR A 207 
AA3 4 ARG A 198 ? LYS A 201 ? ARG A 198 LYS A 201 
# 
loop_
_pdbx_struct_sheet_hbond.sheet_id 
_pdbx_struct_sheet_hbond.range_id_1 
_pdbx_struct_sheet_hbond.range_id_2 
_pdbx_struct_sheet_hbond.range_1_label_atom_id 
_pdbx_struct_sheet_hbond.range_1_label_comp_id 
_pdbx_struct_sheet_hbond.range_1_label_asym_id 
_pdbx_struct_sheet_hbond.range_1_label_seq_id 
_pdbx_struct_sheet_hbond.range_1_PDB_ins_code 
_pdbx_struct_sheet_hbond.range_1_auth_atom_id 
_pdbx_struct_sheet_hbond.range_1_auth_comp_id 
_pdbx_struct_sheet_hbond.range_1_auth_asym_id 
_pdbx_struct_sheet_hbond.range_1_auth_seq_id 
_pdbx_struct_sheet_hbond.range_2_label_atom_id 
_pdbx_struct_sheet_hbond.range_2_label_comp_id 
_pdbx_struct_sheet_hbond.range_2_label_asym_id 
_pdbx_struct_sheet_hbond.range_2_label_seq_id 
_pdbx_struct_sheet_hbond.range_2_PDB_ins_code 
_pdbx_struct_sheet_hbond.range_2_auth_atom_id 
_pdbx_struct_sheet_hbond.range_2_auth_comp_id 
_pdbx_struct_sheet_hbond.range_2_auth_asym_id 
_pdbx_struct_sheet_hbond.range_2_auth_seq_id 
AA1 1 2 N GLN A 14  ? N GLN A 14  O ILE A 21  ? O ILE A 21  
AA2 1 2 O ILE A 97  ? O ILE A 97  N ALA A 68  ? N ALA A 68  
AA2 2 3 O LYS A 65  ? O LYS A 65  N TRP A 31  ? N TRP A 31  
AA2 3 4 N GLY A 32  ? N GLY A 32  O ILE A 127 ? O ILE A 127 
AA2 4 5 N ILE A 126 ? N ILE A 126 O ARG A 134 ? O ARG A 134 
AA3 1 2 N ALA A 166 ? N ALA A 166 O VAL A 178 ? O VAL A 178 
AA3 2 3 N ILE A 179 ? N ILE A 179 O ARG A 205 ? O ARG A 205 
AA3 3 4 O LEU A 206 ? O LEU A 206 N ARG A 198 ? N ARG A 198 
# 
_struct_site.id                   AC1 
_struct_site.pdbx_evidence_code   Software 
_struct_site.pdbx_auth_asym_id    A 
_struct_site.pdbx_auth_comp_id    CL 
_struct_site.pdbx_auth_seq_id     301 
_struct_site.pdbx_auth_ins_code   ? 
_struct_site.pdbx_num_residues    3 
_struct_site.details              'binding site for residue CL A 301' 
# 
loop_
_struct_site_gen.id 
_struct_site_gen.site_id 
_struct_site_gen.pdbx_num_res 
_struct_site_gen.label_comp_id 
_struct_site_gen.label_asym_id 
_struct_site_gen.label_seq_id 
_struct_site_gen.pdbx_auth_ins_code 
_struct_site_gen.auth_comp_id 
_struct_site_gen.auth_asym_id 
_struct_site_gen.auth_seq_id 
_struct_site_gen.label_atom_id 
_struct_site_gen.label_alt_id 
_struct_site_gen.symmetry 
_struct_site_gen.details 
1 AC1 3 ALA A 100 ? ALA A 100 . ? 8_665 ? 
2 AC1 3 ASN A 170 ? ASN A 170 . ? 1_555 ? 
3 AC1 3 ASP A 175 ? ASP A 175 . ? 1_555 ? 
# 
_atom_sites.entry_id                    6P0W 
_atom_sites.fract_transf_matrix[1][1]   -0.01138038 
_atom_sites.fract_transf_matrix[1][2]   -0.00758430 
_atom_sites.fract_transf_matrix[1][3]   -0.00303428 
_atom_sites.fract_transf_matrix[2][1]   0.00133833 
_atom_sites.fract_transf_matrix[2][2]   -0.01236896 
_atom_sites.fract_transf_matrix[2][3]   -0.00643970 
_atom_sites.fract_transf_matrix[3][1]   0.00064695 
_atom_sites.fract_transf_matrix[3][2]   -0.00442446 
_atom_sites.fract_transf_matrix[3][3]   0.00863266 
_atom_sites.fract_transf_vector[1]      -0.057746 
_atom_sites.fract_transf_vector[2]      0.440941 
_atom_sites.fract_transf_vector[3]      -0.021234 
# 
loop_
_atom_type.symbol 
C  
CL 
N  
O  
S  
# 
loop_
_atom_site.group_PDB 
_atom_site.id 
_atom_site.type_symbol 
_atom_site.label_atom_id 
_atom_site.label_alt_id 
_atom_site.label_comp_id 
_atom_site.label_asym_id 
_atom_site.label_entity_id 
_atom_site.label_seq_id 
_atom_site.pdbx_PDB_ins_code 
_atom_site.Cartn_x 
_atom_site.Cartn_y 
_atom_site.Cartn_z 
_atom_site.occupancy 
_atom_site.B_iso_or_equiv 
_atom_site.pdbx_formal_charge 
_atom_site.auth_seq_id 
_atom_site.auth_comp_id 
_atom_site.auth_asym_id 
_atom_site.auth_atom_id 
_atom_site.pdbx_PDB_model_num 
ATOM   1    N  N   . MET A 1 1   ? 15.455  4.534   9.160   1.00 58.83 ? 1   MET A N   1 
ATOM   2    C  CA  . MET A 1 1   ? 15.565  6.017   9.311   1.00 64.05 ? 1   MET A CA  1 
ATOM   3    C  C   . MET A 1 1   ? 14.262  6.676   8.835   1.00 69.10 ? 1   MET A C   1 
ATOM   4    O  O   . MET A 1 1   ? 14.011  7.856   9.215   1.00 75.31 ? 1   MET A O   1 
ATOM   5    C  CB  . MET A 1 1   ? 16.746  6.568   8.497   1.00 67.57 ? 1   MET A CB  1 
ATOM   6    C  CG  . MET A 1 1   ? 17.157  7.975   8.907   1.00 67.66 ? 1   MET A CG  1 
ATOM   7    S  SD  . MET A 1 1   ? 18.742  7.991   9.810   1.00 81.69 ? 1   MET A SD  1 
ATOM   8    C  CE  . MET A 1 1   ? 18.226  8.764   11.342  1.00 70.03 ? 1   MET A CE  1 
ATOM   9    N  N   . LEU A 1 3   ? 13.730  5.916   7.293   1.00 49.53 ? 3   LEU A N   1 
ATOM   10   C  CA  . LEU A 1 3   ? 12.456  6.409   6.728   1.00 46.90 ? 3   LEU A CA  1 
ATOM   11   C  C   . LEU A 1 3   ? 11.299  5.959   7.631   1.00 47.45 ? 3   LEU A C   1 
ATOM   12   O  O   . LEU A 1 3   ? 11.305  4.804   8.085   1.00 40.78 ? 3   LEU A O   1 
ATOM   13   C  CB  . LEU A 1 3   ? 12.388  5.805   5.329   1.00 49.28 ? 3   LEU A CB  1 
ATOM   14   C  CG  . LEU A 1 3   ? 11.422  6.456   4.353   1.00 49.63 ? 3   LEU A CG  1 
ATOM   15   C  CD1 . LEU A 1 3   ? 11.690  7.949   4.200   1.00 47.13 ? 3   LEU A CD1 1 
ATOM   16   C  CD2 . LEU A 1 3   ? 11.541  5.737   3.023   1.00 49.73 ? 3   LEU A CD2 1 
ATOM   17   N  N   . ARG A 1 4   ? 10.350  6.828   7.953   1.00 47.91 ? 4   ARG A N   1 
ATOM   18   C  CA  . ARG A 1 4   ? 9.298   6.406   8.908   1.00 49.68 ? 4   ARG A CA  1 
ATOM   19   C  C   . ARG A 1 4   ? 7.921   6.960   8.536   1.00 47.23 ? 4   ARG A C   1 
ATOM   20   O  O   . ARG A 1 4   ? 7.781   7.822   7.648   1.00 52.98 ? 4   ARG A O   1 
ATOM   21   C  CB  . ARG A 1 4   ? 9.693   6.742   10.351  1.00 57.33 ? 4   ARG A CB  1 
ATOM   22   C  CG  . ARG A 1 4   ? 9.996   8.209   10.614  1.00 69.57 ? 4   ARG A CG  1 
ATOM   23   C  CD  . ARG A 1 4   ? 11.072  8.453   11.667  1.00 77.14 ? 4   ARG A CD  1 
ATOM   24   N  NE  . ARG A 1 4   ? 12.318  8.969   11.092  1.00 87.13 ? 4   ARG A NE  1 
ATOM   25   C  CZ  . ARG A 1 4   ? 12.520  10.221  10.660  1.00 88.77 ? 4   ARG A CZ  1 
ATOM   26   N  NH1 . ARG A 1 4   ? 13.696  10.556  10.151  1.00 84.86 ? 4   ARG A NH1 1 
ATOM   27   N  NH2 . ARG A 1 4   ? 11.558  11.131  10.727  1.00 84.52 ? 4   ARG A NH2 1 
ATOM   28   N  N   . LEU A 1 5   ? 6.930   6.394   9.205   1.00 45.13 ? 5   LEU A N   1 
ATOM   29   C  CA  . LEU A 1 5   ? 5.482   6.678   9.072   1.00 43.22 ? 5   LEU A CA  1 
ATOM   30   C  C   . LEU A 1 5   ? 5.228   8.166   9.277   1.00 43.21 ? 5   LEU A C   1 
ATOM   31   O  O   . LEU A 1 5   ? 5.673   8.710   10.306  1.00 43.46 ? 5   LEU A O   1 
ATOM   32   C  CB  . LEU A 1 5   ? 4.743   5.860   10.133  1.00 46.10 ? 5   LEU A CB  1 
ATOM   33   C  CG  . LEU A 1 5   ? 3.912   4.691   9.612   1.00 48.97 ? 5   LEU A CG  1 
ATOM   34   C  CD1 . LEU A 1 5   ? 4.690   3.848   8.613   1.00 53.11 ? 5   LEU A CD1 1 
ATOM   35   C  CD2 . LEU A 1 5   ? 3.434   3.827   10.757  1.00 47.95 ? 5   LEU A CD2 1 
ATOM   36   N  N   . GLY A 1 6   ? 4.537   8.799   8.330   1.00 41.98 ? 6   GLY A N   1 
ATOM   37   C  CA  . GLY A 1 6   ? 4.294   10.249  8.362   1.00 36.13 ? 6   GLY A CA  1 
ATOM   38   C  C   . GLY A 1 6   ? 5.353   11.021  7.598   1.00 35.75 ? 6   GLY A C   1 
ATOM   39   O  O   . GLY A 1 6   ? 5.076   12.173  7.253   1.00 33.29 ? 6   GLY A O   1 
ATOM   40   N  N   . ASP A 1 7   ? 6.529   10.441  7.333   1.00 35.26 ? 7   ASP A N   1 
ATOM   41   C  CA  . ASP A 1 7   ? 7.538   11.085  6.452   1.00 36.09 ? 7   ASP A CA  1 
ATOM   42   C  C   . ASP A 1 7   ? 6.952   11.107  5.033   1.00 34.89 ? 7   ASP A C   1 
ATOM   43   O  O   . ASP A 1 7   ? 6.014   10.355  4.746   1.00 37.84 ? 7   ASP A O   1 
ATOM   44   C  CB  . ASP A 1 7   ? 8.911   10.401  6.504   1.00 38.30 ? 7   ASP A CB  1 
ATOM   45   C  CG  . ASP A 1 7   ? 9.657   10.525  7.836   1.00 44.82 ? 7   ASP A CG  1 
ATOM   46   O  OD1 . ASP A 1 7   ? 9.240   11.349  8.691   1.00 43.40 ? 7   ASP A OD1 1 
ATOM   47   O  OD2 . ASP A 1 7   ? 10.664  9.782   8.024   1.00 46.61 ? 7   ASP A OD2 1 
ATOM   48   N  N   . ILE A 1 8   ? 7.466   11.975  4.179   1.00 32.49 ? 8   ILE A N   1 
ATOM   49   C  CA  . ILE A 1 8   ? 7.117   12.002  2.737   1.00 31.93 ? 8   ILE A CA  1 
ATOM   50   C  C   . ILE A 1 8   ? 7.894   10.873  2.066   1.00 32.42 ? 8   ILE A C   1 
ATOM   51   O  O   . ILE A 1 8   ? 9.083   10.663  2.432   1.00 32.29 ? 8   ILE A O   1 
ATOM   52   C  CB  . ILE A 1 8   ? 7.431   13.391  2.162   1.00 34.77 ? 8   ILE A CB  1 
ATOM   53   C  CG1 . ILE A 1 8   ? 6.335   14.380  2.576   1.00 35.06 ? 8   ILE A CG1 1 
ATOM   54   C  CG2 . ILE A 1 8   ? 7.635   13.328  0.651   1.00 33.46 ? 8   ILE A CG2 1 
ATOM   55   C  CD1 . ILE A 1 8   ? 6.789   15.803  2.664   1.00 35.90 ? 8   ILE A CD1 1 
ATOM   56   N  N   . ALA A 1 9   ? 7.233   10.117  1.187   1.00 30.15 ? 9   ALA A N   1 
ATOM   57   C  CA  . ALA A 1 9   ? 7.884   9.069   0.382   1.00 28.29 ? 9   ALA A CA  1 
ATOM   58   C  C   . ALA A 1 9   ? 8.743   9.829   -0.615  1.00 30.70 ? 9   ALA A C   1 
ATOM   59   O  O   . ALA A 1 9   ? 8.202   10.622  -1.385  1.00 31.84 ? 9   ALA A O   1 
ATOM   60   C  CB  . ALA A 1 9   ? 6.871   8.175   -0.290  1.00 27.26 ? 9   ALA A CB  1 
ATOM   61   N  N   . PRO A 1 10  ? 10.089  9.692   -0.554  1.00 31.07 ? 10  PRO A N   1 
ATOM   62   C  CA  . PRO A 1 10  ? 10.988  10.413  -1.454  1.00 31.63 ? 10  PRO A CA  1 
ATOM   63   C  C   . PRO A 1 10  ? 10.664  10.170  -2.941  1.00 34.29 ? 10  PRO A C   1 
ATOM   64   O  O   . PRO A 1 10  ? 10.398  9.025   -3.342  1.00 33.77 ? 10  PRO A O   1 
ATOM   65   C  CB  . PRO A 1 10  ? 12.393  9.883   -1.119  1.00 33.37 ? 10  PRO A CB  1 
ATOM   66   C  CG  . PRO A 1 10  ? 12.271  9.234   0.254   1.00 32.19 ? 10  PRO A CG  1 
ATOM   67   C  CD  . PRO A 1 10  ? 10.813  8.841   0.409   1.00 31.98 ? 10  PRO A CD  1 
ATOM   68   N  N   . ASP A 1 11  ? 10.662  11.252  -3.731  1.00 33.64 ? 11  ASP A N   1 
ATOM   69   C  CA  . ASP A 1 11  ? 10.490  11.200  -5.208  1.00 33.18 ? 11  ASP A CA  1 
ATOM   70   C  C   . ASP A 1 11  ? 11.764  10.630  -5.837  1.00 32.93 ? 11  ASP A C   1 
ATOM   71   O  O   . ASP A 1 11  ? 12.819  10.613  -5.189  1.00 32.35 ? 11  ASP A O   1 
ATOM   72   C  CB  . ASP A 1 11  ? 10.142  12.566  -5.808  1.00 32.92 ? 11  ASP A CB  1 
ATOM   73   C  CG  . ASP A 1 11  ? 9.461   12.520  -7.176  1.00 36.83 ? 11  ASP A CG  1 
ATOM   74   O  OD1 . ASP A 1 11  ? 8.894   11.456  -7.549  1.00 37.65 ? 11  ASP A OD1 1 
ATOM   75   O  OD2 . ASP A 1 11  ? 9.470   13.554  -7.859  1.00 37.84 ? 11  ASP A OD2 1 
ATOM   76   N  N   . PHE A 1 12  ? 11.643  10.155  -7.067  1.00 32.51 ? 12  PHE A N   1 
ATOM   77   C  CA  . PHE A 1 12  ? 12.754  9.596   -7.869  1.00 33.10 ? 12  PHE A CA  1 
ATOM   78   C  C   . PHE A 1 12  ? 12.246  9.501   -9.313  1.00 33.89 ? 12  PHE A C   1 
ATOM   79   O  O   . PHE A 1 12  ? 11.013  9.414   -9.531  1.00 32.64 ? 12  PHE A O   1 
ATOM   80   C  CB  . PHE A 1 12  ? 13.203  8.234   -7.314  1.00 32.61 ? 12  PHE A CB  1 
ATOM   81   C  CG  . PHE A 1 12  ? 12.139  7.161   -7.363  1.00 30.45 ? 12  PHE A CG  1 
ATOM   82   C  CD1 . PHE A 1 12  ? 11.798  6.549   -8.557  1.00 28.67 ? 12  PHE A CD1 1 
ATOM   83   C  CD2 . PHE A 1 12  ? 11.456  6.782   -6.219  1.00 32.60 ? 12  PHE A CD2 1 
ATOM   84   C  CE1 . PHE A 1 12  ? 10.798  5.592   -8.608  1.00 29.07 ? 12  PHE A CE1 1 
ATOM   85   C  CE2 . PHE A 1 12  ? 10.452  5.825   -6.269  1.00 30.82 ? 12  PHE A CE2 1 
ATOM   86   C  CZ  . PHE A 1 12  ? 10.120  5.235   -7.469  1.00 30.44 ? 12  PHE A CZ  1 
ATOM   87   N  N   . GLU A 1 13  ? 13.172  9.538   -10.260 1.00 35.41 ? 13  GLU A N   1 
ATOM   88   C  CA  . GLU A 1 13  ? 12.943  9.203   -11.677 1.00 35.43 ? 13  GLU A CA  1 
ATOM   89   C  C   . GLU A 1 13  ? 13.783  7.955   -11.931 1.00 34.83 ? 13  GLU A C   1 
ATOM   90   O  O   . GLU A 1 13  ? 14.963  7.925   -11.504 1.00 35.36 ? 13  GLU A O   1 
ATOM   91   C  CB  . GLU A 1 13  ? 13.350  10.391  -12.542 1.00 40.25 ? 13  GLU A CB  1 
ATOM   92   C  CG  . GLU A 1 13  ? 12.936  10.246  -13.996 1.00 50.65 ? 13  GLU A CG  1 
ATOM   93   C  CD  . GLU A 1 13  ? 13.691  11.077  -15.037 1.00 60.20 ? 13  GLU A CD  1 
ATOM   94   O  OE1 . GLU A 1 13  ? 14.244  12.149  -14.687 1.00 68.14 ? 13  GLU A OE1 1 
ATOM   95   O  OE2 . GLU A 1 13  ? 13.703  10.669  -16.219 1.00 74.89 ? 13  GLU A OE2 1 
ATOM   96   N  N   . GLN A 1 14  ? 13.230  6.934   -12.560 1.00 34.16 ? 14  GLN A N   1 
ATOM   97   C  CA  . GLN A 1 14  ? 13.998  5.675   -12.719 1.00 37.67 ? 14  GLN A CA  1 
ATOM   98   C  C   . GLN A 1 14  ? 13.351  4.839   -13.813 1.00 32.46 ? 14  GLN A C   1 
ATOM   99   O  O   . GLN A 1 14  ? 12.160  4.958   -13.967 1.00 32.43 ? 14  GLN A O   1 
ATOM   100  C  CB  . GLN A 1 14  ? 14.037  4.944   -11.369 1.00 39.18 ? 14  GLN A CB  1 
ATOM   101  C  CG  . GLN A 1 14  ? 15.040  3.804   -11.295 1.00 42.57 ? 14  GLN A CG  1 
ATOM   102  C  CD  . GLN A 1 14  ? 16.472  4.270   -11.235 1.00 45.21 ? 14  GLN A CD  1 
ATOM   103  O  OE1 . GLN A 1 14  ? 17.115  4.460   -12.263 1.00 47.10 ? 14  GLN A OE1 1 
ATOM   104  N  NE2 . GLN A 1 14  ? 16.988  4.420   -10.024 1.00 44.33 ? 14  GLN A NE2 1 
ATOM   105  N  N   . ASP A 1 15  ? 14.131  4.019   -14.508 1.00 35.11 ? 15  ASP A N   1 
ATOM   106  C  CA  . ASP A 1 15  ? 13.654  3.138   -15.597 1.00 36.47 ? 15  ASP A CA  1 
ATOM   107  C  C   . ASP A 1 15  ? 12.819  2.017   -14.992 1.00 34.04 ? 15  ASP A C   1 
ATOM   108  O  O   . ASP A 1 15  ? 13.096  1.648   -13.841 1.00 32.65 ? 15  ASP A O   1 
ATOM   109  C  CB  . ASP A 1 15  ? 14.818  2.525   -16.366 1.00 44.80 ? 15  ASP A CB  1 
ATOM   110  C  CG  . ASP A 1 15  ? 15.623  3.584   -17.070 1.00 52.01 ? 15  ASP A CG  1 
ATOM   111  O  OD1 . ASP A 1 15  ? 14.968  4.422   -17.742 1.00 62.47 ? 15  ASP A OD1 1 
ATOM   112  O  OD2 . ASP A 1 15  ? 16.882  3.588   -16.905 1.00 56.08 ? 15  ASP A OD2 1 
ATOM   113  N  N   . SER A 1 16  ? 11.847  1.519   -15.763 1.00 32.09 ? 16  SER A N   1 
ATOM   114  C  CA  . SER A 1 16  ? 10.882  0.461   -15.374 1.00 30.32 ? 16  SER A CA  1 
ATOM   115  C  C   . SER A 1 16  ? 10.502  -0.343  -16.610 1.00 28.55 ? 16  SER A C   1 
ATOM   116  O  O   . SER A 1 16  ? 10.662  0.170   -17.701 1.00 26.30 ? 16  SER A O   1 
ATOM   117  C  CB  . SER A 1 16  ? 9.662   1.033   -14.666 1.00 31.23 ? 16  SER A CB  1 
ATOM   118  O  OG  . SER A 1 16  ? 8.611   1.411   -15.554 1.00 29.12 ? 16  SER A OG  1 
ATOM   119  N  N   . SER A 1 17  ? 9.969   -1.540  -16.419 1.00 28.69 ? 17  SER A N   1 
ATOM   120  C  CA  . SER A 1 17  ? 9.428   -2.401  -17.498 1.00 29.34 ? 17  SER A CA  1 
ATOM   121  C  C   . SER A 1 17  ? 8.294   -1.710  -18.265 1.00 29.82 ? 17  SER A C   1 
ATOM   122  O  O   . SER A 1 17  ? 7.832   -2.311  -19.239 1.00 28.89 ? 17  SER A O   1 
ATOM   123  C  CB  . SER A 1 17  ? 8.937   -3.681  -16.913 1.00 30.93 ? 17  SER A CB  1 
ATOM   124  O  OG  . SER A 1 17  ? 8.153   -3.404  -15.766 1.00 31.83 ? 17  SER A OG  1 
ATOM   125  N  N   . GLU A 1 18  ? 7.820   -0.543  -17.813 1.00 29.87 ? 18  GLU A N   1 
ATOM   126  C  CA  . GLU A 1 18  ? 6.758   0.263   -18.485 1.00 30.99 ? 18  GLU A CA  1 
ATOM   127  C  C   . GLU A 1 18  ? 7.294   1.643   -18.874 1.00 33.47 ? 18  GLU A C   1 
ATOM   128  O  O   . GLU A 1 18  ? 6.466   2.475   -19.260 1.00 33.50 ? 18  GLU A O   1 
ATOM   129  C  CB  . GLU A 1 18  ? 5.544   0.487   -17.586 1.00 31.99 ? 18  GLU A CB  1 
ATOM   130  C  CG  . GLU A 1 18  ? 4.795   -0.789  -17.269 1.00 35.59 ? 18  GLU A CG  1 
ATOM   131  C  CD  . GLU A 1 18  ? 3.312   -0.636  -16.976 1.00 39.56 ? 18  GLU A CD  1 
ATOM   132  O  OE1 . GLU A 1 18  ? 2.845   0.515   -16.848 1.00 46.48 ? 18  GLU A OE1 1 
ATOM   133  O  OE2 . GLU A 1 18  ? 2.622   -1.673  -16.911 1.00 43.17 ? 18  GLU A OE2 1 
ATOM   134  N  N   . GLY A 1 19  ? 8.617   1.865   -18.806 1.00 32.63 ? 19  GLY A N   1 
ATOM   135  C  CA  . GLY A 1 19  ? 9.242   3.168   -19.074 1.00 32.94 ? 19  GLY A CA  1 
ATOM   136  C  C   . GLY A 1 19  ? 9.663   3.912   -17.809 1.00 35.73 ? 19  GLY A C   1 
ATOM   137  O  O   . GLY A 1 19  ? 9.560   3.362   -16.655 1.00 30.93 ? 19  GLY A O   1 
ATOM   138  N  N   . ARG A 1 20  ? 10.140  5.139   -18.015 1.00 37.69 ? 20  ARG A N   1 
ATOM   139  C  CA  . ARG A 1 20  ? 10.577  6.033   -16.921 1.00 44.17 ? 20  ARG A CA  1 
ATOM   140  C  C   . ARG A 1 20  ? 9.374   6.394   -16.056 1.00 44.21 ? 20  ARG A C   1 
ATOM   141  O  O   . ARG A 1 20  ? 8.336   6.749   -16.603 1.00 40.97 ? 20  ARG A O   1 
ATOM   142  C  CB  . ARG A 1 20  ? 11.315  7.264   -17.446 1.00 47.18 ? 20  ARG A CB  1 
ATOM   143  C  CG  . ARG A 1 20  ? 12.816  7.015   -17.514 1.00 55.38 ? 20  ARG A CG  1 
ATOM   144  C  CD  . ARG A 1 20  ? 13.635  8.252   -17.214 1.00 62.22 ? 20  ARG A CD  1 
ATOM   145  N  NE  . ARG A 1 20  ? 14.676  8.014   -16.216 1.00 63.83 ? 20  ARG A NE  1 
ATOM   146  C  CZ  . ARG A 1 20  ? 15.783  7.309   -16.433 1.00 69.14 ? 20  ARG A CZ  1 
ATOM   147  N  NH1 . ARG A 1 20  ? 16.666  7.141   -15.458 1.00 66.40 ? 20  ARG A NH1 1 
ATOM   148  N  NH2 . ARG A 1 20  ? 15.996  6.766   -17.624 1.00 68.35 ? 20  ARG A NH2 1 
ATOM   149  N  N   . ILE A 1 21  ? 9.565   6.256   -14.746 1.00 42.36 ? 21  ILE A N   1 
ATOM   150  C  CA  . ILE A 1 21  ? 8.595   6.568   -13.673 1.00 39.66 ? 21  ILE A CA  1 
ATOM   151  C  C   . ILE A 1 21  ? 9.155   7.747   -12.874 1.00 41.18 ? 21  ILE A C   1 
ATOM   152  O  O   . ILE A 1 21  ? 10.263  7.604   -12.332 1.00 40.62 ? 21  ILE A O   1 
ATOM   153  C  CB  . ILE A 1 21  ? 8.437   5.331   -12.785 1.00 41.58 ? 21  ILE A CB  1 
ATOM   154  C  CG1 . ILE A 1 21  ? 8.007   4.087   -13.567 1.00 44.02 ? 21  ILE A CG1 1 
ATOM   155  C  CG2 . ILE A 1 21  ? 7.499   5.653   -11.643 1.00 43.53 ? 21  ILE A CG2 1 
ATOM   156  C  CD1 . ILE A 1 21  ? 6.611   4.164   -14.130 1.00 44.66 ? 21  ILE A CD1 1 
ATOM   157  N  N   . ARG A 1 22  ? 8.451   8.877   -12.843 1.00 43.10 ? 22  ARG A N   1 
ATOM   158  C  CA  . ARG A 1 22  ? 8.667   9.958   -11.840 1.00 42.80 ? 22  ARG A CA  1 
ATOM   159  C  C   . ARG A 1 22  ? 7.606   9.755   -10.772 1.00 39.81 ? 22  ARG A C   1 
ATOM   160  O  O   . ARG A 1 22  ? 6.435   10.085  -11.045 1.00 38.45 ? 22  ARG A O   1 
ATOM   161  C  CB  . ARG A 1 22  ? 8.497   11.363  -12.414 1.00 47.43 ? 22  ARG A CB  1 
ATOM   162  C  CG  . ARG A 1 22  ? 9.570   11.777  -13.410 1.00 57.79 ? 22  ARG A CG  1 
ATOM   163  C  CD  . ARG A 1 22  ? 9.000   12.121  -14.790 1.00 67.02 ? 22  ARG A CD  1 
ATOM   164  N  NE  . ARG A 1 22  ? 9.546   13.329  -15.406 1.00 74.14 ? 22  ARG A NE  1 
ATOM   165  C  CZ  . ARG A 1 22  ? 10.589  13.383  -16.242 1.00 81.18 ? 22  ARG A CZ  1 
ATOM   166  N  NH1 . ARG A 1 22  ? 10.969  14.553  -16.734 1.00 80.40 ? 22  ARG A NH1 1 
ATOM   167  N  NH2 . ARG A 1 22  ? 11.244  12.283  -16.584 1.00 79.81 ? 22  ARG A NH2 1 
ATOM   168  N  N   . LEU A 1 23  ? 7.993   9.182   -9.636  1.00 36.78 ? 23  LEU A N   1 
ATOM   169  C  CA  . LEU A 1 23  ? 7.035   8.605   -8.660  1.00 36.30 ? 23  LEU A CA  1 
ATOM   170  C  C   . LEU A 1 23  ? 5.857   9.557   -8.398  1.00 36.21 ? 23  LEU A C   1 
ATOM   171  O  O   . LEU A 1 23  ? 4.716   9.127   -8.616  1.00 40.26 ? 23  LEU A O   1 
ATOM   172  C  CB  . LEU A 1 23  ? 7.749   8.269   -7.351  1.00 35.56 ? 23  LEU A CB  1 
ATOM   173  C  CG  . LEU A 1 23  ? 6.829   7.661   -6.296  1.00 34.92 ? 23  LEU A CG  1 
ATOM   174  C  CD1 . LEU A 1 23  ? 6.470   6.238   -6.676  1.00 34.03 ? 23  LEU A CD1 1 
ATOM   175  C  CD2 . LEU A 1 23  ? 7.463   7.699   -4.918  1.00 37.36 ? 23  LEU A CD2 1 
ATOM   176  N  N   . HIS A 1 24  ? 6.107   10.773  -7.902  1.00 34.47 ? 24  HIS A N   1 
ATOM   177  C  CA  . HIS A 1 24  ? 5.053   11.707  -7.422  1.00 34.31 ? 24  HIS A CA  1 
ATOM   178  C  C   . HIS A 1 24  ? 4.086   12.077  -8.559  1.00 36.30 ? 24  HIS A C   1 
ATOM   179  O  O   . HIS A 1 24  ? 2.847   11.997  -8.350  1.00 32.24 ? 24  HIS A O   1 
ATOM   180  C  CB  . HIS A 1 24  ? 5.726   12.923  -6.792  1.00 35.69 ? 24  HIS A CB  1 
ATOM   181  C  CG  . HIS A 1 24  ? 6.356   12.636  -5.469  1.00 35.97 ? 24  HIS A CG  1 
ATOM   182  N  ND1 . HIS A 1 24  ? 6.817   13.640  -4.654  1.00 33.63 ? 24  HIS A ND1 1 
ATOM   183  C  CD2 . HIS A 1 24  ? 6.568   11.476  -4.808  1.00 34.99 ? 24  HIS A CD2 1 
ATOM   184  C  CE1 . HIS A 1 24  ? 7.301   13.115  -3.544  1.00 37.26 ? 24  HIS A CE1 1 
ATOM   185  N  NE2 . HIS A 1 24  ? 7.154   11.784  -3.612  1.00 35.05 ? 24  HIS A NE2 1 
ATOM   186  N  N   . GLU A 1 25  ? 4.636   12.451  -9.721  1.00 36.35 ? 25  GLU A N   1 
ATOM   187  C  CA  . GLU A 1 25  ? 3.886   12.650  -10.991 1.00 39.44 ? 25  GLU A CA  1 
ATOM   188  C  C   . GLU A 1 25  ? 3.081   11.389  -11.323 1.00 38.22 ? 25  GLU A C   1 
ATOM   189  O  O   . GLU A 1 25  ? 1.874   11.485  -11.518 1.00 38.73 ? 25  GLU A O   1 
ATOM   190  C  CB  . GLU A 1 25  ? 4.849   12.900  -12.149 1.00 46.64 ? 25  GLU A CB  1 
ATOM   191  C  CG  . GLU A 1 25  ? 4.824   14.304  -12.726 1.00 52.71 ? 25  GLU A CG  1 
ATOM   192  C  CD  . GLU A 1 25  ? 5.633   14.453  -14.016 1.00 57.52 ? 25  GLU A CD  1 
ATOM   193  O  OE1 . GLU A 1 25  ? 6.521   15.337  -14.063 1.00 60.70 ? 25  GLU A OE1 1 
ATOM   194  O  OE2 . GLU A 1 25  ? 5.382   13.681  -14.976 1.00 53.02 ? 25  GLU A OE2 1 
ATOM   195  N  N   . TRP A 1 26  ? 3.744   10.237  -11.384 1.00 38.36 ? 26  TRP A N   1 
ATOM   196  C  CA  . TRP A 1 26  ? 3.151   8.955   -11.842 1.00 35.41 ? 26  TRP A CA  1 
ATOM   197  C  C   . TRP A 1 26  ? 1.973   8.561   -10.941 1.00 37.16 ? 26  TRP A C   1 
ATOM   198  O  O   . TRP A 1 26  ? 0.942   8.164   -11.484 1.00 40.23 ? 26  TRP A O   1 
ATOM   199  C  CB  . TRP A 1 26  ? 4.229   7.872   -11.901 1.00 33.61 ? 26  TRP A CB  1 
ATOM   200  C  CG  . TRP A 1 26  ? 3.723   6.576   -12.443 1.00 32.00 ? 26  TRP A CG  1 
ATOM   201  C  CD1 . TRP A 1 26  ? 3.605   6.217   -13.753 1.00 32.65 ? 26  TRP A CD1 1 
ATOM   202  C  CD2 . TRP A 1 26  ? 3.272   5.455   -11.678 1.00 32.66 ? 26  TRP A CD2 1 
ATOM   203  N  NE1 . TRP A 1 26  ? 3.107   4.948   -13.856 1.00 32.53 ? 26  TRP A NE1 1 
ATOM   204  C  CE2 . TRP A 1 26  ? 2.883   4.460   -12.598 1.00 34.36 ? 26  TRP A CE2 1 
ATOM   205  C  CE3 . TRP A 1 26  ? 3.153   5.195   -10.314 1.00 37.22 ? 26  TRP A CE3 1 
ATOM   206  C  CZ2 . TRP A 1 26  ? 2.377   3.229   -12.188 1.00 36.57 ? 26  TRP A CZ2 1 
ATOM   207  C  CZ3 . TRP A 1 26  ? 2.660   3.972   -9.906  1.00 39.64 ? 26  TRP A CZ3 1 
ATOM   208  C  CH2 . TRP A 1 26  ? 2.291   2.998   -10.834 1.00 37.39 ? 26  TRP A CH2 1 
ATOM   209  N  N   . LEU A 1 27  ? 2.114   8.686   -9.619  1.00 35.49 ? 27  LEU A N   1 
ATOM   210  C  CA  . LEU A 1 27  ? 1.010   8.479   -8.630  1.00 34.89 ? 27  LEU A CA  1 
ATOM   211  C  C   . LEU A 1 27  ? -0.094  9.525   -8.826  1.00 36.84 ? 27  LEU A C   1 
ATOM   212  O  O   . LEU A 1 27  ? -1.272  9.155   -8.744  1.00 31.55 ? 27  LEU A O   1 
ATOM   213  C  CB  . LEU A 1 27  ? 1.548   8.601   -7.200  1.00 35.93 ? 27  LEU A CB  1 
ATOM   214  C  CG  . LEU A 1 27  ? 2.378   7.436   -6.664  1.00 34.72 ? 27  LEU A CG  1 
ATOM   215  C  CD1 . LEU A 1 27  ? 3.017   7.833   -5.337  1.00 34.21 ? 27  LEU A CD1 1 
ATOM   216  C  CD2 . LEU A 1 27  ? 1.521   6.188   -6.519  1.00 35.02 ? 27  LEU A CD2 1 
ATOM   217  N  N   . GLY A 1 28  ? 0.296   10.793  -8.997  1.00 40.01 ? 28  GLY A N   1 
ATOM   218  C  CA  . GLY A 1 28  ? -0.626  11.928  -9.160  1.00 40.93 ? 28  GLY A CA  1 
ATOM   219  C  C   . GLY A 1 28  ? -1.550  12.047  -7.974  1.00 41.83 ? 28  GLY A C   1 
ATOM   220  O  O   . GLY A 1 28  ? -1.091  12.523  -6.935  1.00 47.79 ? 28  GLY A O   1 
ATOM   221  N  N   . ASP A 1 29  ? -2.795  11.605  -8.132  1.00 43.99 ? 29  ASP A N   1 
ATOM   222  C  CA  . ASP A 1 29  ? -3.897  11.801  -7.153  1.00 47.25 ? 29  ASP A CA  1 
ATOM   223  C  C   . ASP A 1 29  ? -4.067  10.561  -6.276  1.00 42.55 ? 29  ASP A C   1 
ATOM   224  O  O   . ASP A 1 29  ? -4.652  10.695  -5.184  1.00 40.51 ? 29  ASP A O   1 
ATOM   225  C  CB  . ASP A 1 29  ? -5.243  12.036  -7.851  1.00 52.18 ? 29  ASP A CB  1 
ATOM   226  C  CG  . ASP A 1 29  ? -5.575  13.501  -8.039  1.00 59.59 ? 29  ASP A CG  1 
ATOM   227  O  OD1 . ASP A 1 29  ? -4.689  14.344  -7.766  1.00 60.83 ? 29  ASP A OD1 1 
ATOM   228  O  OD2 . ASP A 1 29  ? -6.719  13.782  -8.446  1.00 72.59 ? 29  ASP A OD2 1 
ATOM   229  N  N   . SER A 1 30  ? -3.653  9.388   -6.754  1.00 39.08 ? 30  SER A N   1 
ATOM   230  C  CA  . SER A 1 30  ? -4.062  8.104   -6.125  1.00 39.41 ? 30  SER A CA  1 
ATOM   231  C  C   . SER A 1 30  ? -3.107  7.700   -4.999  1.00 36.02 ? 30  SER A C   1 
ATOM   232  O  O   . SER A 1 30  ? -2.023  8.326   -4.785  1.00 32.00 ? 30  SER A O   1 
ATOM   233  C  CB  . SER A 1 30  ? -4.227  7.006   -7.150  1.00 41.49 ? 30  SER A CB  1 
ATOM   234  O  OG  . SER A 1 30  ? -3.418  7.238   -8.278  1.00 39.80 ? 30  SER A OG  1 
ATOM   235  N  N   . TRP A 1 31  ? -3.528  6.682   -4.266  1.00 34.44 ? 31  TRP A N   1 
ATOM   236  C  CA  . TRP A 1 31  ? -2.666  6.012   -3.272  1.00 32.51 ? 31  TRP A CA  1 
ATOM   237  C  C   . TRP A 1 31  ? -1.644  5.168   -4.027  1.00 30.48 ? 31  TRP A C   1 
ATOM   238  O  O   . TRP A 1 31  ? -1.904  4.813   -5.188  1.00 30.50 ? 31  TRP A O   1 
ATOM   239  C  CB  . TRP A 1 31  ? -3.506  5.176   -2.319  1.00 32.93 ? 31  TRP A CB  1 
ATOM   240  C  CG  . TRP A 1 31  ? -4.274  6.000   -1.346  1.00 32.28 ? 31  TRP A CG  1 
ATOM   241  C  CD1 . TRP A 1 31  ? -5.322  6.831   -1.607  1.00 32.20 ? 31  TRP A CD1 1 
ATOM   242  C  CD2 . TRP A 1 31  ? -4.062  6.047   0.070   1.00 33.17 ? 31  TRP A CD2 1 
ATOM   243  N  NE1 . TRP A 1 31  ? -5.765  7.398   -0.449  1.00 33.39 ? 31  TRP A NE1 1 
ATOM   244  C  CE2 . TRP A 1 31  ? -5.013  6.941   0.595   1.00 32.28 ? 31  TRP A CE2 1 
ATOM   245  C  CE3 . TRP A 1 31  ? -3.138  5.452   0.931   1.00 32.96 ? 31  TRP A CE3 1 
ATOM   246  C  CZ2 . TRP A 1 31  ? -5.078  7.239   1.950   1.00 32.12 ? 31  TRP A CZ2 1 
ATOM   247  C  CZ3 . TRP A 1 31  ? -3.203  5.749   2.270   1.00 32.11 ? 31  TRP A CZ3 1 
ATOM   248  C  CH2 . TRP A 1 31  ? -4.166  6.624   2.769   1.00 31.95 ? 31  TRP A CH2 1 
ATOM   249  N  N   . GLY A 1 32  ? -0.521  4.890   -3.375  1.00 30.38 ? 32  GLY A N   1 
ATOM   250  C  CA  . GLY A 1 32  ? 0.575   4.089   -3.942  1.00 29.48 ? 32  GLY A CA  1 
ATOM   251  C  C   . GLY A 1 32  ? 0.925   2.915   -3.044  1.00 28.90 ? 32  GLY A C   1 
ATOM   252  O  O   . GLY A 1 32  ? 0.750   3.032   -1.814  1.00 28.03 ? 32  GLY A O   1 
ATOM   253  N  N   . VAL A 1 33  ? 1.344   1.807   -3.654  1.00 29.08 ? 33  VAL A N   1 
ATOM   254  C  CA  . VAL A 1 33  ? 2.067   0.715   -2.964  1.00 30.95 ? 33  VAL A CA  1 
ATOM   255  C  C   . VAL A 1 33  ? 3.392   0.509   -3.687  1.00 29.34 ? 33  VAL A C   1 
ATOM   256  O  O   . VAL A 1 33  ? 3.343   0.150   -4.857  1.00 23.48 ? 33  VAL A O   1 
ATOM   257  C  CB  . VAL A 1 33  ? 1.249   -0.582  -2.919  1.00 34.68 ? 33  VAL A CB  1 
ATOM   258  C  CG1 . VAL A 1 33  ? 2.028   -1.683  -2.215  1.00 34.90 ? 33  VAL A CG1 1 
ATOM   259  C  CG2 . VAL A 1 33  ? -0.090  -0.353  -2.236  1.00 37.26 ? 33  VAL A CG2 1 
ATOM   260  N  N   . LEU A 1 34  ? 4.509   0.691   -2.977  1.00 31.41 ? 34  LEU A N   1 
ATOM   261  C  CA  . LEU A 1 34  ? 5.871   0.364   -3.469  1.00 36.24 ? 34  LEU A CA  1 
ATOM   262  C  C   . LEU A 1 34  ? 6.321   -0.948  -2.790  1.00 40.86 ? 34  LEU A C   1 
ATOM   263  O  O   . LEU A 1 34  ? 6.604   -0.892  -1.576  1.00 47.15 ? 34  LEU A O   1 
ATOM   264  C  CB  . LEU A 1 34  ? 6.752   1.590   -3.181  1.00 37.00 ? 34  LEU A CB  1 
ATOM   265  C  CG  . LEU A 1 34  ? 8.245   1.503   -3.506  1.00 37.49 ? 34  LEU A CG  1 
ATOM   266  C  CD1 . LEU A 1 34  ? 8.490   1.166   -4.964  1.00 38.44 ? 34  LEU A CD1 1 
ATOM   267  C  CD2 . LEU A 1 34  ? 8.930   2.813   -3.162  1.00 40.25 ? 34  LEU A CD2 1 
ATOM   268  N  N   . PHE A 1 35  ? 6.306   -2.087  -3.525  1.00 42.03 ? 35  PHE A N   1 
ATOM   269  C  CA  . PHE A 1 35  ? 6.819   -3.433  -3.130  1.00 40.65 ? 35  PHE A CA  1 
ATOM   270  C  C   . PHE A 1 35  ? 8.287   -3.583  -3.515  1.00 39.18 ? 35  PHE A C   1 
ATOM   271  O  O   . PHE A 1 35  ? 8.616   -3.518  -4.721  1.00 34.01 ? 35  PHE A O   1 
ATOM   272  C  CB  . PHE A 1 35  ? 6.146   -4.593  -3.872  1.00 45.70 ? 35  PHE A CB  1 
ATOM   273  C  CG  . PHE A 1 35  ? 4.676   -4.755  -3.605  1.00 52.95 ? 35  PHE A CG  1 
ATOM   274  C  CD1 . PHE A 1 35  ? 4.227   -5.514  -2.534  1.00 61.46 ? 35  PHE A CD1 1 
ATOM   275  C  CD2 . PHE A 1 35  ? 3.737   -4.157  -4.427  1.00 58.02 ? 35  PHE A CD2 1 
ATOM   276  C  CE1 . PHE A 1 35  ? 2.869   -5.674  -2.287  1.00 58.04 ? 35  PHE A CE1 1 
ATOM   277  C  CE2 . PHE A 1 35  ? 2.381   -4.299  -4.169  1.00 60.84 ? 35  PHE A CE2 1 
ATOM   278  C  CZ  . PHE A 1 35  ? 1.948   -5.055  -3.098  1.00 59.51 ? 35  PHE A CZ  1 
ATOM   279  N  N   . SER A 1 36  ? 9.156   -3.864  -2.552  1.00 36.62 ? 36  SER A N   1 
ATOM   280  C  CA  . SER A 1 36  ? 10.587  -4.089  -2.872  1.00 39.50 ? 36  SER A CA  1 
ATOM   281  C  C   . SER A 1 36  ? 10.863  -5.589  -3.011  1.00 37.18 ? 36  SER A C   1 
ATOM   282  O  O   . SER A 1 36  ? 10.264  -6.353  -2.300  1.00 32.70 ? 36  SER A O   1 
ATOM   283  C  CB  . SER A 1 36  ? 11.482  -3.424  -1.885  1.00 41.16 ? 36  SER A CB  1 
ATOM   284  O  OG  . SER A 1 36  ? 12.372  -4.375  -1.326  1.00 47.30 ? 36  SER A OG  1 
ATOM   285  N  N   . HIS A 1 37  ? 11.699  -5.977  -3.973  1.00 39.95 ? 37  HIS A N   1 
ATOM   286  C  CA  . HIS A 1 37  ? 12.263  -7.341  -4.114  1.00 38.98 ? 37  HIS A CA  1 
ATOM   287  C  C   . HIS A 1 37  ? 13.776  -7.207  -4.172  1.00 43.83 ? 37  HIS A C   1 
ATOM   288  O  O   . HIS A 1 37  ? 14.304  -6.387  -4.918  1.00 42.34 ? 37  HIS A O   1 
ATOM   289  C  CB  . HIS A 1 37  ? 11.639  -8.051  -5.307  1.00 37.69 ? 37  HIS A CB  1 
ATOM   290  C  CG  . HIS A 1 37  ? 10.161  -8.163  -5.147  1.00 38.78 ? 37  HIS A CG  1 
ATOM   291  N  ND1 . HIS A 1 37  ? 9.569   -9.145  -4.355  1.00 37.40 ? 37  HIS A ND1 1 
ATOM   292  C  CD2 . HIS A 1 37  ? 9.155   -7.390  -5.618  1.00 36.48 ? 37  HIS A CD2 1 
ATOM   293  C  CE1 . HIS A 1 37  ? 8.257   -8.969  -4.363  1.00 36.77 ? 37  HIS A CE1 1 
ATOM   294  N  NE2 . HIS A 1 37  ? 7.980   -7.901  -5.135  1.00 37.48 ? 37  HIS A NE2 1 
ATOM   295  N  N   . PRO A 1 38  ? 14.507  -8.033  -3.398  1.00 50.05 ? 38  PRO A N   1 
ATOM   296  C  CA  . PRO A 1 38  ? 15.959  -7.912  -3.309  1.00 54.26 ? 38  PRO A CA  1 
ATOM   297  C  C   . PRO A 1 38  ? 16.608  -8.201  -4.674  1.00 51.14 ? 38  PRO A C   1 
ATOM   298  O  O   . PRO A 1 38  ? 17.510  -7.471  -5.054  1.00 57.46 ? 38  PRO A O   1 
ATOM   299  C  CB  . PRO A 1 38  ? 16.333  -8.963  -2.244  1.00 59.25 ? 38  PRO A CB  1 
ATOM   300  C  CG  . PRO A 1 38  ? 15.236  -10.015 -2.337  1.00 57.29 ? 38  PRO A CG  1 
ATOM   301  C  CD  . PRO A 1 38  ? 13.993  -9.231  -2.709  1.00 57.41 ? 38  PRO A CD  1 
ATOM   302  N  N   . ALA A 1 39  ? 16.093  -9.211  -5.390  1.00 44.75 ? 39  ALA A N   1 
ATOM   303  C  CA  . ALA A 1 39  ? 16.606  -9.709  -6.686  1.00 38.93 ? 39  ALA A CA  1 
ATOM   304  C  C   . ALA A 1 39  ? 15.454  -10.173 -7.578  1.00 37.22 ? 39  ALA A C   1 
ATOM   305  O  O   . ALA A 1 39  ? 14.409  -10.558 -7.048  1.00 41.43 ? 39  ALA A O   1 
ATOM   306  C  CB  . ALA A 1 39  ? 17.566  -10.846 -6.439  1.00 37.48 ? 39  ALA A CB  1 
ATOM   307  N  N   . ASP A 1 40  ? 15.669  -10.174 -8.897  1.00 39.12 ? 40  ASP A N   1 
ATOM   308  C  CA  . ASP A 1 40  ? 14.826  -10.887 -9.899  1.00 37.66 ? 40  ASP A CA  1 
ATOM   309  C  C   . ASP A 1 40  ? 15.035  -12.401 -9.762  1.00 33.20 ? 40  ASP A C   1 
ATOM   310  O  O   . ASP A 1 40  ? 16.002  -12.813 -9.125  1.00 34.92 ? 40  ASP A O   1 
ATOM   311  C  CB  . ASP A 1 40  ? 15.137  -10.442 -11.332 1.00 38.82 ? 40  ASP A CB  1 
ATOM   312  C  CG  . ASP A 1 40  ? 14.544  -9.095  -11.723 1.00 38.32 ? 40  ASP A CG  1 
ATOM   313  O  OD1 . ASP A 1 40  ? 13.978  -8.429  -10.829 1.00 43.23 ? 40  ASP A OD1 1 
ATOM   314  O  OD2 . ASP A 1 40  ? 14.652  -8.715  -12.926 1.00 36.74 ? 40  ASP A OD2 1 
ATOM   315  N  N   . PHE A 1 41  ? 14.122  -13.191 -10.315 1.00 30.48 ? 41  PHE A N   1 
ATOM   316  C  CA  . PHE A 1 41  ? 14.225  -14.665 -10.431 1.00 30.55 ? 41  PHE A CA  1 
ATOM   317  C  C   . PHE A 1 41  ? 14.364  -15.298 -9.041  1.00 29.11 ? 41  PHE A C   1 
ATOM   318  O  O   . PHE A 1 41  ? 15.095  -16.268 -8.901  1.00 29.32 ? 41  PHE A O   1 
ATOM   319  C  CB  . PHE A 1 41  ? 15.375  -15.003 -11.388 1.00 29.90 ? 41  PHE A CB  1 
ATOM   320  C  CG  . PHE A 1 41  ? 15.211  -14.413 -12.762 1.00 27.30 ? 41  PHE A CG  1 
ATOM   321  C  CD1 . PHE A 1 41  ? 14.304  -14.955 -13.651 1.00 27.14 ? 41  PHE A CD1 1 
ATOM   322  C  CD2 . PHE A 1 41  ? 15.961  -13.318 -13.170 1.00 28.02 ? 41  PHE A CD2 1 
ATOM   323  C  CE1 . PHE A 1 41  ? 14.130  -14.399 -14.906 1.00 27.21 ? 41  PHE A CE1 1 
ATOM   324  C  CE2 . PHE A 1 41  ? 15.795  -12.775 -14.432 1.00 26.32 ? 41  PHE A CE2 1 
ATOM   325  C  CZ  . PHE A 1 41  ? 14.871  -13.311 -15.292 1.00 26.55 ? 41  PHE A CZ  1 
ATOM   326  N  N   . THR A 1 42  ? 13.675  -14.747 -8.040  1.00 31.70 ? 42  THR A N   1 
ATOM   327  C  CA  . THR A 1 42  ? 13.513  -15.335 -6.684  1.00 32.54 ? 42  THR A CA  1 
ATOM   328  C  C   . THR A 1 42  ? 12.081  -15.849 -6.527  1.00 34.73 ? 42  THR A C   1 
ATOM   329  O  O   . THR A 1 42  ? 11.131  -15.195 -6.998  1.00 31.15 ? 42  THR A O   1 
ATOM   330  C  CB  . THR A 1 42  ? 13.840  -14.324 -5.588  1.00 33.04 ? 42  THR A CB  1 
ATOM   331  O  OG1 . THR A 1 42  ? 12.867  -13.277 -5.643  1.00 40.87 ? 42  THR A OG1 1 
ATOM   332  C  CG2 . THR A 1 42  ? 15.229  -13.756 -5.740  1.00 34.95 ? 42  THR A CG2 1 
ATOM   333  N  N   . PRO A 1 43  ? 11.910  -17.008 -5.834  1.00 32.12 ? 43  PRO A N   1 
ATOM   334  C  CA  . PRO A 1 43  ? 10.682  -17.805 -5.892  1.00 32.69 ? 43  PRO A CA  1 
ATOM   335  C  C   . PRO A 1 43  ? 9.436   -17.215 -5.207  1.00 34.37 ? 43  PRO A C   1 
ATOM   336  O  O   . PRO A 1 43  ? 8.383   -17.213 -5.812  1.00 34.24 ? 43  PRO A O   1 
ATOM   337  C  CB  . PRO A 1 43  ? 11.033  -19.094 -5.136  1.00 33.24 ? 43  PRO A CB  1 
ATOM   338  C  CG  . PRO A 1 43  ? 12.527  -19.067 -4.986  1.00 33.70 ? 43  PRO A CG  1 
ATOM   339  C  CD  . PRO A 1 43  ? 12.909  -17.608 -4.946  1.00 33.05 ? 43  PRO A CD  1 
ATOM   340  N  N   . VAL A 1 44  ? 9.567   -16.787 -3.949  1.00 35.86 ? 44  VAL A N   1 
ATOM   341  C  CA  . VAL A 1 44  ? 8.463   -16.143 -3.181  1.00 35.03 ? 44  VAL A CA  1 
ATOM   342  C  C   . VAL A 1 44  ? 7.999   -14.895 -3.962  1.00 34.23 ? 44  VAL A C   1 
ATOM   343  O  O   . VAL A 1 44  ? 6.772   -14.742 -4.190  1.00 31.54 ? 44  VAL A O   1 
ATOM   344  C  CB  . VAL A 1 44  ? 8.919   -15.836 -1.743  1.00 34.74 ? 44  VAL A CB  1 
ATOM   345  C  CG1 . VAL A 1 44  ? 7.993   -14.857 -1.026  1.00 37.26 ? 44  VAL A CG1 1 
ATOM   346  C  CG2 . VAL A 1 44  ? 9.060   -17.111 -0.926  1.00 36.28 ? 44  VAL A CG2 1 
ATOM   347  N  N   . CYS A 1 45  ? 8.947   -14.051 -4.378  1.00 33.66 ? 45  CYS A N   1 
ATOM   348  C  CA  . CYS A 1 45  ? 8.702   -12.770 -5.095  1.00 33.59 ? 45  CYS A CA  1 
ATOM   349  C  C   . CYS A 1 45  ? 7.929   -13.027 -6.387  1.00 32.12 ? 45  CYS A C   1 
ATOM   350  O  O   . CYS A 1 45  ? 7.038   -12.227 -6.681  1.00 35.99 ? 45  CYS A O   1 
ATOM   351  C  CB  . CYS A 1 45  ? 10.011  -12.057 -5.387  1.00 35.68 ? 45  CYS A CB  1 
ATOM   352  S  SG  . CYS A 1 45  ? 10.885  -11.608 -3.866  1.00 44.47 ? 45  CYS A SG  1 
ATOM   353  N  N   . THR A 1 46  ? 8.261   -14.105 -7.105  1.00 31.98 ? 46  THR A N   1 
ATOM   354  C  CA  . THR A 1 46  ? 7.571   -14.583 -8.337  1.00 31.90 ? 46  THR A CA  1 
ATOM   355  C  C   . THR A 1 46  ? 6.082   -14.786 -8.060  1.00 31.17 ? 46  THR A C   1 
ATOM   356  O  O   . THR A 1 46  ? 5.273   -14.261 -8.836  1.00 33.10 ? 46  THR A O   1 
ATOM   357  C  CB  . THR A 1 46  ? 8.205   -15.865 -8.884  1.00 30.29 ? 46  THR A CB  1 
ATOM   358  O  OG1 . THR A 1 46  ? 9.573   -15.563 -9.185  1.00 27.04 ? 46  THR A OG1 1 
ATOM   359  C  CG2 . THR A 1 46  ? 7.468   -16.384 -10.099 1.00 29.74 ? 46  THR A CG2 1 
ATOM   360  N  N   . THR A 1 47  ? 5.743   -15.451 -6.953  1.00 34.04 ? 47  THR A N   1 
ATOM   361  C  CA  . THR A 1 47  ? 4.341   -15.689 -6.494  1.00 32.48 ? 47  THR A CA  1 
ATOM   362  C  C   . THR A 1 47  ? 3.733   -14.364 -6.028  1.00 31.51 ? 47  THR A C   1 
ATOM   363  O  O   . THR A 1 47  ? 2.544   -14.131 -6.315  1.00 32.52 ? 47  THR A O   1 
ATOM   364  C  CB  . THR A 1 47  ? 4.248   -16.768 -5.399  1.00 31.32 ? 47  THR A CB  1 
ATOM   365  O  OG1 . THR A 1 47  ? 4.776   -16.298 -4.151  1.00 31.48 ? 47  THR A OG1 1 
ATOM   366  C  CG2 . THR A 1 47  ? 4.941   -18.042 -5.820  1.00 29.47 ? 47  THR A CG2 1 
ATOM   367  N  N   . GLU A 1 48  ? 4.529   -13.508 -5.386  1.00 31.65 ? 48  GLU A N   1 
ATOM   368  C  CA  . GLU A 1 48  ? 4.036   -12.191 -4.892  1.00 34.77 ? 48  GLU A CA  1 
ATOM   369  C  C   . GLU A 1 48  ? 3.587   -11.318 -6.068  1.00 32.24 ? 48  GLU A C   1 
ATOM   370  O  O   . GLU A 1 48  ? 2.439   -10.856 -6.040  1.00 34.87 ? 48  GLU A O   1 
ATOM   371  C  CB  . GLU A 1 48  ? 5.082   -11.508 -4.016  1.00 34.25 ? 48  GLU A CB  1 
ATOM   372  C  CG  . GLU A 1 48  ? 5.199   -12.193 -2.670  1.00 36.84 ? 48  GLU A CG  1 
ATOM   373  C  CD  . GLU A 1 48  ? 6.035   -11.454 -1.649  1.00 36.46 ? 48  GLU A CD  1 
ATOM   374  O  OE1 . GLU A 1 48  ? 6.766   -10.553 -2.048  1.00 39.68 ? 48  GLU A OE1 1 
ATOM   375  O  OE2 . GLU A 1 48  ? 5.953   -11.801 -0.461  1.00 36.73 ? 48  GLU A OE2 1 
ATOM   376  N  N   . LEU A 1 49  ? 4.458   -11.113 -7.056  1.00 30.90 ? 49  LEU A N   1 
ATOM   377  C  CA  . LEU A 1 49  ? 4.176   -10.311 -8.279  1.00 30.76 ? 49  LEU A CA  1 
ATOM   378  C  C   . LEU A 1 49  ? 3.022   -10.952 -9.055  1.00 30.22 ? 49  LEU A C   1 
ATOM   379  O  O   . LEU A 1 49  ? 2.097   -10.223 -9.456  1.00 27.22 ? 49  LEU A O   1 
ATOM   380  C  CB  . LEU A 1 49  ? 5.437   -10.214 -9.152  1.00 30.48 ? 49  LEU A CB  1 
ATOM   381  C  CG  . LEU A 1 49  ? 6.595   -9.406  -8.557  1.00 30.35 ? 49  LEU A CG  1 
ATOM   382  C  CD1 . LEU A 1 49  ? 7.848   -9.578  -9.370  1.00 31.39 ? 49  LEU A CD1 1 
ATOM   383  C  CD2 . LEU A 1 49  ? 6.260   -7.938  -8.448  1.00 28.53 ? 49  LEU A CD2 1 
ATOM   384  N  N   . GLY A 1 50  ? 3.090   -12.267 -9.257  1.00 30.72 ? 50  GLY A N   1 
ATOM   385  C  CA  . GLY A 1 50  ? 1.969   -13.026 -9.828  1.00 32.33 ? 50  GLY A CA  1 
ATOM   386  C  C   . GLY A 1 50  ? 0.655   -12.547 -9.236  1.00 31.57 ? 50  GLY A C   1 
ATOM   387  O  O   . GLY A 1 50  ? -0.195  -12.073 -10.017 1.00 29.76 ? 50  GLY A O   1 
ATOM   388  N  N   . PHE A 1 51  ? 0.539   -12.604 -7.901  1.00 32.33 ? 51  PHE A N   1 
ATOM   389  C  CA  . PHE A 1 51  ? -0.682  -12.244 -7.129  1.00 36.70 ? 51  PHE A CA  1 
ATOM   390  C  C   . PHE A 1 51  ? -1.025  -10.756 -7.224  1.00 35.62 ? 51  PHE A C   1 
ATOM   391  O  O   . PHE A 1 51  ? -2.227  -10.461 -7.312  1.00 36.03 ? 51  PHE A O   1 
ATOM   392  C  CB  . PHE A 1 51  ? -0.570  -12.602 -5.648  1.00 41.43 ? 51  PHE A CB  1 
ATOM   393  C  CG  . PHE A 1 51  ? -1.510  -13.711 -5.295  1.00 49.45 ? 51  PHE A CG  1 
ATOM   394  C  CD1 . PHE A 1 51  ? -2.878  -13.515 -5.422  1.00 54.60 ? 51  PHE A CD1 1 
ATOM   395  C  CD2 . PHE A 1 51  ? -1.031  -14.965 -4.932  1.00 55.88 ? 51  PHE A CD2 1 
ATOM   396  C  CE1 . PHE A 1 51  ? -3.763  -14.544 -5.143  1.00 60.36 ? 51  PHE A CE1 1 
ATOM   397  C  CE2 . PHE A 1 51  ? -1.916  -15.994 -4.648  1.00 59.55 ? 51  PHE A CE2 1 
ATOM   398  C  CZ  . PHE A 1 51  ? -3.280  -15.779 -4.745  1.00 65.85 ? 51  PHE A CZ  1 
ATOM   399  N  N   . THR A 1 52  ? -0.028  -9.868  -7.169  1.00 30.85 ? 52  THR A N   1 
ATOM   400  C  CA  . THR A 1 52  ? -0.217  -8.409  -7.334  1.00 29.56 ? 52  THR A CA  1 
ATOM   401  C  C   . THR A 1 52  ? -0.882  -8.138  -8.689  1.00 31.10 ? 52  THR A C   1 
ATOM   402  O  O   . THR A 1 52  ? -1.795  -7.280  -8.730  1.00 30.94 ? 52  THR A O   1 
ATOM   403  C  CB  . THR A 1 52  ? 1.112   -7.666  -7.186  1.00 29.49 ? 52  THR A CB  1 
ATOM   404  O  OG1 . THR A 1 52  ? 1.683   -8.000  -5.927  1.00 29.29 ? 52  THR A OG1 1 
ATOM   405  C  CG2 . THR A 1 52  ? 0.952   -6.167  -7.277  1.00 30.27 ? 52  THR A CG2 1 
ATOM   406  N  N   . ALA A 1 53  ? -0.445  -8.840  -9.753  1.00 32.32 ? 53  ALA A N   1 
ATOM   407  C  CA  . ALA A 1 53  ? -1.003  -8.737  -11.132 1.00 32.22 ? 53  ALA A CA  1 
ATOM   408  C  C   . ALA A 1 53  ? -2.478  -9.151  -11.109 1.00 34.69 ? 53  ALA A C   1 
ATOM   409  O  O   . ALA A 1 53  ? -3.289  -8.419  -11.687 1.00 33.85 ? 53  ALA A O   1 
ATOM   410  C  CB  . ALA A 1 53  ? -0.233  -9.590  -12.109 1.00 29.79 ? 53  ALA A CB  1 
ATOM   411  N  N   . LYS A 1 54  ? -2.808  -10.240 -10.405 1.00 35.77 ? 54  LYS A N   1 
ATOM   412  C  CA  . LYS A 1 54  ? -4.190  -10.779 -10.345 1.00 38.85 ? 54  LYS A CA  1 
ATOM   413  C  C   . LYS A 1 54  ? -5.124  -9.840  -9.581  1.00 39.98 ? 54  LYS A C   1 
ATOM   414  O  O   . LYS A 1 54  ? -6.323  -9.934  -9.810  1.00 42.26 ? 54  LYS A O   1 
ATOM   415  C  CB  . LYS A 1 54  ? -4.180  -12.171 -9.723  1.00 40.32 ? 54  LYS A CB  1 
ATOM   416  C  CG  . LYS A 1 54  ? -3.393  -13.180 -10.534 1.00 38.73 ? 54  LYS A CG  1 
ATOM   417  C  CD  . LYS A 1 54  ? -3.495  -14.544 -9.960  1.00 40.83 ? 54  LYS A CD  1 
ATOM   418  C  CE  . LYS A 1 54  ? -2.377  -15.455 -10.402 1.00 40.61 ? 54  LYS A CE  1 
ATOM   419  N  NZ  . LYS A 1 54  ? -2.115  -16.455 -9.346  1.00 42.55 ? 54  LYS A NZ  1 
ATOM   420  N  N   . LEU A 1 55  ? -4.598  -8.938  -8.754  1.00 41.10 ? 55  LEU A N   1 
ATOM   421  C  CA  . LEU A 1 55  ? -5.429  -8.044  -7.902  1.00 44.04 ? 55  LEU A CA  1 
ATOM   422  C  C   . LEU A 1 55  ? -5.488  -6.643  -8.497  1.00 42.51 ? 55  LEU A C   1 
ATOM   423  O  O   . LEU A 1 55  ? -5.831  -5.708  -7.752  1.00 38.30 ? 55  LEU A O   1 
ATOM   424  C  CB  . LEU A 1 55  ? -4.831  -7.995  -6.493  1.00 44.05 ? 55  LEU A CB  1 
ATOM   425  C  CG  . LEU A 1 55  ? -4.987  -9.280  -5.687  1.00 43.60 ? 55  LEU A CG  1 
ATOM   426  C  CD1 . LEU A 1 55  ? -4.133  -9.221  -4.438  1.00 47.28 ? 55  LEU A CD1 1 
ATOM   427  C  CD2 . LEU A 1 55  ? -6.447  -9.536  -5.339  1.00 43.24 ? 55  LEU A CD2 1 
ATOM   428  N  N   . LYS A 1 56  ? -5.165  -6.504  -9.781  1.00 46.83 ? 56  LYS A N   1 
ATOM   429  C  CA  . LYS A 1 56  ? -5.122  -5.169  -10.428 1.00 52.73 ? 56  LYS A CA  1 
ATOM   430  C  C   . LYS A 1 56  ? -6.492  -4.501  -10.305 1.00 43.55 ? 56  LYS A C   1 
ATOM   431  O  O   . LYS A 1 56  ? -6.498  -3.319  -9.951  1.00 40.22 ? 56  LYS A O   1 
ATOM   432  C  CB  . LYS A 1 56  ? -4.625  -5.207  -11.882 1.00 61.01 ? 56  LYS A CB  1 
ATOM   433  C  CG  . LYS A 1 56  ? -3.832  -3.965  -12.308 1.00 64.98 ? 56  LYS A CG  1 
ATOM   434  C  CD  . LYS A 1 56  ? -2.830  -3.490  -11.239 1.00 69.85 ? 56  LYS A CD  1 
ATOM   435  C  CE  . LYS A 1 56  ? -2.311  -2.085  -11.450 1.00 69.82 ? 56  LYS A CE  1 
ATOM   436  N  NZ  . LYS A 1 56  ? -2.443  -1.273  -10.218 1.00 70.26 ? 56  LYS A NZ  1 
ATOM   437  N  N   . ASP A 1 57  ? -7.583  -5.231  -10.554 1.00 41.82 ? 57  ASP A N   1 
ATOM   438  C  CA  . ASP A 1 57  ? -8.975  -4.700  -10.454 1.00 48.23 ? 57  ASP A CA  1 
ATOM   439  C  C   . ASP A 1 57  ? -9.201  -4.179  -9.028  1.00 46.27 ? 57  ASP A C   1 
ATOM   440  O  O   . ASP A 1 57  ? -9.751  -3.076  -8.855  1.00 43.05 ? 57  ASP A O   1 
ATOM   441  C  CB  . ASP A 1 57  ? -10.031 -5.756  -10.808 1.00 51.21 ? 57  ASP A CB  1 
ATOM   442  C  CG  . ASP A 1 57  ? -9.692  -6.583  -12.043 1.00 58.99 ? 57  ASP A CG  1 
ATOM   443  O  OD1 . ASP A 1 57  ? -9.756  -6.030  -13.174 1.00 52.70 ? 57  ASP A OD1 1 
ATOM   444  O  OD2 . ASP A 1 57  ? -9.319  -7.766  -11.868 1.00 62.20 ? 57  ASP A OD2 1 
ATOM   445  N  N   . GLN A 1 58  ? -8.719  -4.939  -8.049  1.00 46.33 ? 58  GLN A N   1 
ATOM   446  C  CA  . GLN A 1 58  ? -8.918  -4.684  -6.601  1.00 47.25 ? 58  GLN A CA  1 
ATOM   447  C  C   . GLN A 1 58  ? -8.263  -3.346  -6.213  1.00 41.57 ? 58  GLN A C   1 
ATOM   448  O  O   . GLN A 1 58  ? -8.895  -2.592  -5.440  1.00 36.83 ? 58  GLN A O   1 
ATOM   449  C  CB  . GLN A 1 58  ? -8.387  -5.887  -5.821  1.00 51.51 ? 58  GLN A CB  1 
ATOM   450  C  CG  . GLN A 1 58  ? -9.041  -7.192  -6.251  1.00 58.13 ? 58  GLN A CG  1 
ATOM   451  C  CD  . GLN A 1 58  ? -10.448 -7.292  -5.719  1.00 61.82 ? 58  GLN A CD  1 
ATOM   452  O  OE1 . GLN A 1 58  ? -11.413 -7.372  -6.477  1.00 73.13 ? 58  GLN A OE1 1 
ATOM   453  N  NE2 . GLN A 1 58  ? -10.569 -7.283  -4.401  1.00 55.74 ? 58  GLN A NE2 1 
ATOM   454  N  N   . PHE A 1 59  ? -7.074  -3.040  -6.749  1.00 36.34 ? 59  PHE A N   1 
ATOM   455  C  CA  . PHE A 1 59  ? -6.294  -1.820  -6.412  1.00 35.46 ? 59  PHE A CA  1 
ATOM   456  C  C   . PHE A 1 59  ? -6.880  -0.606  -7.121  1.00 37.73 ? 59  PHE A C   1 
ATOM   457  O  O   . PHE A 1 59  ? -6.994  0.500   -6.531  1.00 40.01 ? 59  PHE A O   1 
ATOM   458  C  CB  . PHE A 1 59  ? -4.835  -1.949  -6.835  1.00 34.16 ? 59  PHE A CB  1 
ATOM   459  C  CG  . PHE A 1 59  ? -4.037  -2.939  -6.026  1.00 33.79 ? 59  PHE A CG  1 
ATOM   460  C  CD1 . PHE A 1 59  ? -3.761  -2.697  -4.689  1.00 32.65 ? 59  PHE A CD1 1 
ATOM   461  C  CD2 . PHE A 1 59  ? -3.516  -4.081  -6.621  1.00 34.79 ? 59  PHE A CD2 1 
ATOM   462  C  CE1 . PHE A 1 59  ? -3.000  -3.593  -3.954  1.00 34.62 ? 59  PHE A CE1 1 
ATOM   463  C  CE2 . PHE A 1 59  ? -2.764  -4.980  -5.881  1.00 38.17 ? 59  PHE A CE2 1 
ATOM   464  C  CZ  . PHE A 1 59  ? -2.513  -4.742  -4.545  1.00 35.20 ? 59  PHE A CZ  1 
ATOM   465  N  N   . ALA A 1 60  ? -7.227  -0.797  -8.384  1.00 37.46 ? 60  ALA A N   1 
ATOM   466  C  CA  . ALA A 1 60  ? -7.800  0.273   -9.222  1.00 39.49 ? 60  ALA A CA  1 
ATOM   467  C  C   . ALA A 1 60  ? -9.121  0.725   -8.586  1.00 37.59 ? 60  ALA A C   1 
ATOM   468  O  O   . ALA A 1 60  ? -9.320  1.928   -8.436  1.00 38.23 ? 60  ALA A O   1 
ATOM   469  C  CB  . ALA A 1 60  ? -7.968  -0.220  -10.637 1.00 37.12 ? 60  ALA A CB  1 
ATOM   470  N  N   . GLN A 1 61  ? -9.956  -0.218  -8.171  1.00 36.89 ? 61  GLN A N   1 
ATOM   471  C  CA  . GLN A 1 61  ? -11.284 0.046   -7.555  1.00 43.83 ? 61  GLN A CA  1 
ATOM   472  C  C   . GLN A 1 61  ? -11.096 0.910   -6.285  1.00 45.48 ? 61  GLN A C   1 
ATOM   473  O  O   . GLN A 1 61  ? -12.016 1.682   -5.939  1.00 39.83 ? 61  GLN A O   1 
ATOM   474  C  CB  . GLN A 1 61  ? -11.920 -1.335  -7.387  1.00 49.36 ? 61  GLN A CB  1 
ATOM   475  C  CG  . GLN A 1 61  ? -13.088 -1.460  -6.416  1.00 54.46 ? 61  GLN A CG  1 
ATOM   476  C  CD  . GLN A 1 61  ? -13.248 -2.929  -6.078  1.00 60.57 ? 61  GLN A CD  1 
ATOM   477  O  OE1 . GLN A 1 61  ? -12.780 -3.806  -6.807  1.00 59.45 ? 61  GLN A OE1 1 
ATOM   478  N  NE2 . GLN A 1 61  ? -13.875 -3.224  -4.947  1.00 61.35 ? 61  GLN A NE2 1 
ATOM   479  N  N   . ARG A 1 62  ? -9.930  0.836   -5.631  1.00 41.39 ? 62  ARG A N   1 
ATOM   480  C  CA  . ARG A 1 62  ? -9.596  1.670   -4.446  1.00 39.41 ? 62  ARG A CA  1 
ATOM   481  C  C   . ARG A 1 62  ? -8.712  2.847   -4.858  1.00 37.25 ? 62  ARG A C   1 
ATOM   482  O  O   . ARG A 1 62  ? -8.190  3.530   -3.962  1.00 42.68 ? 62  ARG A O   1 
ATOM   483  C  CB  . ARG A 1 62  ? -8.875  0.842   -3.382  1.00 40.17 ? 62  ARG A CB  1 
ATOM   484  C  CG  . ARG A 1 62  ? -9.648  -0.384  -2.926  1.00 38.89 ? 62  ARG A CG  1 
ATOM   485  C  CD  . ARG A 1 62  ? -8.788  -1.198  -1.991  1.00 39.80 ? 62  ARG A CD  1 
ATOM   486  N  NE  . ARG A 1 62  ? -9.520  -2.251  -1.300  1.00 41.02 ? 62  ARG A NE  1 
ATOM   487  C  CZ  . ARG A 1 62  ? -9.898  -3.409  -1.835  1.00 38.77 ? 62  ARG A CZ  1 
ATOM   488  N  NH1 . ARG A 1 62  ? -9.624  -3.706  -3.096  1.00 35.77 ? 62  ARG A NH1 1 
ATOM   489  N  NH2 . ARG A 1 62  ? -10.566 -4.267  -1.090  1.00 42.51 ? 62  ARG A NH2 1 
ATOM   490  N  N   . GLY A 1 63  ? -8.584  3.103   -6.155  1.00 33.07 ? 63  GLY A N   1 
ATOM   491  C  CA  . GLY A 1 63  ? -7.748  4.189   -6.694  1.00 30.17 ? 63  GLY A CA  1 
ATOM   492  C  C   . GLY A 1 63  ? -6.327  4.079   -6.192  1.00 29.89 ? 63  GLY A C   1 
ATOM   493  O  O   . GLY A 1 63  ? -5.788  5.100   -5.726  1.00 31.47 ? 63  GLY A O   1 
ATOM   494  N  N   . VAL A 1 64  ? -5.783  2.862   -6.211  1.00 29.05 ? 64  VAL A N   1 
ATOM   495  C  CA  . VAL A 1 64  ? -4.394  2.545   -5.767  1.00 28.27 ? 64  VAL A CA  1 
ATOM   496  C  C   . VAL A 1 64  ? -3.568  2.119   -6.984  1.00 28.33 ? 64  VAL A C   1 
ATOM   497  O  O   . VAL A 1 64  ? -4.034  1.241   -7.777  1.00 29.70 ? 64  VAL A O   1 
ATOM   498  C  CB  . VAL A 1 64  ? -4.361  1.450   -4.688  1.00 28.43 ? 64  VAL A CB  1 
ATOM   499  C  CG1 . VAL A 1 64  ? -2.939  1.048   -4.359  1.00 27.91 ? 64  VAL A CG1 1 
ATOM   500  C  CG2 . VAL A 1 64  ? -5.088  1.880   -3.434  1.00 28.63 ? 64  VAL A CG2 1 
ATOM   501  N  N   . LYS A 1 65  ? -2.394  2.736   -7.122  1.00 27.95 ? 65  LYS A N   1 
ATOM   502  C  CA  . LYS A 1 65  ? -1.395  2.403   -8.155  1.00 30.29 ? 65  LYS A CA  1 
ATOM   503  C  C   . LYS A 1 65  ? -0.292  1.592   -7.480  1.00 33.06 ? 65  LYS A C   1 
ATOM   504  O  O   . LYS A 1 65  ? 0.025   1.850   -6.311  1.00 36.73 ? 65  LYS A O   1 
ATOM   505  C  CB  . LYS A 1 65  ? -0.901  3.683   -8.838  1.00 36.62 ? 65  LYS A CB  1 
ATOM   506  C  CG  . LYS A 1 65  ? -1.918  4.307   -9.794  1.00 40.26 ? 65  LYS A CG  1 
ATOM   507  C  CD  . LYS A 1 65  ? -1.341  4.876   -11.063 1.00 44.48 ? 65  LYS A CD  1 
ATOM   508  C  CE  . LYS A 1 65  ? -1.122  6.364   -10.955 1.00 49.84 ? 65  LYS A CE  1 
ATOM   509  N  NZ  . LYS A 1 65  ? -2.193  7.144   -11.620 1.00 50.27 ? 65  LYS A NZ  1 
ATOM   510  N  N   . VAL A 1 66  ? 0.295   0.664   -8.210  1.00 33.99 ? 66  VAL A N   1 
ATOM   511  C  CA  . VAL A 1 66  ? 1.220   -0.363  -7.658  1.00 34.92 ? 66  VAL A CA  1 
ATOM   512  C  C   . VAL A 1 66  ? 2.523   -0.292  -8.461  1.00 33.67 ? 66  VAL A C   1 
ATOM   513  O  O   . VAL A 1 66  ? 2.428   -0.212  -9.702  1.00 31.12 ? 66  VAL A O   1 
ATOM   514  C  CB  . VAL A 1 66  ? 0.505   -1.727  -7.710  1.00 38.93 ? 66  VAL A CB  1 
ATOM   515  C  CG1 . VAL A 1 66  ? 1.441   -2.908  -7.873  1.00 41.29 ? 66  VAL A CG1 1 
ATOM   516  C  CG2 . VAL A 1 66  ? -0.398  -1.895  -6.490  1.00 42.08 ? 66  VAL A CG2 1 
ATOM   517  N  N   . LEU A 1 67  ? 3.666   -0.215  -7.766  1.00 31.81 ? 67  LEU A N   1 
ATOM   518  C  CA  . LEU A 1 67  ? 5.026   -0.358  -8.347  1.00 34.90 ? 67  LEU A CA  1 
ATOM   519  C  C   . LEU A 1 67  ? 5.744   -1.528  -7.654  1.00 34.55 ? 67  LEU A C   1 
ATOM   520  O  O   . LEU A 1 67  ? 5.501   -1.755  -6.446  1.00 31.87 ? 67  LEU A O   1 
ATOM   521  C  CB  . LEU A 1 67  ? 5.836   0.915   -8.103  1.00 37.80 ? 67  LEU A CB  1 
ATOM   522  C  CG  . LEU A 1 67  ? 5.484   2.143   -8.921  1.00 42.49 ? 67  LEU A CG  1 
ATOM   523  C  CD1 . LEU A 1 67  ? 6.108   3.373   -8.297  1.00 43.26 ? 67  LEU A CD1 1 
ATOM   524  C  CD2 . LEU A 1 67  ? 5.942   1.996   -10.360 1.00 44.23 ? 67  LEU A CD2 1 
ATOM   525  N  N   . ALA A 1 68  ? 6.650   -2.195  -8.362  1.00 32.67 ? 68  ALA A N   1 
ATOM   526  C  CA  . ALA A 1 68  ? 7.646   -3.115  -7.764  1.00 35.33 ? 68  ALA A CA  1 
ATOM   527  C  C   . ALA A 1 68  ? 9.046   -2.532  -8.006  1.00 33.21 ? 68  ALA A C   1 
ATOM   528  O  O   . ALA A 1 68  ? 9.183   -1.712  -8.935  1.00 35.48 ? 68  ALA A O   1 
ATOM   529  C  CB  . ALA A 1 68  ? 7.491   -4.506  -8.337  1.00 33.48 ? 68  ALA A CB  1 
ATOM   530  N  N   . LEU A 1 69  ? 10.024  -2.888  -7.173  1.00 34.62 ? 69  LEU A N   1 
ATOM   531  C  CA  . LEU A 1 69  ? 11.400  -2.323  -7.211  1.00 38.51 ? 69  LEU A CA  1 
ATOM   532  C  C   . LEU A 1 69  ? 12.403  -3.456  -7.008  1.00 38.10 ? 69  LEU A C   1 
ATOM   533  O  O   . LEU A 1 69  ? 12.279  -4.187  -6.031  1.00 43.28 ? 69  LEU A O   1 
ATOM   534  C  CB  . LEU A 1 69  ? 11.576  -1.235  -6.142  1.00 40.59 ? 69  LEU A CB  1 
ATOM   535  C  CG  . LEU A 1 69  ? 13.018  -1.017  -5.685  1.00 43.79 ? 69  LEU A CG  1 
ATOM   536  C  CD1 . LEU A 1 69  ? 13.851  -0.393  -6.792  1.00 44.90 ? 69  LEU A CD1 1 
ATOM   537  C  CD2 . LEU A 1 69  ? 13.075  -0.163  -4.425  1.00 47.56 ? 69  LEU A CD2 1 
ATOM   538  N  N   . SER A 1 70  ? 13.361  -3.570  -7.917  1.00 38.60 ? 70  SER A N   1 
ATOM   539  C  CA  . SER A 1 70  ? 14.459  -4.556  -7.884  1.00 40.30 ? 70  SER A CA  1 
ATOM   540  C  C   . SER A 1 70  ? 15.700  -3.883  -8.457  1.00 42.54 ? 70  SER A C   1 
ATOM   541  O  O   . SER A 1 70  ? 15.523  -2.985  -9.291  1.00 45.43 ? 70  SER A O   1 
ATOM   542  C  CB  . SER A 1 70  ? 14.085  -5.765  -8.670  1.00 41.50 ? 70  SER A CB  1 
ATOM   543  O  OG  . SER A 1 70  ? 15.248  -6.445  -9.096  1.00 43.94 ? 70  SER A OG  1 
ATOM   544  N  N   . VAL A 1 71  ? 16.893  -4.323  -8.055  1.00 41.72 ? 71  VAL A N   1 
ATOM   545  C  CA  . VAL A 1 71  ? 18.188  -3.732  -8.499  1.00 40.02 ? 71  VAL A CA  1 
ATOM   546  C  C   . VAL A 1 71  ? 18.499  -4.186  -9.935  1.00 37.63 ? 71  VAL A C   1 
ATOM   547  O  O   . VAL A 1 71  ? 19.252  -3.476  -10.632 1.00 38.46 ? 71  VAL A O   1 
ATOM   548  C  CB  . VAL A 1 71  ? 19.314  -4.047  -7.489  1.00 41.76 ? 71  VAL A CB  1 
ATOM   549  C  CG1 . VAL A 1 71  ? 20.703  -3.658  -7.972  1.00 48.24 ? 71  VAL A CG1 1 
ATOM   550  C  CG2 . VAL A 1 71  ? 19.052  -3.331  -6.187  1.00 44.46 ? 71  VAL A CG2 1 
ATOM   551  N  N   . ASP A 1 72  ? 17.930  -5.291  -10.406 1.00 38.89 ? 72  ASP A N   1 
ATOM   552  C  CA  . ASP A 1 72  ? 18.276  -5.849  -11.743 1.00 39.16 ? 72  ASP A CA  1 
ATOM   553  C  C   . ASP A 1 72  ? 17.745  -4.930  -12.840 1.00 40.54 ? 72  ASP A C   1 
ATOM   554  O  O   . ASP A 1 72  ? 16.754  -4.211  -12.645 1.00 34.41 ? 72  ASP A O   1 
ATOM   555  C  CB  . ASP A 1 72  ? 17.778  -7.288  -11.888 1.00 42.83 ? 72  ASP A CB  1 
ATOM   556  C  CG  . ASP A 1 72  ? 18.747  -8.310  -11.306 1.00 48.28 ? 72  ASP A CG  1 
ATOM   557  O  OD1 . ASP A 1 72  ? 19.895  -8.409  -11.829 1.00 44.34 ? 72  ASP A OD1 1 
ATOM   558  O  OD2 . ASP A 1 72  ? 18.353  -8.995  -10.323 1.00 45.92 ? 72  ASP A OD2 1 
ATOM   559  N  N   . PRO A 1 73  ? 18.374  -4.954  -14.046 1.00 39.64 ? 73  PRO A N   1 
ATOM   560  C  CA  . PRO A 1 73  ? 18.045  -4.003  -15.111 1.00 37.94 ? 73  PRO A CA  1 
ATOM   561  C  C   . PRO A 1 73  ? 16.698  -4.352  -15.769 1.00 34.17 ? 73  PRO A C   1 
ATOM   562  O  O   . PRO A 1 73  ? 16.198  -5.460  -15.563 1.00 36.50 ? 73  PRO A O   1 
ATOM   563  C  CB  . PRO A 1 73  ? 19.243  -4.125  -16.076 1.00 37.59 ? 73  PRO A CB  1 
ATOM   564  C  CG  . PRO A 1 73  ? 19.725  -5.559  -15.908 1.00 38.14 ? 73  PRO A CG  1 
ATOM   565  C  CD  . PRO A 1 73  ? 19.368  -5.948  -14.486 1.00 38.92 ? 73  PRO A CD  1 
ATOM   566  N  N   . VAL A 1 74  ? 16.150  -3.409  -16.535 1.00 30.04 ? 74  VAL A N   1 
ATOM   567  C  CA  . VAL A 1 74  ? 14.799  -3.493  -17.146 1.00 29.87 ? 74  VAL A CA  1 
ATOM   568  C  C   . VAL A 1 74  ? 14.691  -4.763  -18.008 1.00 32.40 ? 74  VAL A C   1 
ATOM   569  O  O   . VAL A 1 74  ? 13.610  -5.423  -17.973 1.00 29.91 ? 74  VAL A O   1 
ATOM   570  C  CB  . VAL A 1 74  ? 14.482  -2.235  -17.969 1.00 30.09 ? 74  VAL A CB  1 
ATOM   571  C  CG1 . VAL A 1 74  ? 13.229  -2.436  -18.814 1.00 29.47 ? 74  VAL A CG1 1 
ATOM   572  C  CG2 . VAL A 1 74  ? 14.355  -0.995  -17.099 1.00 30.05 ? 74  VAL A CG2 1 
ATOM   573  N  N   . ASP A 1 75  ? 15.729  -5.080  -18.791 1.00 34.57 ? 75  ASP A N   1 
ATOM   574  C  CA  . ASP A 1 75  ? 15.682  -6.176  -19.799 1.00 37.10 ? 75  ASP A CA  1 
ATOM   575  C  C   . ASP A 1 75  ? 15.578  -7.511  -19.046 1.00 37.98 ? 75  ASP A C   1 
ATOM   576  O  O   . ASP A 1 75  ? 14.985  -8.479  -19.583 1.00 36.16 ? 75  ASP A O   1 
ATOM   577  C  CB  . ASP A 1 75  ? 16.867  -6.099  -20.773 1.00 41.32 ? 75  ASP A CB  1 
ATOM   578  C  CG  . ASP A 1 75  ? 16.710  -5.085  -21.910 1.00 45.78 ? 75  ASP A CG  1 
ATOM   579  O  OD1 . ASP A 1 75  ? 15.576  -4.646  -22.169 1.00 50.11 ? 75  ASP A OD1 1 
ATOM   580  O  OD2 . ASP A 1 75  ? 17.725  -4.741  -22.550 1.00 51.08 ? 75  ASP A OD2 1 
ATOM   581  N  N   . SER A 1 76  ? 16.110  -7.541  -17.822 1.00 35.97 ? 76  SER A N   1 
ATOM   582  C  CA  . SER A 1 76  ? 16.023  -8.674  -16.870 1.00 33.51 ? 76  SER A CA  1 
ATOM   583  C  C   . SER A 1 76  ? 14.585  -8.791  -16.320 1.00 32.54 ? 76  SER A C   1 
ATOM   584  O  O   . SER A 1 76  ? 14.001  -9.918  -16.411 1.00 30.91 ? 76  SER A O   1 
ATOM   585  C  CB  . SER A 1 76  ? 17.068  -8.490  -15.804 1.00 32.75 ? 76  SER A CB  1 
ATOM   586  O  OG  . SER A 1 76  ? 16.994  -9.503  -14.834 1.00 31.21 ? 76  SER A OG  1 
ATOM   587  N  N   . HIS A 1 77  ? 14.004  -7.686  -15.823 1.00 28.39 ? 77  HIS A N   1 
ATOM   588  C  CA  . HIS A 1 77  ? 12.583  -7.633  -15.375 1.00 30.28 ? 77  HIS A CA  1 
ATOM   589  C  C   . HIS A 1 77  ? 11.670  -8.200  -16.454 1.00 30.03 ? 77  HIS A C   1 
ATOM   590  O  O   . HIS A 1 77  ? 10.741  -8.913  -16.095 1.00 34.86 ? 77  HIS A O   1 
ATOM   591  C  CB  . HIS A 1 77  ? 12.065  -6.226  -15.053 1.00 28.44 ? 77  HIS A CB  1 
ATOM   592  C  CG  . HIS A 1 77  ? 12.785  -5.583  -13.931 1.00 28.98 ? 77  HIS A CG  1 
ATOM   593  N  ND1 . HIS A 1 77  ? 13.578  -6.313  -13.093 1.00 30.01 ? 77  HIS A ND1 1 
ATOM   594  C  CD2 . HIS A 1 77  ? 12.814  -4.309  -13.490 1.00 28.06 ? 77  HIS A CD2 1 
ATOM   595  C  CE1 . HIS A 1 77  ? 14.082  -5.524  -12.178 1.00 31.49 ? 77  HIS A CE1 1 
ATOM   596  N  NE2 . HIS A 1 77  ? 13.611  -4.283  -12.392 1.00 31.91 ? 77  HIS A NE2 1 
ATOM   597  N  N   . LEU A 1 78  ? 11.894  -7.855  -17.714 1.00 31.48 ? 78  LEU A N   1 
ATOM   598  C  CA  . LEU A 1 78  ? 11.011  -8.308  -18.828 1.00 34.21 ? 78  LEU A CA  1 
ATOM   599  C  C   . LEU A 1 78  ? 11.173  -9.819  -19.071 1.00 30.70 ? 78  LEU A C   1 
ATOM   600  O  O   . LEU A 1 78  ? 10.167  -10.438 -19.384 1.00 31.41 ? 78  LEU A O   1 
ATOM   601  C  CB  . LEU A 1 78  ? 11.288  -7.492  -20.097 1.00 34.71 ? 78  LEU A CB  1 
ATOM   602  C  CG  . LEU A 1 78  ? 10.892  -6.020  -20.005 1.00 36.09 ? 78  LEU A CG  1 
ATOM   603  C  CD1 . LEU A 1 78  ? 11.294  -5.275  -21.268 1.00 37.01 ? 78  LEU A CD1 1 
ATOM   604  C  CD2 . LEU A 1 78  ? 9.400   -5.875  -19.758 1.00 37.65 ? 78  LEU A CD2 1 
ATOM   605  N  N   . LYS A 1 79  ? 12.362  -10.400 -18.899 1.00 31.15 ? 79  LYS A N   1 
ATOM   606  C  CA  . LYS A 1 79  ? 12.516  -11.876 -18.942 1.00 33.33 ? 79  LYS A CA  1 
ATOM   607  C  C   . LYS A 1 79  ? 11.741  -12.488 -17.766 1.00 34.19 ? 79  LYS A C   1 
ATOM   608  O  O   . LYS A 1 79  ? 11.058  -13.515 -17.952 1.00 37.94 ? 79  LYS A O   1 
ATOM   609  C  CB  . LYS A 1 79  ? 13.978  -12.320 -18.873 1.00 34.85 ? 79  LYS A CB  1 
ATOM   610  C  CG  . LYS A 1 79  ? 14.160  -13.818 -19.094 1.00 37.58 ? 79  LYS A CG  1 
ATOM   611  C  CD  . LYS A 1 79  ? 15.580  -14.334 -18.912 1.00 41.03 ? 79  LYS A CD  1 
ATOM   612  C  CE  . LYS A 1 79  ? 15.787  -15.688 -19.559 1.00 43.87 ? 79  LYS A CE  1 
ATOM   613  N  NZ  . LYS A 1 79  ? 16.645  -16.563 -18.729 1.00 49.47 ? 79  LYS A NZ  1 
ATOM   614  N  N   . TRP A 1 80  ? 11.846  -11.888 -16.588 1.00 31.06 ? 80  TRP A N   1 
ATOM   615  C  CA  . TRP A 1 80  ? 11.205  -12.422 -15.365 1.00 31.84 ? 80  TRP A CA  1 
ATOM   616  C  C   . TRP A 1 80  ? 9.687   -12.360 -15.507 1.00 31.84 ? 80  TRP A C   1 
ATOM   617  O  O   . TRP A 1 80  ? 8.989   -13.265 -15.006 1.00 33.03 ? 80  TRP A O   1 
ATOM   618  C  CB  . TRP A 1 80  ? 11.648  -11.614 -14.154 1.00 34.51 ? 80  TRP A CB  1 
ATOM   619  C  CG  . TRP A 1 80  ? 11.255  -12.217 -12.842 1.00 36.06 ? 80  TRP A CG  1 
ATOM   620  C  CD1 . TRP A 1 80  ? 10.970  -13.526 -12.578 1.00 35.32 ? 80  TRP A CD1 1 
ATOM   621  C  CD2 . TRP A 1 80  ? 11.156  -11.521 -11.592 1.00 34.67 ? 80  TRP A CD2 1 
ATOM   622  N  NE1 . TRP A 1 80  ? 10.717  -13.693 -11.247 1.00 34.34 ? 80  TRP A NE1 1 
ATOM   623  C  CE2 . TRP A 1 80  ? 10.814  -12.481 -10.617 1.00 35.61 ? 80  TRP A CE2 1 
ATOM   624  C  CE3 . TRP A 1 80  ? 11.357  -10.190 -11.205 1.00 36.77 ? 80  TRP A CE3 1 
ATOM   625  C  CZ2 . TRP A 1 80  ? 10.658  -12.147 -9.272  1.00 36.04 ? 80  TRP A CZ2 1 
ATOM   626  C  CZ3 . TRP A 1 80  ? 11.180  -9.849  -9.880  1.00 39.60 ? 80  TRP A CZ3 1 
ATOM   627  C  CH2 . TRP A 1 80  ? 10.842  -10.824 -8.928  1.00 38.86 ? 80  TRP A CH2 1 
ATOM   628  N  N   . ILE A 1 81  ? 9.197   -11.293 -16.128 1.00 30.09 ? 81  ILE A N   1 
ATOM   629  C  CA  . ILE A 1 81  ? 7.745   -11.098 -16.357 1.00 29.07 ? 81  ILE A CA  1 
ATOM   630  C  C   . ILE A 1 81  ? 7.238   -12.260 -17.223 1.00 30.33 ? 81  ILE A C   1 
ATOM   631  O  O   . ILE A 1 81  ? 6.081   -12.666 -17.020 1.00 29.69 ? 81  ILE A O   1 
ATOM   632  C  CB  . ILE A 1 81  ? 7.477   -9.689  -16.913 1.00 27.02 ? 81  ILE A CB  1 
ATOM   633  C  CG1 . ILE A 1 81  ? 7.541   -8.663  -15.779 1.00 27.63 ? 81  ILE A CG1 1 
ATOM   634  C  CG2 . ILE A 1 81  ? 6.153   -9.621  -17.645 1.00 26.30 ? 81  ILE A CG2 1 
ATOM   635  C  CD1 . ILE A 1 81  ? 7.799   -7.257  -16.242 1.00 27.79 ? 81  ILE A CD1 1 
ATOM   636  N  N   . ASP A 1 82  ? 8.063   -12.823 -18.113 1.00 30.71 ? 82  ASP A N   1 
ATOM   637  C  CA  . ASP A 1 82  ? 7.664   -14.034 -18.877 1.00 32.18 ? 82  ASP A CA  1 
ATOM   638  C  C   . ASP A 1 82  ? 7.480   -15.166 -17.879 1.00 32.36 ? 82  ASP A C   1 
ATOM   639  O  O   . ASP A 1 82  ? 6.404   -15.778 -17.853 1.00 31.68 ? 82  ASP A O   1 
ATOM   640  C  CB  . ASP A 1 82  ? 8.694   -14.472 -19.912 1.00 35.19 ? 82  ASP A CB  1 
ATOM   641  C  CG  . ASP A 1 82  ? 8.885   -13.478 -21.039 1.00 38.02 ? 82  ASP A CG  1 
ATOM   642  O  OD1 . ASP A 1 82  ? 7.937   -12.720 -21.318 1.00 44.25 ? 82  ASP A OD1 1 
ATOM   643  O  OD2 . ASP A 1 82  ? 9.992   -13.461 -21.621 1.00 41.13 ? 82  ASP A OD2 1 
ATOM   644  N  N   . ASP A 1 83  ? 8.512   -15.407 -17.075 1.00 34.67 ? 83  ASP A N   1 
ATOM   645  C  CA  . ASP A 1 83  ? 8.510   -16.454 -16.027 1.00 34.13 ? 83  ASP A CA  1 
ATOM   646  C  C   . ASP A 1 83  ? 7.223   -16.304 -15.205 1.00 32.08 ? 83  ASP A C   1 
ATOM   647  O  O   . ASP A 1 83  ? 6.526   -17.305 -15.056 1.00 33.39 ? 83  ASP A O   1 
ATOM   648  C  CB  . ASP A 1 83  ? 9.792   -16.396 -15.192 1.00 34.32 ? 83  ASP A CB  1 
ATOM   649  C  CG  . ASP A 1 83  ? 11.019  -16.961 -15.890 1.00 36.46 ? 83  ASP A CG  1 
ATOM   650  O  OD1 . ASP A 1 83  ? 10.920  -17.254 -17.080 1.00 37.82 ? 83  ASP A OD1 1 
ATOM   651  O  OD2 . ASP A 1 83  ? 12.072  -17.101 -15.231 1.00 39.25 ? 83  ASP A OD2 1 
ATOM   652  N  N   . ILE A 1 84  ? 6.925   -15.099 -14.702 1.00 30.75 ? 84  ILE A N   1 
ATOM   653  C  CA  . ILE A 1 84  ? 5.800   -14.847 -13.754 1.00 30.10 ? 84  ILE A CA  1 
ATOM   654  C  C   . ILE A 1 84  ? 4.483   -15.107 -14.477 1.00 32.05 ? 84  ILE A C   1 
ATOM   655  O  O   . ILE A 1 84  ? 3.588   -15.714 -13.873 1.00 35.06 ? 84  ILE A O   1 
ATOM   656  C  CB  . ILE A 1 84  ? 5.836   -13.410 -13.224 1.00 30.54 ? 84  ILE A CB  1 
ATOM   657  C  CG1 . ILE A 1 84  ? 7.056   -13.168 -12.339 1.00 30.71 ? 84  ILE A CG1 1 
ATOM   658  C  CG2 . ILE A 1 84  ? 4.534   -13.041 -12.522 1.00 30.11 ? 84  ILE A CG2 1 
ATOM   659  C  CD1 . ILE A 1 84  ? 7.426   -11.713 -12.233 1.00 30.18 ? 84  ILE A CD1 1 
ATOM   660  N  N   . ASN A 1 85  ? 4.360   -14.589 -15.697 1.00 32.86 ? 85  ASN A N   1 
ATOM   661  C  CA  . ASN A 1 85  ? 3.145   -14.742 -16.530 1.00 36.69 ? 85  ASN A CA  1 
ATOM   662  C  C   . ASN A 1 85  ? 2.869   -16.238 -16.717 1.00 39.75 ? 85  ASN A C   1 
ATOM   663  O  O   . ASN A 1 85  ? 1.771   -16.695 -16.328 1.00 46.20 ? 85  ASN A O   1 
ATOM   664  C  CB  . ASN A 1 85  ? 3.291   -13.982 -17.846 1.00 37.65 ? 85  ASN A CB  1 
ATOM   665  C  CG  . ASN A 1 85  ? 3.070   -12.479 -17.737 1.00 38.00 ? 85  ASN A CG  1 
ATOM   666  O  OD1 . ASN A 1 85  ? 2.819   -11.905 -16.664 1.00 31.37 ? 85  ASN A OD1 1 
ATOM   667  N  ND2 . ASN A 1 85  ? 3.154   -11.826 -18.886 1.00 39.00 ? 85  ASN A ND2 1 
ATOM   668  N  N   . GLU A 1 86  ? 3.862   -16.968 -17.220 1.00 40.65 ? 86  GLU A N   1 
ATOM   669  C  CA  . GLU A 1 86  ? 3.821   -18.423 -17.539 1.00 42.33 ? 86  GLU A CA  1 
ATOM   670  C  C   . GLU A 1 86  ? 3.468   -19.267 -16.304 1.00 40.06 ? 86  GLU A C   1 
ATOM   671  O  O   . GLU A 1 86  ? 2.540   -20.081 -16.411 1.00 44.20 ? 86  GLU A O   1 
ATOM   672  C  CB  . GLU A 1 86  ? 5.186   -18.838 -18.101 1.00 47.73 ? 86  GLU A CB  1 
ATOM   673  C  CG  . GLU A 1 86  ? 5.512   -20.319 -17.966 1.00 52.82 ? 86  GLU A CG  1 
ATOM   674  C  CD  . GLU A 1 86  ? 6.772   -20.744 -18.707 1.00 54.51 ? 86  GLU A CD  1 
ATOM   675  O  OE1 . GLU A 1 86  ? 7.659   -19.882 -18.906 1.00 55.71 ? 86  GLU A OE1 1 
ATOM   676  O  OE2 . GLU A 1 86  ? 6.850   -21.925 -19.115 1.00 57.41 ? 86  GLU A OE2 1 
ATOM   677  N  N   . THR A 1 87  ? 4.216   -19.117 -15.201 1.00 37.79 ? 87  THR A N   1 
ATOM   678  C  CA  . THR A 1 87  ? 4.168   -19.997 -13.995 1.00 34.96 ? 87  THR A CA  1 
ATOM   679  C  C   . THR A 1 87  ? 3.002   -19.605 -13.074 1.00 34.39 ? 87  THR A C   1 
ATOM   680  O  O   . THR A 1 87  ? 2.513   -20.495 -12.365 1.00 34.48 ? 87  THR A O   1 
ATOM   681  C  CB  . THR A 1 87  ? 5.470   -19.981 -13.168 1.00 34.02 ? 87  THR A CB  1 
ATOM   682  O  OG1 . THR A 1 87  ? 5.666   -18.719 -12.517 1.00 35.78 ? 87  THR A OG1 1 
ATOM   683  C  CG2 . THR A 1 87  ? 6.701   -20.323 -13.972 1.00 30.68 ? 87  THR A CG2 1 
ATOM   684  N  N   . GLN A 1 88  ? 2.607   -18.330 -13.036 1.00 34.43 ? 88  GLN A N   1 
ATOM   685  C  CA  . GLN A 1 88  ? 1.561   -17.823 -12.108 1.00 39.88 ? 88  GLN A CA  1 
ATOM   686  C  C   . GLN A 1 88  ? 0.208   -17.728 -12.832 1.00 42.75 ? 88  GLN A C   1 
ATOM   687  O  O   . GLN A 1 88  ? -0.787  -17.460 -12.151 1.00 47.42 ? 88  GLN A O   1 
ATOM   688  C  CB  . GLN A 1 88  ? 2.001   -16.497 -11.472 1.00 38.98 ? 88  GLN A CB  1 
ATOM   689  C  CG  . GLN A 1 88  ? 3.319   -16.599 -10.698 1.00 40.53 ? 88  GLN A CG  1 
ATOM   690  C  CD  . GLN A 1 88  ? 3.322   -17.686 -9.640  1.00 38.94 ? 88  GLN A CD  1 
ATOM   691  O  OE1 . GLN A 1 88  ? 2.430   -17.744 -8.803  1.00 40.21 ? 88  GLN A OE1 1 
ATOM   692  N  NE2 . GLN A 1 88  ? 4.314   -18.567 -9.680  1.00 33.43 ? 88  GLN A NE2 1 
ATOM   693  N  N   . ASP A 1 89  ? 0.172   -17.984 -14.143 1.00 49.81 ? 89  ASP A N   1 
ATOM   694  C  CA  . ASP A 1 89  ? -1.050  -17.918 -14.992 1.00 55.66 ? 89  ASP A CA  1 
ATOM   695  C  C   . ASP A 1 89  ? -1.678  -16.532 -14.802 1.00 49.08 ? 89  ASP A C   1 
ATOM   696  O  O   . ASP A 1 89  ? -2.786  -16.430 -14.281 1.00 45.42 ? 89  ASP A O   1 
ATOM   697  C  CB  . ASP A 1 89  ? -2.003  -19.082 -14.690 1.00 64.75 ? 89  ASP A CB  1 
ATOM   698  C  CG  . ASP A 1 89  ? -1.543  -20.399 -15.299 1.00 73.71 ? 89  ASP A CG  1 
ATOM   699  O  OD1 . ASP A 1 89  ? -1.500  -20.476 -16.548 1.00 77.26 ? 89  ASP A OD1 1 
ATOM   700  O  OD2 . ASP A 1 89  ? -1.207  -21.331 -14.524 1.00 77.33 ? 89  ASP A OD2 1 
ATOM   701  N  N   . THR A 1 90  ? -0.953  -15.495 -15.200 1.00 46.60 ? 90  THR A N   1 
ATOM   702  C  CA  . THR A 1 90  ? -1.331  -14.077 -14.974 1.00 44.40 ? 90  THR A CA  1 
ATOM   703  C  C   . THR A 1 90  ? -0.655  -13.209 -16.044 1.00 40.42 ? 90  THR A C   1 
ATOM   704  O  O   . THR A 1 90  ? 0.120   -13.769 -16.864 1.00 31.97 ? 90  THR A O   1 
ATOM   705  C  CB  . THR A 1 90  ? -0.970  -13.666 -13.541 1.00 43.64 ? 90  THR A CB  1 
ATOM   706  O  OG1 . THR A 1 90  ? -1.810  -12.562 -13.216 1.00 45.20 ? 90  THR A OG1 1 
ATOM   707  C  CG2 . THR A 1 90  ? 0.492   -13.315 -13.358 1.00 42.93 ? 90  THR A CG2 1 
ATOM   708  N  N   . ARG A 1 91  ? -0.963  -11.909 -16.049 1.00 36.22 ? 91  ARG A N   1 
ATOM   709  C  CA  . ARG A 1 91  ? -0.289  -10.911 -16.915 1.00 38.56 ? 91  ARG A CA  1 
ATOM   710  C  C   . ARG A 1 91  ? 0.220   -9.793  -16.024 1.00 34.16 ? 91  ARG A C   1 
ATOM   711  O  O   . ARG A 1 91  ? -0.607  -9.130  -15.406 1.00 34.84 ? 91  ARG A O   1 
ATOM   712  C  CB  . ARG A 1 91  ? -1.228  -10.299 -17.957 1.00 43.73 ? 91  ARG A CB  1 
ATOM   713  C  CG  . ARG A 1 91  ? -2.153  -11.295 -18.635 1.00 48.89 ? 91  ARG A CG  1 
ATOM   714  C  CD  . ARG A 1 91  ? -1.398  -12.326 -19.433 1.00 52.39 ? 91  ARG A CD  1 
ATOM   715  N  NE  . ARG A 1 91  ? -2.339  -13.360 -19.810 1.00 59.85 ? 91  ARG A NE  1 
ATOM   716  C  CZ  . ARG A 1 91  ? -2.032  -14.429 -20.538 1.00 67.14 ? 91  ARG A CZ  1 
ATOM   717  N  NH1 . ARG A 1 91  ? -0.795  -14.602 -20.987 1.00 67.31 ? 91  ARG A NH1 1 
ATOM   718  N  NH2 . ARG A 1 91  ? -2.978  -15.307 -20.837 1.00 60.42 ? 91  ARG A NH2 1 
ATOM   719  N  N   . VAL A 1 92  ? 1.526   -9.607  -15.941 1.00 32.41 ? 92  VAL A N   1 
ATOM   720  C  CA  . VAL A 1 92  ? 2.063   -8.471  -15.144 1.00 34.03 ? 92  VAL A CA  1 
ATOM   721  C  C   . VAL A 1 92  ? 1.634   -7.196  -15.853 1.00 33.67 ? 92  VAL A C   1 
ATOM   722  O  O   . VAL A 1 92  ? 1.860   -7.112  -17.056 1.00 33.61 ? 92  VAL A O   1 
ATOM   723  C  CB  . VAL A 1 92  ? 3.582   -8.552  -14.976 1.00 33.44 ? 92  VAL A CB  1 
ATOM   724  C  CG1 . VAL A 1 92  ? 4.163   -7.238  -14.479 1.00 33.88 ? 92  VAL A CG1 1 
ATOM   725  C  CG2 . VAL A 1 92  ? 3.925   -9.710  -14.060 1.00 33.59 ? 92  VAL A CG2 1 
ATOM   726  N  N   . ASN A 1 93  ? 0.995   -6.294  -15.120 1.00 33.33 ? 93  ASN A N   1 
ATOM   727  C  CA  . ASN A 1 93  ? 0.269   -5.121  -15.660 1.00 32.97 ? 93  ASN A CA  1 
ATOM   728  C  C   . ASN A 1 93  ? 0.649   -3.880  -14.840 1.00 34.54 ? 93  ASN A C   1 
ATOM   729  O  O   . ASN A 1 93  ? -0.152  -2.934  -14.746 1.00 41.04 ? 93  ASN A O   1 
ATOM   730  C  CB  . ASN A 1 93  ? -1.230  -5.400  -15.652 1.00 31.54 ? 93  ASN A CB  1 
ATOM   731  C  CG  . ASN A 1 93  ? -1.683  -5.933  -14.316 1.00 34.01 ? 93  ASN A CG  1 
ATOM   732  O  OD1 . ASN A 1 93  ? -1.203  -5.464  -13.293 1.00 33.35 ? 93  ASN A OD1 1 
ATOM   733  N  ND2 . ASN A 1 93  ? -2.579  -6.912  -14.313 1.00 34.49 ? 93  ASN A ND2 1 
ATOM   734  N  N   . PHE A 1 94  ? 1.817   -3.895  -14.209 1.00 30.91 ? 94  PHE A N   1 
ATOM   735  C  CA  . PHE A 1 94  ? 2.273   -2.769  -13.369 1.00 30.31 ? 94  PHE A CA  1 
ATOM   736  C  C   . PHE A 1 94  ? 3.769   -2.627  -13.598 1.00 29.39 ? 94  PHE A C   1 
ATOM   737  O  O   . PHE A 1 94  ? 4.434   -3.565  -14.047 1.00 26.94 ? 94  PHE A O   1 
ATOM   738  C  CB  . PHE A 1 94  ? 1.856   -2.990  -11.913 1.00 29.57 ? 94  PHE A CB  1 
ATOM   739  C  CG  . PHE A 1 94  ? 2.395   -4.274  -11.354 1.00 29.78 ? 94  PHE A CG  1 
ATOM   740  C  CD1 . PHE A 1 94  ? 3.680   -4.324  -10.836 1.00 31.21 ? 94  PHE A CD1 1 
ATOM   741  C  CD2 . PHE A 1 94  ? 1.663   -5.447  -11.452 1.00 30.31 ? 94  PHE A CD2 1 
ATOM   742  C  CE1 . PHE A 1 94  ? 4.211   -5.523  -10.389 1.00 32.16 ? 94  PHE A CE1 1 
ATOM   743  C  CE2 . PHE A 1 94  ? 2.182   -6.644  -10.992 1.00 29.73 ? 94  PHE A CE2 1 
ATOM   744  C  CZ  . PHE A 1 94  ? 3.453   -6.680  -10.457 1.00 33.35 ? 94  PHE A CZ  1 
ATOM   745  N  N   . PRO A 1 95  ? 4.338   -1.441  -13.313 1.00 28.88 ? 95  PRO A N   1 
ATOM   746  C  CA  . PRO A 1 95  ? 5.770   -1.229  -13.502 1.00 29.79 ? 95  PRO A CA  1 
ATOM   747  C  C   . PRO A 1 95  ? 6.636   -1.933  -12.448 1.00 30.63 ? 95  PRO A C   1 
ATOM   748  O  O   . PRO A 1 95  ? 6.291   -1.897  -11.285 1.00 29.33 ? 95  PRO A O   1 
ATOM   749  C  CB  . PRO A 1 95  ? 5.936   0.290   -13.400 1.00 29.36 ? 95  PRO A CB  1 
ATOM   750  C  CG  . PRO A 1 95  ? 4.529   0.836   -13.437 1.00 29.57 ? 95  PRO A CG  1 
ATOM   751  C  CD  . PRO A 1 95  ? 3.644   -0.242  -12.845 1.00 28.11 ? 95  PRO A CD  1 
ATOM   752  N  N   . ILE A 1 96  ? 7.725   -2.555  -12.907 1.00 29.23 ? 96  ILE A N   1 
ATOM   753  C  CA  . ILE A 1 96  ? 8.864   -3.041  -12.071 1.00 30.55 ? 96  ILE A CA  1 
ATOM   754  C  C   . ILE A 1 96  ? 10.066  -2.109  -12.299 1.00 29.54 ? 96  ILE A C   1 
ATOM   755  O  O   . ILE A 1 96  ? 10.630  -2.170  -13.411 1.00 30.09 ? 96  ILE A O   1 
ATOM   756  C  CB  . ILE A 1 96  ? 9.235   -4.508  -12.404 1.00 30.93 ? 96  ILE A CB  1 
ATOM   757  C  CG1 . ILE A 1 96  ? 8.003   -5.419  -12.465 1.00 29.54 ? 96  ILE A CG1 1 
ATOM   758  C  CG2 . ILE A 1 96  ? 10.289  -4.995  -11.419 1.00 31.73 ? 96  ILE A CG2 1 
ATOM   759  C  CD1 . ILE A 1 96  ? 8.304   -6.899  -12.600 1.00 29.78 ? 96  ILE A CD1 1 
ATOM   760  N  N   . ILE A 1 97  ? 10.435  -1.304  -11.292 1.00 29.13 ? 97  ILE A N   1 
ATOM   761  C  CA  . ILE A 1 97  ? 11.547  -0.309  -11.335 1.00 30.76 ? 97  ILE A CA  1 
ATOM   762  C  C   . ILE A 1 97  ? 12.868  -1.076  -11.403 1.00 31.21 ? 97  ILE A C   1 
ATOM   763  O  O   . ILE A 1 97  ? 13.031  -2.055  -10.672 1.00 33.65 ? 97  ILE A O   1 
ATOM   764  C  CB  . ILE A 1 97  ? 11.545  0.611   -10.093 1.00 31.92 ? 97  ILE A CB  1 
ATOM   765  C  CG1 . ILE A 1 97  ? 10.247  1.394   -9.910  1.00 33.06 ? 97  ILE A CG1 1 
ATOM   766  C  CG2 . ILE A 1 97  ? 12.735  1.550   -10.118 1.00 30.91 ? 97  ILE A CG2 1 
ATOM   767  C  CD1 . ILE A 1 97  ? 9.984   2.391   -10.991 1.00 35.06 ? 97  ILE A CD1 1 
ATOM   768  N  N   . ALA A 1 98  ? 13.789  -0.622  -12.231 1.00 31.68 ? 98  ALA A N   1 
ATOM   769  C  CA  . ALA A 1 98  ? 15.170  -1.135  -12.287 1.00 35.10 ? 98  ALA A CA  1 
ATOM   770  C  C   . ALA A 1 98  ? 16.050  -0.135  -11.556 1.00 36.67 ? 98  ALA A C   1 
ATOM   771  O  O   . ALA A 1 98  ? 16.144  1.003   -12.035 1.00 40.98 ? 98  ALA A O   1 
ATOM   772  C  CB  . ALA A 1 98  ? 15.614  -1.294  -13.716 1.00 35.72 ? 98  ALA A CB  1 
ATOM   773  N  N   . ASP A 1 99  ? 16.639  -0.529  -10.437 1.00 36.24 ? 99  ASP A N   1 
ATOM   774  C  CA  . ASP A 1 99  ? 17.443  0.393   -9.598  1.00 38.42 ? 99  ASP A CA  1 
ATOM   775  C  C   . ASP A 1 99  ? 18.926  0.003   -9.717  1.00 41.30 ? 99  ASP A C   1 
ATOM   776  O  O   . ASP A 1 99  ? 19.542  -0.306  -8.680  1.00 48.69 ? 99  ASP A O   1 
ATOM   777  C  CB  . ASP A 1 99  ? 16.872  0.379   -8.181  1.00 37.74 ? 99  ASP A CB  1 
ATOM   778  C  CG  . ASP A 1 99  ? 17.305  1.552   -7.326  1.00 37.44 ? 99  ASP A CG  1 
ATOM   779  O  OD1 . ASP A 1 99  ? 17.453  2.649   -7.881  1.00 42.70 ? 99  ASP A OD1 1 
ATOM   780  O  OD2 . ASP A 1 99  ? 17.514  1.347   -6.116  1.00 38.50 ? 99  ASP A OD2 1 
ATOM   781  N  N   . ALA A 1 100 ? 19.478  0.002   -10.937 1.00 41.91 ? 100 ALA A N   1 
ATOM   782  C  CA  . ALA A 1 100 ? 20.841  -0.512  -11.243 1.00 46.50 ? 100 ALA A CA  1 
ATOM   783  C  C   . ALA A 1 100 ? 21.947  0.420   -10.711 1.00 45.74 ? 100 ALA A C   1 
ATOM   784  O  O   . ALA A 1 100 ? 23.103  -0.063  -10.633 1.00 43.59 ? 100 ALA A O   1 
ATOM   785  C  CB  . ALA A 1 100 ? 20.964  -0.742  -12.729 1.00 49.42 ? 100 ALA A CB  1 
ATOM   786  N  N   . ASP A 1 101 ? 21.592  1.668   -10.341 1.00 42.76 ? 101 ASP A N   1 
ATOM   787  C  CA  . ASP A 1 101 ? 22.461  2.681   -9.672  1.00 50.18 ? 101 ASP A CA  1 
ATOM   788  C  C   . ASP A 1 101 ? 22.171  2.780   -8.157  1.00 47.02 ? 101 ASP A C   1 
ATOM   789  O  O   . ASP A 1 101 ? 22.935  3.468   -7.455  1.00 44.32 ? 101 ASP A O   1 
ATOM   790  C  CB  . ASP A 1 101 ? 22.316  4.063   -10.330 1.00 56.22 ? 101 ASP A CB  1 
ATOM   791  C  CG  . ASP A 1 101 ? 20.883  4.595   -10.427 1.00 60.61 ? 101 ASP A CG  1 
ATOM   792  O  OD1 . ASP A 1 101 ? 19.977  3.998   -9.789  1.00 57.12 ? 101 ASP A OD1 1 
ATOM   793  O  OD2 . ASP A 1 101 ? 20.673  5.606   -11.154 1.00 61.25 ? 101 ASP A OD2 1 
ATOM   794  N  N   . ARG A 1 102 ? 21.105  2.146   -7.660  1.00 45.85 ? 102 ARG A N   1 
ATOM   795  C  CA  . ARG A 1 102 ? 20.765  2.077   -6.209  1.00 47.55 ? 102 ARG A CA  1 
ATOM   796  C  C   . ARG A 1 102 ? 20.193  3.414   -5.710  1.00 45.05 ? 102 ARG A C   1 
ATOM   797  O  O   . ARG A 1 102 ? 20.111  3.573   -4.497  1.00 46.49 ? 102 ARG A O   1 
ATOM   798  C  CB  . ARG A 1 102 ? 21.992  1.626   -5.404  1.00 51.81 ? 102 ARG A CB  1 
ATOM   799  C  CG  . ARG A 1 102 ? 21.904  0.180   -4.929  1.00 58.14 ? 102 ARG A CG  1 
ATOM   800  C  CD  . ARG A 1 102 ? 23.183  -0.646  -4.947  1.00 62.48 ? 102 ARG A CD  1 
ATOM   801  N  NE  . ARG A 1 102 ? 24.122  -0.271  -3.891  1.00 64.63 ? 102 ARG A NE  1 
ATOM   802  C  CZ  . ARG A 1 102 ? 24.920  -1.102  -3.205  1.00 66.20 ? 102 ARG A CZ  1 
ATOM   803  N  NH1 . ARG A 1 102 ? 24.919  -2.411  -3.418  1.00 64.95 ? 102 ARG A NH1 1 
ATOM   804  N  NH2 . ARG A 1 102 ? 25.727  -0.604  -2.284  1.00 65.58 ? 102 ARG A NH2 1 
ATOM   805  N  N   . LYS A 1 103 ? 19.757  4.289   -6.622  1.00 43.43 ? 103 LYS A N   1 
ATOM   806  C  CA  . LYS A 1 103 ? 19.206  5.661   -6.399  1.00 46.60 ? 103 LYS A CA  1 
ATOM   807  C  C   . LYS A 1 103 ? 17.991  5.603   -5.454  1.00 44.24 ? 103 LYS A C   1 
ATOM   808  O  O   . LYS A 1 103 ? 18.000  6.293   -4.396  1.00 45.11 ? 103 LYS A O   1 
ATOM   809  C  CB  . LYS A 1 103 ? 18.884  6.207   -7.798  1.00 50.52 ? 103 LYS A CB  1 
ATOM   810  C  CG  . LYS A 1 103 ? 18.296  7.605   -7.960  1.00 56.12 ? 103 LYS A CG  1 
ATOM   811  C  CD  . LYS A 1 103 ? 18.017  7.902   -9.455  1.00 58.20 ? 103 LYS A CD  1 
ATOM   812  C  CE  . LYS A 1 103 ? 17.739  9.351   -9.809  1.00 62.00 ? 103 LYS A CE  1 
ATOM   813  N  NZ  . LYS A 1 103 ? 16.405  9.792   -9.332  1.00 62.34 ? 103 LYS A NZ  1 
ATOM   814  N  N   . VAL A 1 104 ? 16.995  4.787   -5.811  1.00 35.94 ? 104 VAL A N   1 
ATOM   815  C  CA  . VAL A 1 104 ? 15.738  4.551   -5.044  1.00 34.02 ? 104 VAL A CA  1 
ATOM   816  C  C   . VAL A 1 104 ? 16.040  3.787   -3.747  1.00 35.72 ? 104 VAL A C   1 
ATOM   817  O  O   . VAL A 1 104 ? 15.380  4.064   -2.724  1.00 39.25 ? 104 VAL A O   1 
ATOM   818  C  CB  . VAL A 1 104 ? 14.731  3.753   -5.889  1.00 32.29 ? 104 VAL A CB  1 
ATOM   819  C  CG1 . VAL A 1 104 ? 13.406  3.554   -5.173  1.00 32.89 ? 104 VAL A CG1 1 
ATOM   820  C  CG2 . VAL A 1 104 ? 14.499  4.381   -7.249  1.00 35.88 ? 104 VAL A CG2 1 
ATOM   821  N  N   . SER A 1 105 ? 16.945  2.808   -3.796  1.00 35.48 ? 105 SER A N   1 
ATOM   822  C  CA  . SER A 1 105 ? 17.274  1.914   -2.659  1.00 38.79 ? 105 SER A CA  1 
ATOM   823  C  C   . SER A 1 105 ? 17.901  2.711   -1.515  1.00 39.48 ? 105 SER A C   1 
ATOM   824  O  O   . SER A 1 105 ? 17.537  2.452   -0.357  1.00 38.14 ? 105 SER A O   1 
ATOM   825  C  CB  . SER A 1 105 ? 18.141  0.778   -3.106  1.00 41.02 ? 105 SER A CB  1 
ATOM   826  O  OG  . SER A 1 105 ? 17.470  0.029   -4.112  1.00 43.36 ? 105 SER A OG  1 
ATOM   827  N  N   . GLU A 1 106 ? 18.761  3.680   -1.822  1.00 42.96 ? 106 GLU A N   1 
ATOM   828  C  CA  . GLU A 1 106 ? 19.296  4.625   -0.800  1.00 47.14 ? 106 GLU A CA  1 
ATOM   829  C  C   . GLU A 1 106 ? 18.160  5.480   -0.217  1.00 41.72 ? 106 GLU A C   1 
ATOM   830  O  O   . GLU A 1 106 ? 18.143  5.669   0.999   1.00 47.64 ? 106 GLU A O   1 
ATOM   831  C  CB  . GLU A 1 106 ? 20.433  5.468   -1.378  1.00 52.25 ? 106 GLU A CB  1 
ATOM   832  C  CG  . GLU A 1 106 ? 21.717  4.672   -1.554  1.00 58.81 ? 106 GLU A CG  1 
ATOM   833  C  CD  . GLU A 1 106 ? 22.717  5.308   -2.500  1.00 63.95 ? 106 GLU A CD  1 
ATOM   834  O  OE1 . GLU A 1 106 ? 23.680  4.620   -2.915  1.00 68.95 ? 106 GLU A OE1 1 
ATOM   835  O  OE2 . GLU A 1 106 ? 22.526  6.494   -2.830  1.00 74.50 ? 106 GLU A OE2 1 
ATOM   836  N  N   . LEU A 1 107 ? 17.218  5.957   -1.025  1.00 38.85 ? 107 LEU A N   1 
ATOM   837  C  CA  . LEU A 1 107 ? 16.175  6.917   -0.551  1.00 37.19 ? 107 LEU A CA  1 
ATOM   838  C  C   . LEU A 1 107 ? 15.209  6.233   0.408   1.00 36.85 ? 107 LEU A C   1 
ATOM   839  O  O   . LEU A 1 107 ? 14.824  6.892   1.387   1.00 36.76 ? 107 LEU A O   1 
ATOM   840  C  CB  . LEU A 1 107 ? 15.408  7.500   -1.737  1.00 35.81 ? 107 LEU A CB  1 
ATOM   841  C  CG  . LEU A 1 107 ? 16.272  8.345   -2.651  1.00 34.35 ? 107 LEU A CG  1 
ATOM   842  C  CD1 . LEU A 1 107 ? 15.580  8.572   -3.972  1.00 34.30 ? 107 LEU A CD1 1 
ATOM   843  C  CD2 . LEU A 1 107 ? 16.612  9.648   -1.964  1.00 36.58 ? 107 LEU A CD2 1 
ATOM   844  N  N   . TYR A 1 108 ? 14.872  4.967   0.142   1.00 38.32 ? 108 TYR A N   1 
ATOM   845  C  CA  . TYR A 1 108 ? 13.893  4.166   0.924   1.00 37.84 ? 108 TYR A CA  1 
ATOM   846  C  C   . TYR A 1 108 ? 14.594  3.299   1.996   1.00 39.32 ? 108 TYR A C   1 
ATOM   847  O  O   . TYR A 1 108 ? 13.881  2.489   2.654   1.00 38.04 ? 108 TYR A O   1 
ATOM   848  C  CB  . TYR A 1 108 ? 12.971  3.424   -0.054  1.00 32.92 ? 108 TYR A CB  1 
ATOM   849  C  CG  . TYR A 1 108 ? 11.952  4.337   -0.685  1.00 31.76 ? 108 TYR A CG  1 
ATOM   850  C  CD1 . TYR A 1 108 ? 12.287  5.221   -1.704  1.00 30.85 ? 108 TYR A CD1 1 
ATOM   851  C  CD2 . TYR A 1 108 ? 10.648  4.368   -0.217  1.00 33.34 ? 108 TYR A CD2 1 
ATOM   852  C  CE1 . TYR A 1 108 ? 11.332  6.064   -2.271  1.00 31.37 ? 108 TYR A CE1 1 
ATOM   853  C  CE2 . TYR A 1 108 ? 9.681   5.200   -0.774  1.00 31.86 ? 108 TYR A CE2 1 
ATOM   854  C  CZ  . TYR A 1 108 ? 10.021  6.057   -1.800  1.00 31.07 ? 108 TYR A CZ  1 
ATOM   855  O  OH  . TYR A 1 108 ? 9.043   6.877   -2.289  1.00 29.15 ? 108 TYR A OH  1 
ATOM   856  N  N   . ASP A 1 109 ? 15.905  3.511   2.215   1.00 43.77 ? 109 ASP A N   1 
ATOM   857  C  CA  . ASP A 1 109 ? 16.737  2.926   3.307   1.00 45.81 ? 109 ASP A CA  1 
ATOM   858  C  C   . ASP A 1 109 ? 16.712  1.388   3.226   1.00 45.91 ? 109 ASP A C   1 
ATOM   859  O  O   . ASP A 1 109 ? 16.636  0.741   4.288   1.00 49.11 ? 109 ASP A O   1 
ATOM   860  C  CB  . ASP A 1 109 ? 16.294  3.447   4.682   1.00 52.36 ? 109 ASP A CB  1 
ATOM   861  C  CG  . ASP A 1 109 ? 16.498  4.948   4.875   1.00 62.88 ? 109 ASP A CG  1 
ATOM   862  O  OD1 . ASP A 1 109 ? 17.612  5.445   4.583   1.00 71.77 ? 109 ASP A OD1 1 
ATOM   863  O  OD2 . ASP A 1 109 ? 15.539  5.619   5.305   1.00 62.77 ? 109 ASP A OD2 1 
ATOM   864  N  N   . LEU A 1 110 ? 16.858  0.814   2.027   1.00 39.61 ? 110 LEU A N   1 
ATOM   865  C  CA  . LEU A 1 110 ? 16.644  -0.641  1.767   1.00 39.04 ? 110 LEU A CA  1 
ATOM   866  C  C   . LEU A 1 110 ? 17.937  -1.462  1.932   1.00 38.52 ? 110 LEU A C   1 
ATOM   867  O  O   . LEU A 1 110 ? 19.013  -0.964  1.528   1.00 40.30 ? 110 LEU A O   1 
ATOM   868  C  CB  . LEU A 1 110 ? 16.066  -0.780  0.356   1.00 39.22 ? 110 LEU A CB  1 
ATOM   869  C  CG  . LEU A 1 110 ? 14.547  -0.977  0.252   1.00 38.21 ? 110 LEU A CG  1 
ATOM   870  C  CD1 . LEU A 1 110 ? 13.761  -0.198  1.297   1.00 36.64 ? 110 LEU A CD1 1 
ATOM   871  C  CD2 . LEU A 1 110 ? 14.058  -0.614  -1.135  1.00 38.71 ? 110 LEU A CD2 1 
ATOM   872  N  N   . THR A 1 120 ? 17.579  -12.117 4.864   1.00 48.66 ? 120 THR A N   1 
ATOM   873  C  CA  . THR A 1 120 ? 17.110  -11.331 3.688   1.00 50.87 ? 120 THR A CA  1 
ATOM   874  C  C   . THR A 1 120 ? 15.650  -10.915 3.887   1.00 51.20 ? 120 THR A C   1 
ATOM   875  O  O   . THR A 1 120 ? 14.798  -11.830 4.112   1.00 52.75 ? 120 THR A O   1 
ATOM   876  C  CB  . THR A 1 120 ? 17.191  -12.107 2.368   1.00 52.53 ? 120 THR A CB  1 
ATOM   877  O  OG1 . THR A 1 120 ? 18.378  -12.895 2.358   1.00 59.22 ? 120 THR A OG1 1 
ATOM   878  C  CG2 . THR A 1 120 ? 17.178  -11.197 1.160   1.00 53.46 ? 120 THR A CG2 1 
ATOM   879  N  N   . VAL A 1 121 ? 15.384  -9.606  3.773   1.00 44.70 ? 121 VAL A N   1 
ATOM   880  C  CA  . VAL A 1 121 ? 14.071  -8.962  4.091   1.00 45.03 ? 121 VAL A CA  1 
ATOM   881  C  C   . VAL A 1 121 ? 13.611  -8.135  2.884   1.00 40.66 ? 121 VAL A C   1 
ATOM   882  O  O   . VAL A 1 121 ? 14.449  -7.747  2.082   1.00 40.49 ? 121 VAL A O   1 
ATOM   883  C  CB  . VAL A 1 121 ? 14.155  -8.104  5.370   1.00 45.50 ? 121 VAL A CB  1 
ATOM   884  C  CG1 . VAL A 1 121 ? 14.453  -8.966  6.598   1.00 45.41 ? 121 VAL A CG1 1 
ATOM   885  C  CG2 . VAL A 1 121 ? 15.176  -6.979  5.243   1.00 45.28 ? 121 VAL A CG2 1 
ATOM   886  N  N   . ARG A 1 122 ? 12.308  -7.936  2.731   1.00 37.30 ? 122 ARG A N   1 
ATOM   887  C  CA  . ARG A 1 122 ? 11.756  -7.101  1.640   1.00 38.78 ? 122 ARG A CA  1 
ATOM   888  C  C   . ARG A 1 122 ? 10.605  -6.247  2.196   1.00 34.71 ? 122 ARG A C   1 
ATOM   889  O  O   . ARG A 1 122 ? 9.749   -6.762  2.952   1.00 39.87 ? 122 ARG A O   1 
ATOM   890  C  CB  . ARG A 1 122 ? 11.422  -7.954  0.412   1.00 36.83 ? 122 ARG A CB  1 
ATOM   891  C  CG  . ARG A 1 122 ? 10.224  -8.865  0.571   1.00 38.03 ? 122 ARG A CG  1 
ATOM   892  C  CD  . ARG A 1 122 ? 10.235  -9.967  -0.471  1.00 41.35 ? 122 ARG A CD  1 
ATOM   893  N  NE  . ARG A 1 122 ? 9.080   -10.778 -0.171  1.00 40.93 ? 122 ARG A NE  1 
ATOM   894  C  CZ  . ARG A 1 122 ? 9.014   -11.637 0.825   1.00 42.10 ? 122 ARG A CZ  1 
ATOM   895  N  NH1 . ARG A 1 122 ? 10.069  -11.883 1.585   1.00 43.42 ? 122 ARG A NH1 1 
ATOM   896  N  NH2 . ARG A 1 122 ? 7.885   -12.278 1.041   1.00 46.12 ? 122 ARG A NH2 1 
ATOM   897  N  N   . SER A 1 123 ? 10.636  -4.964  1.867   1.00 29.15 ? 123 SER A N   1 
ATOM   898  C  CA  . SER A 1 123 ? 9.791   -3.929  2.480   1.00 29.10 ? 123 SER A CA  1 
ATOM   899  C  C   . SER A 1 123 ? 8.689   -3.554  1.500   1.00 32.02 ? 123 SER A C   1 
ATOM   900  O  O   . SER A 1 123 ? 8.834   -3.773  0.293   1.00 37.41 ? 123 SER A O   1 
ATOM   901  C  CB  . SER A 1 123 ? 10.609  -2.765  2.882   1.00 27.09 ? 123 SER A CB  1 
ATOM   902  O  OG  . SER A 1 123 ? 11.543  -3.171  3.853   1.00 28.32 ? 123 SER A OG  1 
ATOM   903  N  N   . LEU A 1 124 ? 7.607   -3.031  2.039   1.00 30.75 ? 124 LEU A N   1 
ATOM   904  C  CA  . LEU A 1 124 ? 6.454   -2.531  1.279   1.00 29.39 ? 124 LEU A CA  1 
ATOM   905  C  C   . LEU A 1 124 ? 6.051   -1.209  1.921   1.00 29.80 ? 124 LEU A C   1 
ATOM   906  O  O   . LEU A 1 124 ? 5.948   -1.155  3.172   1.00 30.17 ? 124 LEU A O   1 
ATOM   907  C  CB  . LEU A 1 124 ? 5.365   -3.593  1.365   1.00 28.87 ? 124 LEU A CB  1 
ATOM   908  C  CG  . LEU A 1 124 ? 3.964   -3.139  0.984   1.00 33.04 ? 124 LEU A CG  1 
ATOM   909  C  CD1 . LEU A 1 124 ? 3.129   -4.355  0.637   1.00 36.75 ? 124 LEU A CD1 1 
ATOM   910  C  CD2 . LEU A 1 124 ? 3.278   -2.335  2.088   1.00 31.44 ? 124 LEU A CD2 1 
ATOM   911  N  N   . PHE A 1 125 ? 5.835   -0.187  1.101   1.00 29.15 ? 125 PHE A N   1 
ATOM   912  C  CA  . PHE A 1 125 ? 5.480   1.180   1.543   1.00 27.72 ? 125 PHE A CA  1 
ATOM   913  C  C   . PHE A 1 125 ? 4.114   1.511   0.958   1.00 27.59 ? 125 PHE A C   1 
ATOM   914  O  O   . PHE A 1 125 ? 3.929   1.336   -0.257  1.00 27.93 ? 125 PHE A O   1 
ATOM   915  C  CB  . PHE A 1 125 ? 6.555   2.170   1.098   1.00 27.80 ? 125 PHE A CB  1 
ATOM   916  C  CG  . PHE A 1 125 ? 7.957   1.821   1.539   1.00 28.15 ? 125 PHE A CG  1 
ATOM   917  C  CD1 . PHE A 1 125 ? 8.671   0.821   0.896   1.00 29.47 ? 125 PHE A CD1 1 
ATOM   918  C  CD2 . PHE A 1 125 ? 8.566   2.497   2.585   1.00 27.67 ? 125 PHE A CD2 1 
ATOM   919  C  CE1 . PHE A 1 125 ? 9.963   0.506   1.292   1.00 30.35 ? 125 PHE A CE1 1 
ATOM   920  C  CE2 . PHE A 1 125 ? 9.859   2.192   2.975   1.00 28.69 ? 125 PHE A CE2 1 
ATOM   921  C  CZ  . PHE A 1 125 ? 10.555  1.195   2.330   1.00 30.64 ? 125 PHE A CZ  1 
ATOM   922  N  N   . ILE A 1 126 ? 3.179   1.923   1.803   1.00 26.71 ? 126 ILE A N   1 
ATOM   923  C  CA  . ILE A 1 126 ? 1.860   2.429   1.348   1.00 26.58 ? 126 ILE A CA  1 
ATOM   924  C  C   . ILE A 1 126 ? 1.977   3.943   1.397   1.00 27.99 ? 126 ILE A C   1 
ATOM   925  O  O   . ILE A 1 126 ? 2.408   4.453   2.456   1.00 27.04 ? 126 ILE A O   1 
ATOM   926  C  CB  . ILE A 1 126 ? 0.719   1.871   2.222   1.00 29.85 ? 126 ILE A CB  1 
ATOM   927  C  CG1 . ILE A 1 126 ? 0.520   0.366   1.989   1.00 28.71 ? 126 ILE A CG1 1 
ATOM   928  C  CG2 . ILE A 1 126 ? -0.562  2.655   1.988   1.00 31.17 ? 126 ILE A CG2 1 
ATOM   929  C  CD1 . ILE A 1 126 ? -0.252  -0.323  3.072   1.00 29.07 ? 126 ILE A CD1 1 
ATOM   930  N  N   . ILE A 1 127 ? 1.694   4.604   0.269   1.00 28.64 ? 127 ILE A N   1 
ATOM   931  C  CA  . ILE A 1 127 ? 1.880   6.063   0.065   1.00 28.94 ? 127 ILE A CA  1 
ATOM   932  C  C   . ILE A 1 127 ? 0.519   6.682   -0.249  1.00 30.11 ? 127 ILE A C   1 
ATOM   933  O  O   . ILE A 1 127 ? -0.182  6.162   -1.139  1.00 32.22 ? 127 ILE A O   1 
ATOM   934  C  CB  . ILE A 1 127 ? 2.928   6.336   -1.025  1.00 30.66 ? 127 ILE A CB  1 
ATOM   935  C  CG1 . ILE A 1 127 ? 4.181   5.490   -0.795  1.00 32.79 ? 127 ILE A CG1 1 
ATOM   936  C  CG2 . ILE A 1 127 ? 3.258   7.828   -1.107  1.00 30.26 ? 127 ILE A CG2 1 
ATOM   937  C  CD1 . ILE A 1 127 ? 5.252   5.654   -1.862  1.00 35.45 ? 127 ILE A CD1 1 
ATOM   938  N  N   . ASP A 1 128 ? 0.168   7.746   0.475   1.00 29.40 ? 128 ASP A N   1 
ATOM   939  C  CA  . ASP A 1 128 ? -1.152  8.412   0.385   1.00 32.69 ? 128 ASP A CA  1 
ATOM   940  C  C   . ASP A 1 128 ? -1.111  9.441   -0.752  1.00 32.95 ? 128 ASP A C   1 
ATOM   941  O  O   . ASP A 1 128 ? -0.071  9.636   -1.375  1.00 35.21 ? 128 ASP A O   1 
ATOM   942  C  CB  . ASP A 1 128 ? -1.551  8.969   1.757   1.00 33.07 ? 128 ASP A CB  1 
ATOM   943  C  CG  . ASP A 1 128 ? -0.846  10.247  2.144   1.00 34.23 ? 128 ASP A CG  1 
ATOM   944  O  OD1 . ASP A 1 128 ? -0.097  10.779  1.299   1.00 34.60 ? 128 ASP A OD1 1 
ATOM   945  O  OD2 . ASP A 1 128 ? -1.051  10.693  3.296   1.00 35.45 ? 128 ASP A OD2 1 
ATOM   946  N  N   . PRO A 1 129 ? -2.246  10.083  -1.115  1.00 30.44 ? 129 PRO A N   1 
ATOM   947  C  CA  . PRO A 1 129 ? -2.252  11.165  -2.098  1.00 30.92 ? 129 PRO A CA  1 
ATOM   948  C  C   . PRO A 1 129 ? -1.391  12.391  -1.794  1.00 29.24 ? 129 PRO A C   1 
ATOM   949  O  O   . PRO A 1 129 ? -1.105  13.049  -2.734  1.00 33.64 ? 129 PRO A O   1 
ATOM   950  C  CB  . PRO A 1 129 ? -3.705  11.655  -2.112  1.00 29.12 ? 129 PRO A CB  1 
ATOM   951  C  CG  . PRO A 1 129 ? -4.477  10.438  -1.696  1.00 29.26 ? 129 PRO A CG  1 
ATOM   952  C  CD  . PRO A 1 129 ? -3.603  9.757   -0.666  1.00 30.07 ? 129 PRO A CD  1 
ATOM   953  N  N   . ASN A 1 130 ? -1.019  12.662  -0.538  1.00 32.07 ? 130 ASN A N   1 
ATOM   954  C  CA  . ASN A 1 130 ? -0.063  13.753  -0.189  1.00 34.13 ? 130 ASN A CA  1 
ATOM   955  C  C   . ASN A 1 130 ? 1.370   13.220  -0.139  1.00 34.66 ? 130 ASN A C   1 
ATOM   956  O  O   . ASN A 1 130 ? 2.230   13.880  0.497   1.00 34.72 ? 130 ASN A O   1 
ATOM   957  C  CB  . ASN A 1 130 ? -0.379  14.441  1.135   1.00 33.27 ? 130 ASN A CB  1 
ATOM   958  C  CG  . ASN A 1 130 ? -1.833  14.828  1.213   1.00 36.09 ? 130 ASN A CG  1 
ATOM   959  O  OD1 . ASN A 1 130 ? -2.356  15.476  0.316   1.00 38.22 ? 130 ASN A OD1 1 
ATOM   960  N  ND2 . ASN A 1 130 ? -2.503  14.380  2.256   1.00 41.63 ? 130 ASN A ND2 1 
ATOM   961  N  N   . LYS A 1 131 ? 1.624   12.069  -0.758  1.00 33.91 ? 131 LYS A N   1 
ATOM   962  C  CA  . LYS A 1 131 ? 2.971   11.447  -0.823  1.00 36.22 ? 131 LYS A CA  1 
ATOM   963  C  C   . LYS A 1 131 ? 3.514   11.127  0.582   1.00 34.65 ? 131 LYS A C   1 
ATOM   964  O  O   . LYS A 1 131 ? 4.751   11.032  0.705   1.00 36.94 ? 131 LYS A O   1 
ATOM   965  C  CB  . LYS A 1 131 ? 3.955   12.381  -1.543  1.00 38.31 ? 131 LYS A CB  1 
ATOM   966  C  CG  . LYS A 1 131 ? 3.430   13.086  -2.787  1.00 38.67 ? 131 LYS A CG  1 
ATOM   967  C  CD  . LYS A 1 131 ? 2.980   12.155  -3.888  1.00 38.67 ? 131 LYS A CD  1 
ATOM   968  C  CE  . LYS A 1 131 ? 2.043   12.845  -4.856  1.00 40.74 ? 131 LYS A CE  1 
ATOM   969  N  NZ  . LYS A 1 131 ? 0.952   11.938  -5.271  1.00 43.24 ? 131 LYS A NZ  1 
ATOM   970  N  N   . LYS A 1 132 ? 2.668   10.930  1.595   1.00 33.47 ? 132 LYS A N   1 
ATOM   971  C  CA  . LYS A 1 132 ? 3.145   10.542  2.946   1.00 36.72 ? 132 LYS A CA  1 
ATOM   972  C  C   . LYS A 1 132 ? 3.189   9.015   3.020   1.00 36.20 ? 132 LYS A C   1 
ATOM   973  O  O   . LYS A 1 132 ? 2.300   8.368   2.442   1.00 32.53 ? 132 LYS A O   1 
ATOM   974  C  CB  . LYS A 1 132 ? 2.274   11.124  4.060   1.00 42.11 ? 132 LYS A CB  1 
ATOM   975  C  CG  . LYS A 1 132 ? 2.358   12.636  4.244   1.00 45.16 ? 132 LYS A CG  1 
ATOM   976  C  CD  . LYS A 1 132 ? 1.857   13.069  5.612   1.00 51.32 ? 132 LYS A CD  1 
ATOM   977  C  CE  . LYS A 1 132 ? 0.923   14.260  5.577   1.00 55.62 ? 132 LYS A CE  1 
ATOM   978  N  NZ  . LYS A 1 132 ? 1.656   15.508  5.262   1.00 60.51 ? 132 LYS A NZ  1 
ATOM   979  N  N   . VAL A 1 133 ? 4.220   8.478   3.681   1.00 34.06 ? 133 VAL A N   1 
ATOM   980  C  CA  . VAL A 1 133 ? 4.343   7.034   4.016   1.00 33.28 ? 133 VAL A CA  1 
ATOM   981  C  C   . VAL A 1 133 ? 3.384   6.741   5.177   1.00 31.50 ? 133 VAL A C   1 
ATOM   982  O  O   . VAL A 1 133 ? 3.508   7.392   6.228   1.00 32.86 ? 133 VAL A O   1 
ATOM   983  C  CB  . VAL A 1 133 ? 5.788   6.615   4.337   1.00 33.41 ? 133 VAL A CB  1 
ATOM   984  C  CG1 . VAL A 1 133 ? 5.827   5.159   4.741   1.00 38.50 ? 133 VAL A CG1 1 
ATOM   985  C  CG2 . VAL A 1 133 ? 6.729   6.826   3.167   1.00 35.03 ? 133 VAL A CG2 1 
ATOM   986  N  N   . ARG A 1 134 ? 2.467   5.795   4.972   1.00 29.95 ? 134 ARG A N   1 
ATOM   987  C  CA  . ARG A 1 134 ? 1.333   5.504   5.885   1.00 30.50 ? 134 ARG A CA  1 
ATOM   988  C  C   . ARG A 1 134 ? 1.480   4.110   6.508   1.00 29.72 ? 134 ARG A C   1 
ATOM   989  O  O   . ARG A 1 134 ? 0.873   3.861   7.541   1.00 29.57 ? 134 ARG A O   1 
ATOM   990  C  CB  . ARG A 1 134 ? 0.020   5.686   5.121   1.00 28.27 ? 134 ARG A CB  1 
ATOM   991  C  CG  . ARG A 1 134 ? -0.178  7.109   4.624   1.00 28.07 ? 134 ARG A CG  1 
ATOM   992  C  CD  . ARG A 1 134 ? -0.187  8.171   5.718   1.00 28.94 ? 134 ARG A CD  1 
ATOM   993  N  NE  . ARG A 1 134 ? -1.370  7.984   6.543   1.00 31.56 ? 134 ARG A NE  1 
ATOM   994  C  CZ  . ARG A 1 134 ? -2.599  8.394   6.227   1.00 33.59 ? 134 ARG A CZ  1 
ATOM   995  N  NH1 . ARG A 1 134 ? -2.826  9.073   5.107   1.00 35.35 ? 134 ARG A NH1 1 
ATOM   996  N  NH2 . ARG A 1 134 ? -3.605  8.095   7.027   1.00 31.76 ? 134 ARG A NH2 1 
ATOM   997  N  N   . LEU A 1 135 ? 2.255   3.231   5.894   1.00 30.76 ? 135 LEU A N   1 
ATOM   998  C  CA  . LEU A 1 135 ? 2.613   1.921   6.486   1.00 32.07 ? 135 LEU A CA  1 
ATOM   999  C  C   . LEU A 1 135 ? 3.888   1.405   5.827   1.00 31.92 ? 135 LEU A C   1 
ATOM   1000 O  O   . LEU A 1 135 ? 3.935   1.477   4.566   1.00 32.98 ? 135 LEU A O   1 
ATOM   1001 C  CB  . LEU A 1 135 ? 1.459   0.939   6.273   1.00 32.49 ? 135 LEU A CB  1 
ATOM   1002 C  CG  . LEU A 1 135 ? 1.510   -0.292  7.182   1.00 32.96 ? 135 LEU A CG  1 
ATOM   1003 C  CD1 . LEU A 1 135 ? 1.060   0.060   8.597   1.00 30.23 ? 135 LEU A CD1 1 
ATOM   1004 C  CD2 . LEU A 1 135 ? 0.679   -1.438  6.610   1.00 32.26 ? 135 LEU A CD2 1 
ATOM   1005 N  N   . ILE A 1 136 ? 4.840   0.905   6.639   1.00 31.99 ? 136 ILE A N   1 
ATOM   1006 C  CA  . ILE A 1 136 ? 6.022   0.095   6.194   1.00 34.17 ? 136 ILE A CA  1 
ATOM   1007 C  C   . ILE A 1 136 ? 5.871   -1.333  6.727   1.00 34.97 ? 136 ILE A C   1 
ATOM   1008 O  O   . ILE A 1 136 ? 5.797   -1.446  7.939   1.00 37.42 ? 136 ILE A O   1 
ATOM   1009 C  CB  . ILE A 1 136 ? 7.349   0.731   6.655   1.00 31.98 ? 136 ILE A CB  1 
ATOM   1010 C  CG1 . ILE A 1 136 ? 7.407   2.224   6.313   1.00 33.16 ? 136 ILE A CG1 1 
ATOM   1011 C  CG2 . ILE A 1 136 ? 8.548   -0.022  6.087   1.00 29.54 ? 136 ILE A CG2 1 
ATOM   1012 C  CD1 . ILE A 1 136 ? 8.627   2.946   6.868   1.00 33.13 ? 136 ILE A CD1 1 
ATOM   1013 N  N   . ILE A 1 137 ? 5.785   -2.356  5.861   1.00 37.01 ? 137 ILE A N   1 
ATOM   1014 C  CA  . ILE A 1 137 ? 5.781   -3.799  6.257   1.00 36.23 ? 137 ILE A CA  1 
ATOM   1015 C  C   . ILE A 1 137 ? 7.040   -4.456  5.692   1.00 35.96 ? 137 ILE A C   1 
ATOM   1016 O  O   . ILE A 1 137 ? 7.123   -4.578  4.465   1.00 37.87 ? 137 ILE A O   1 
ATOM   1017 C  CB  . ILE A 1 137 ? 4.521   -4.549  5.783   1.00 41.62 ? 137 ILE A CB  1 
ATOM   1018 C  CG1 . ILE A 1 137 ? 3.223   -3.838  6.167   1.00 47.01 ? 137 ILE A CG1 1 
ATOM   1019 C  CG2 . ILE A 1 137 ? 4.525   -5.979  6.320   1.00 44.73 ? 137 ILE A CG2 1 
ATOM   1020 C  CD1 . ILE A 1 137 ? 2.949   -3.850  7.665   1.00 50.67 ? 137 ILE A CD1 1 
ATOM   1021 N  N   . THR A 1 138 ? 7.943   -4.925  6.560   1.00 34.34 ? 138 THR A N   1 
ATOM   1022 C  CA  . THR A 1 138 ? 9.137   -5.729  6.194   1.00 33.72 ? 138 THR A CA  1 
ATOM   1023 C  C   . THR A 1 138 ? 8.962   -7.214  6.551   1.00 32.26 ? 138 THR A C   1 
ATOM   1024 O  O   . THR A 1 138 ? 8.809   -7.534  7.720   1.00 29.43 ? 138 THR A O   1 
ATOM   1025 C  CB  . THR A 1 138 ? 10.379  -5.121  6.831   1.00 35.35 ? 138 THR A CB  1 
ATOM   1026 O  OG1 . THR A 1 138 ? 10.421  -3.817  6.263   1.00 36.73 ? 138 THR A OG1 1 
ATOM   1027 C  CG2 . THR A 1 138 ? 11.644  -5.879  6.510   1.00 39.29 ? 138 THR A CG2 1 
ATOM   1028 N  N   . TYR A 1 139 ? 8.993   -8.100  5.557   1.00 31.61 ? 139 TYR A N   1 
ATOM   1029 C  CA  . TYR A 1 139 ? 8.899   -9.568  5.758   1.00 30.37 ? 139 TYR A CA  1 
ATOM   1030 C  C   . TYR A 1 139 ? 10.217  -10.208 5.389   1.00 29.91 ? 139 TYR A C   1 
ATOM   1031 O  O   . TYR A 1 139 ? 10.856  -9.761  4.444   1.00 29.95 ? 139 TYR A O   1 
ATOM   1032 C  CB  . TYR A 1 139 ? 7.810   -10.202 4.898   1.00 28.53 ? 139 TYR A CB  1 
ATOM   1033 C  CG  . TYR A 1 139 ? 6.468   -10.228 5.570   1.00 27.71 ? 139 TYR A CG  1 
ATOM   1034 C  CD1 . TYR A 1 139 ? 6.056   -9.196  6.392   1.00 28.49 ? 139 TYR A CD1 1 
ATOM   1035 C  CD2 . TYR A 1 139 ? 5.597   -11.271 5.356   1.00 28.09 ? 139 TYR A CD2 1 
ATOM   1036 C  CE1 . TYR A 1 139 ? 4.809   -9.207  6.996   1.00 29.48 ? 139 TYR A CE1 1 
ATOM   1037 C  CE2 . TYR A 1 139 ? 4.355   -11.307 5.959   1.00 30.94 ? 139 TYR A CE2 1 
ATOM   1038 C  CZ  . TYR A 1 139 ? 3.969   -10.278 6.793   1.00 29.02 ? 139 TYR A CZ  1 
ATOM   1039 O  OH  . TYR A 1 139 ? 2.750   -10.330 7.374   1.00 32.83 ? 139 TYR A OH  1 
ATOM   1040 N  N   . PRO A 1 140 ? 10.607  -11.288 6.102   1.00 29.77 ? 140 PRO A N   1 
ATOM   1041 C  CA  . PRO A 1 140 ? 11.805  -12.057 5.760   1.00 29.55 ? 140 PRO A CA  1 
ATOM   1042 C  C   . PRO A 1 140 ? 11.583  -12.912 4.511   1.00 27.64 ? 140 PRO A C   1 
ATOM   1043 O  O   . PRO A 1 140 ? 10.406  -13.171 4.214   1.00 27.96 ? 140 PRO A O   1 
ATOM   1044 C  CB  . PRO A 1 140 ? 12.006  -12.966 6.971   1.00 29.08 ? 140 PRO A CB  1 
ATOM   1045 C  CG  . PRO A 1 140 ? 10.594  -13.175 7.493   1.00 29.70 ? 140 PRO A CG  1 
ATOM   1046 C  CD  . PRO A 1 140 ? 9.878   -11.863 7.245   1.00 29.11 ? 140 PRO A CD  1 
ATOM   1047 N  N   . ALA A 1 141 ? 12.679  -13.348 3.876   1.00 26.99 ? 141 ALA A N   1 
ATOM   1048 C  CA  . ALA A 1 141 ? 12.698  -14.191 2.652   1.00 32.22 ? 141 ALA A CA  1 
ATOM   1049 C  C   . ALA A 1 141 ? 11.851  -15.466 2.810   1.00 31.63 ? 141 ALA A C   1 
ATOM   1050 O  O   . ALA A 1 141 ? 11.298  -15.940 1.816   1.00 33.87 ? 141 ALA A O   1 
ATOM   1051 C  CB  . ALA A 1 141 ? 14.122  -14.537 2.307   1.00 34.12 ? 141 ALA A CB  1 
ATOM   1052 N  N   . SER A 1 142 ? 11.723  -15.978 4.030   1.00 33.61 ? 142 SER A N   1 
ATOM   1053 C  CA  . SER A 1 142 ? 11.107  -17.288 4.354   1.00 36.58 ? 142 SER A CA  1 
ATOM   1054 C  C   . SER A 1 142 ? 9.603   -17.299 4.031   1.00 35.87 ? 142 SER A C   1 
ATOM   1055 O  O   . SER A 1 142 ? 9.063   -18.403 3.811   1.00 33.78 ? 142 SER A O   1 
ATOM   1056 C  CB  . SER A 1 142 ? 11.383  -17.647 5.811   1.00 35.09 ? 142 SER A CB  1 
ATOM   1057 O  OG  . SER A 1 142 ? 10.657  -16.819 6.715   1.00 36.99 ? 142 SER A OG  1 
ATOM   1058 N  N   . THR A 1 143 ? 8.958   -16.127 4.017   1.00 35.29 ? 143 THR A N   1 
ATOM   1059 C  CA  . THR A 1 143 ? 7.499   -15.974 4.244   1.00 34.42 ? 143 THR A CA  1 
ATOM   1060 C  C   . THR A 1 143 ? 6.899   -14.996 3.228   1.00 35.71 ? 143 THR A C   1 
ATOM   1061 O  O   . THR A 1 143 ? 7.105   -13.792 3.400   1.00 37.56 ? 143 THR A O   1 
ATOM   1062 C  CB  . THR A 1 143 ? 7.236   -15.490 5.678   1.00 35.27 ? 143 THR A CB  1 
ATOM   1063 O  OG1 . THR A 1 143 ? 7.887   -16.344 6.631   1.00 35.35 ? 143 THR A OG1 1 
ATOM   1064 C  CG2 . THR A 1 143 ? 5.754   -15.418 6.005   1.00 37.79 ? 143 THR A CG2 1 
ATOM   1065 N  N   . GLY A 1 144 ? 6.148   -15.480 2.238   1.00 33.71 ? 144 GLY A N   1 
ATOM   1066 C  CA  . GLY A 1 144 ? 5.332   -14.627 1.344   1.00 33.27 ? 144 GLY A CA  1 
ATOM   1067 C  C   . GLY A 1 144 ? 4.241   -13.874 2.097   1.00 35.26 ? 144 GLY A C   1 
ATOM   1068 O  O   . GLY A 1 144 ? 3.815   -14.355 3.193   1.00 36.42 ? 144 GLY A O   1 
ATOM   1069 N  N   . ARG A 1 145 ? 3.806   -12.735 1.535   1.00 39.32 ? 145 ARG A N   1 
ATOM   1070 C  CA  . ARG A 1 145 ? 2.782   -11.802 2.100   1.00 43.32 ? 145 ARG A CA  1 
ATOM   1071 C  C   . ARG A 1 145 ? 1.375   -12.335 1.837   1.00 45.39 ? 145 ARG A C   1 
ATOM   1072 O  O   . ARG A 1 145 ? 1.203   -13.147 0.917   1.00 49.28 ? 145 ARG A O   1 
ATOM   1073 C  CB  . ARG A 1 145 ? 2.857   -10.402 1.485   1.00 44.03 ? 145 ARG A CB  1 
ATOM   1074 C  CG  . ARG A 1 145 ? 4.149   -9.659  1.787   1.00 44.38 ? 145 ARG A CG  1 
ATOM   1075 C  CD  . ARG A 1 145 ? 4.390   -8.517  0.824   1.00 46.46 ? 145 ARG A CD  1 
ATOM   1076 N  NE  . ARG A 1 145 ? 5.754   -8.019  0.870   1.00 47.94 ? 145 ARG A NE  1 
ATOM   1077 C  CZ  . ARG A 1 145 ? 6.262   -7.333  1.887   1.00 52.13 ? 145 ARG A CZ  1 
ATOM   1078 N  NH1 . ARG A 1 145 ? 5.531   -7.068  2.960   1.00 52.54 ? 145 ARG A NH1 1 
ATOM   1079 N  NH2 . ARG A 1 145 ? 7.510   -6.916  1.841   1.00 56.19 ? 145 ARG A NH2 1 
ATOM   1080 N  N   . ASN A 1 146 ? 0.435   -11.927 2.688   1.00 52.51 ? 146 ASN A N   1 
ATOM   1081 C  CA  . ASN A 1 146 ? -1.027  -12.113 2.525   1.00 53.36 ? 146 ASN A CA  1 
ATOM   1082 C  C   . ASN A 1 146 ? -1.586  -10.789 2.004   1.00 53.44 ? 146 ASN A C   1 
ATOM   1083 O  O   . ASN A 1 146 ? -1.407  -9.752  2.684   1.00 58.59 ? 146 ASN A O   1 
ATOM   1084 C  CB  . ASN A 1 146 ? -1.697  -12.521 3.833   1.00 56.95 ? 146 ASN A CB  1 
ATOM   1085 C  CG  . ASN A 1 146 ? -3.186  -12.708 3.673   1.00 56.04 ? 146 ASN A CG  1 
ATOM   1086 O  OD1 . ASN A 1 146 ? -3.647  -13.104 2.604   1.00 59.81 ? 146 ASN A OD1 1 
ATOM   1087 N  ND2 . ASN A 1 146 ? -3.931  -12.450 4.735   1.00 54.16 ? 146 ASN A ND2 1 
ATOM   1088 N  N   . PHE A 1 147 ? -2.198  -10.822 0.823   1.00 54.30 ? 147 PHE A N   1 
ATOM   1089 C  CA  . PHE A 1 147 ? -2.485  -9.617  -0.002  1.00 52.53 ? 147 PHE A CA  1 
ATOM   1090 C  C   . PHE A 1 147 ? -3.870  -9.064  0.339   1.00 45.23 ? 147 PHE A C   1 
ATOM   1091 O  O   . PHE A 1 147 ? -4.080  -7.866  0.091   1.00 46.30 ? 147 PHE A O   1 
ATOM   1092 C  CB  . PHE A 1 147 ? -2.287  -9.913  -1.493  1.00 55.28 ? 147 PHE A CB  1 
ATOM   1093 C  CG  . PHE A 1 147 ? -0.852  -9.789  -1.949  1.00 55.96 ? 147 PHE A CG  1 
ATOM   1094 C  CD1 . PHE A 1 147 ? -0.333  -8.562  -2.340  1.00 54.46 ? 147 PHE A CD1 1 
ATOM   1095 C  CD2 . PHE A 1 147 ? -0.004  -10.888 -1.941  1.00 54.12 ? 147 PHE A CD2 1 
ATOM   1096 C  CE1 . PHE A 1 147 ? 0.989   -8.445  -2.741  1.00 52.53 ? 147 PHE A CE1 1 
ATOM   1097 C  CE2 . PHE A 1 147 ? 1.319   -10.765 -2.346  1.00 57.00 ? 147 PHE A CE2 1 
ATOM   1098 C  CZ  . PHE A 1 147 ? 1.814   -9.544  -2.742  1.00 53.72 ? 147 PHE A CZ  1 
ATOM   1099 N  N   . ASN A 1 148 ? -4.748  -9.899  0.902   1.00 46.85 ? 148 ASN A N   1 
ATOM   1100 C  CA  . ASN A 1 148 ? -6.009  -9.471  1.571   1.00 48.81 ? 148 ASN A CA  1 
ATOM   1101 C  C   . ASN A 1 148 ? -5.674  -8.435  2.648   1.00 48.41 ? 148 ASN A C   1 
ATOM   1102 O  O   . ASN A 1 148 ? -6.474  -7.491  2.806   1.00 51.57 ? 148 ASN A O   1 
ATOM   1103 C  CB  . ASN A 1 148 ? -6.766  -10.639 2.208   1.00 51.09 ? 148 ASN A CB  1 
ATOM   1104 C  CG  . ASN A 1 148 ? -6.815  -11.860 1.314   1.00 55.24 ? 148 ASN A CG  1 
ATOM   1105 O  OD1 . ASN A 1 148 ? -6.584  -11.735 0.111   1.00 59.49 ? 148 ASN A OD1 1 
ATOM   1106 N  ND2 . ASN A 1 148 ? -7.081  -13.032 1.885   1.00 48.56 ? 148 ASN A ND2 1 
ATOM   1107 N  N   . GLU A 1 149 ? -4.537  -8.601  3.346   1.00 44.13 ? 149 GLU A N   1 
ATOM   1108 C  CA  . GLU A 1 149 ? -4.165  -7.761  4.512   1.00 41.80 ? 149 GLU A CA  1 
ATOM   1109 C  C   . GLU A 1 149 ? -3.761  -6.364  4.029   1.00 42.82 ? 149 GLU A C   1 
ATOM   1110 O  O   . GLU A 1 149 ? -4.104  -5.371  4.713   1.00 39.91 ? 149 GLU A O   1 
ATOM   1111 C  CB  . GLU A 1 149 ? -3.069  -8.410  5.357   1.00 40.98 ? 149 GLU A CB  1 
ATOM   1112 C  CG  . GLU A 1 149 ? -2.717  -7.615  6.619   1.00 42.96 ? 149 GLU A CG  1 
ATOM   1113 C  CD  . GLU A 1 149 ? -3.859  -7.026  7.458   1.00 42.60 ? 149 GLU A CD  1 
ATOM   1114 O  OE1 . GLU A 1 149 ? -4.987  -7.577  7.458   1.00 36.80 ? 149 GLU A OE1 1 
ATOM   1115 O  OE2 . GLU A 1 149 ? -3.620  -6.006  8.131   1.00 41.48 ? 149 GLU A OE2 1 
ATOM   1116 N  N   . ILE A 1 150 ? -3.098  -6.257  2.877   1.00 45.07 ? 150 ILE A N   1 
ATOM   1117 C  CA  . ILE A 1 150 ? -2.673  -4.928  2.338   1.00 42.20 ? 150 ILE A CA  1 
ATOM   1118 C  C   . ILE A 1 150 ? -3.895  -4.151  1.833   1.00 41.12 ? 150 ILE A C   1 
ATOM   1119 O  O   . ILE A 1 150 ? -3.919  -2.912  1.977   1.00 41.46 ? 150 ILE A O   1 
ATOM   1120 C  CB  . ILE A 1 150 ? -1.628  -5.093  1.233   1.00 44.52 ? 150 ILE A CB  1 
ATOM   1121 C  CG1 . ILE A 1 150 ? -0.438  -5.930  1.702   1.00 48.77 ? 150 ILE A CG1 1 
ATOM   1122 C  CG2 . ILE A 1 150 ? -1.187  -3.723  0.740   1.00 48.94 ? 150 ILE A CG2 1 
ATOM   1123 C  CD1 . ILE A 1 150 ? 0.123   -6.838  0.630   1.00 52.01 ? 150 ILE A CD1 1 
ATOM   1124 N  N   . LEU A 1 151 ? -4.867  -4.837  1.235   1.00 40.82 ? 151 LEU A N   1 
ATOM   1125 C  CA  . LEU A 1 151 ? -6.123  -4.200  0.746   1.00 41.98 ? 151 LEU A CA  1 
ATOM   1126 C  C   . LEU A 1 151 ? -6.941  -3.719  1.953   1.00 41.09 ? 151 LEU A C   1 
ATOM   1127 O  O   . LEU A 1 151 ? -7.368  -2.538  1.960   1.00 38.34 ? 151 LEU A O   1 
ATOM   1128 C  CB  . LEU A 1 151 ? -6.929  -5.214  -0.072  1.00 42.78 ? 151 LEU A CB  1 
ATOM   1129 C  CG  . LEU A 1 151 ? -6.324  -5.644  -1.405  1.00 41.83 ? 151 LEU A CG  1 
ATOM   1130 C  CD1 . LEU A 1 151 ? -7.063  -6.849  -1.947  1.00 42.71 ? 151 LEU A CD1 1 
ATOM   1131 C  CD2 . LEU A 1 151 ? -6.349  -4.511  -2.417  1.00 42.20 ? 151 LEU A CD2 1 
ATOM   1132 N  N   . ARG A 1 152 ? -7.155  -4.613  2.929   1.00 36.28 ? 152 ARG A N   1 
ATOM   1133 C  CA  . ARG A 1 152 ? -7.827  -4.282  4.206   1.00 33.14 ? 152 ARG A CA  1 
ATOM   1134 C  C   . ARG A 1 152 ? -7.166  -3.017  4.785   1.00 32.50 ? 152 ARG A C   1 
ATOM   1135 O  O   . ARG A 1 152 ? -7.891  -2.049  5.027   1.00 29.82 ? 152 ARG A O   1 
ATOM   1136 C  CB  . ARG A 1 152 ? -7.772  -5.492  5.140   1.00 34.18 ? 152 ARG A CB  1 
ATOM   1137 C  CG  . ARG A 1 152 ? -8.794  -5.460  6.274   1.00 33.12 ? 152 ARG A CG  1 
ATOM   1138 C  CD  . ARG A 1 152 ? -8.446  -6.435  7.373   1.00 32.42 ? 152 ARG A CD  1 
ATOM   1139 N  NE  . ARG A 1 152 ? -7.263  -6.019  8.114   1.00 32.84 ? 152 ARG A NE  1 
ATOM   1140 C  CZ  . ARG A 1 152 ? -7.260  -5.229  9.186   1.00 32.25 ? 152 ARG A CZ  1 
ATOM   1141 N  NH1 . ARG A 1 152 ? -6.102  -4.912  9.758   1.00 29.66 ? 152 ARG A NH1 1 
ATOM   1142 N  NH2 . ARG A 1 152 ? -8.404  -4.776  9.680   1.00 29.61 ? 152 ARG A NH2 1 
ATOM   1143 N  N   . VAL A 1 153 ? -5.833  -2.992  4.925   1.00 32.95 ? 153 VAL A N   1 
ATOM   1144 C  CA  . VAL A 1 153 ? -5.078  -1.842  5.518   1.00 33.64 ? 153 VAL A CA  1 
ATOM   1145 C  C   . VAL A 1 153 ? -5.352  -0.580  4.700   1.00 34.00 ? 153 VAL A C   1 
ATOM   1146 O  O   . VAL A 1 153 ? -5.567  0.498   5.319   1.00 31.79 ? 153 VAL A O   1 
ATOM   1147 C  CB  . VAL A 1 153 ? -3.560  -2.110  5.617   1.00 34.17 ? 153 VAL A CB  1 
ATOM   1148 C  CG1 . VAL A 1 153 ? -2.762  -0.828  5.728   1.00 35.96 ? 153 VAL A CG1 1 
ATOM   1149 C  CG2 . VAL A 1 153 ? -3.240  -3.009  6.784   1.00 34.38 ? 153 VAL A CG2 1 
ATOM   1150 N  N   . ILE A 1 154 ? -5.332  -0.693  3.368   1.00 33.46 ? 154 ILE A N   1 
ATOM   1151 C  CA  . ILE A 1 154 ? -5.630  0.468   2.481   1.00 34.65 ? 154 ILE A CA  1 
ATOM   1152 C  C   . ILE A 1 154 ? -7.040  1.008   2.765   1.00 34.59 ? 154 ILE A C   1 
ATOM   1153 O  O   . ILE A 1 154 ? -7.174  2.253   2.876   1.00 35.89 ? 154 ILE A O   1 
ATOM   1154 C  CB  . ILE A 1 154 ? -5.421  0.143   0.990   1.00 35.89 ? 154 ILE A CB  1 
ATOM   1155 C  CG1 . ILE A 1 154 ? -3.924  0.083   0.661   1.00 37.90 ? 154 ILE A CG1 1 
ATOM   1156 C  CG2 . ILE A 1 154 ? -6.139  1.183   0.142   1.00 35.61 ? 154 ILE A CG2 1 
ATOM   1157 C  CD1 . ILE A 1 154 ? -3.562  -0.784  -0.508  1.00 36.33 ? 154 ILE A CD1 1 
ATOM   1158 N  N   . ASP A 1 155 ? -8.051  0.135   2.850   1.00 34.82 ? 155 ASP A N   1 
ATOM   1159 C  CA  . ASP A 1 155 ? -9.458  0.541   3.134   1.00 34.92 ? 155 ASP A CA  1 
ATOM   1160 C  C   . ASP A 1 155 ? -9.495  1.328   4.448   1.00 34.84 ? 155 ASP A C   1 
ATOM   1161 O  O   . ASP A 1 155 ? -10.077 2.427   4.472   1.00 37.01 ? 155 ASP A O   1 
ATOM   1162 C  CB  . ASP A 1 155 ? -10.385 -0.672  3.148   1.00 36.88 ? 155 ASP A CB  1 
ATOM   1163 C  CG  . ASP A 1 155 ? -10.596 -1.264  1.765   1.00 37.61 ? 155 ASP A CG  1 
ATOM   1164 O  OD1 . ASP A 1 155 ? -10.646 -0.475  0.790   1.00 41.60 ? 155 ASP A OD1 1 
ATOM   1165 O  OD2 . ASP A 1 155 ? -10.719 -2.502  1.668   1.00 38.46 ? 155 ASP A OD2 1 
ATOM   1166 N  N   . SER A 1 156 ? -8.826  0.820   5.481   1.00 35.17 ? 156 SER A N   1 
ATOM   1167 C  CA  . SER A 1 156 ? -8.782  1.438   6.826   1.00 33.30 ? 156 SER A CA  1 
ATOM   1168 C  C   . SER A 1 156 ? -8.151  2.820   6.706   1.00 34.65 ? 156 SER A C   1 
ATOM   1169 O  O   . SER A 1 156 ? -8.685  3.768   7.296   1.00 35.36 ? 156 SER A O   1 
ATOM   1170 C  CB  . SER A 1 156 ? -8.037  0.578   7.792   1.00 34.07 ? 156 SER A CB  1 
ATOM   1171 O  OG  . SER A 1 156 ? -7.938  1.229   9.054   1.00 38.53 ? 156 SER A OG  1 
ATOM   1172 N  N   . LEU A 1 157 ? -7.059  2.919   5.951   1.00 35.94 ? 157 LEU A N   1 
ATOM   1173 C  CA  . LEU A 1 157 ? -6.284  4.178   5.775   1.00 37.11 ? 157 LEU A CA  1 
ATOM   1174 C  C   . LEU A 1 157 ? -7.158  5.233   5.076   1.00 35.72 ? 157 LEU A C   1 
ATOM   1175 O  O   . LEU A 1 157 ? -7.214  6.382   5.526   1.00 34.43 ? 157 LEU A O   1 
ATOM   1176 C  CB  . LEU A 1 157 ? -5.028  3.844   4.960   1.00 39.30 ? 157 LEU A CB  1 
ATOM   1177 C  CG  . LEU A 1 157 ? -3.684  3.783   5.688   1.00 39.52 ? 157 LEU A CG  1 
ATOM   1178 C  CD1 . LEU A 1 157 ? -3.811  3.880   7.194   1.00 40.57 ? 157 LEU A CD1 1 
ATOM   1179 C  CD2 . LEU A 1 157 ? -2.907  2.538   5.301   1.00 39.81 ? 157 LEU A CD2 1 
ATOM   1180 N  N   . GLN A 1 158 ? -7.860  4.844   4.022   1.00 34.92 ? 158 GLN A N   1 
ATOM   1181 C  CA  . GLN A 1 158 ? -8.692  5.772   3.220   1.00 34.75 ? 158 GLN A CA  1 
ATOM   1182 C  C   . GLN A 1 158 ? -9.841  6.312   4.083   1.00 35.58 ? 158 GLN A C   1 
ATOM   1183 O  O   . GLN A 1 158 ? -10.107 7.521   4.031   1.00 33.43 ? 158 GLN A O   1 
ATOM   1184 C  CB  . GLN A 1 158 ? -9.150  5.046   1.949   1.00 36.96 ? 158 GLN A CB  1 
ATOM   1185 C  CG  . GLN A 1 158 ? -8.000  4.807   0.969   1.00 39.73 ? 158 GLN A CG  1 
ATOM   1186 C  CD  . GLN A 1 158 ? -8.384  4.267   -0.391  1.00 40.57 ? 158 GLN A CD  1 
ATOM   1187 O  OE1 . GLN A 1 158 ? -9.389  3.586   -0.561  1.00 39.73 ? 158 GLN A OE1 1 
ATOM   1188 N  NE2 . GLN A 1 158 ? -7.570  4.587   -1.386  1.00 38.99 ? 158 GLN A NE2 1 
ATOM   1189 N  N   . LEU A 1 159 ? -10.502 5.434   4.844   1.00 37.05 ? 159 LEU A N   1 
ATOM   1190 C  CA  . LEU A 1 159 ? -11.698 5.771   5.658   1.00 36.14 ? 159 LEU A CA  1 
ATOM   1191 C  C   . LEU A 1 159 ? -11.273 6.726   6.777   1.00 33.01 ? 159 LEU A C   1 
ATOM   1192 O  O   . LEU A 1 159 ? -12.022 7.688   7.020   1.00 30.01 ? 159 LEU A O   1 
ATOM   1193 C  CB  . LEU A 1 159 ? -12.347 4.482   6.191   1.00 35.27 ? 159 LEU A CB  1 
ATOM   1194 C  CG  . LEU A 1 159 ? -13.397 4.649   7.286   1.00 35.05 ? 159 LEU A CG  1 
ATOM   1195 C  CD1 . LEU A 1 159 ? -14.641 5.367   6.791   1.00 36.74 ? 159 LEU A CD1 1 
ATOM   1196 C  CD2 . LEU A 1 159 ? -13.774 3.307   7.888   1.00 34.99 ? 159 LEU A CD2 1 
ATOM   1197 N  N   . THR A 1 160 ? -10.105 6.494   7.392   1.00 32.59 ? 160 THR A N   1 
ATOM   1198 C  CA  . THR A 1 160 ? -9.628  7.257   8.588   1.00 35.00 ? 160 THR A CA  1 
ATOM   1199 C  C   . THR A 1 160 ? -9.022  8.608   8.194   1.00 36.95 ? 160 THR A C   1 
ATOM   1200 O  O   . THR A 1 160 ? -8.911  9.464   9.078   1.00 34.81 ? 160 THR A O   1 
ATOM   1201 C  CB  . THR A 1 160 ? -8.650  6.454   9.449   1.00 33.45 ? 160 THR A CB  1 
ATOM   1202 O  OG1 . THR A 1 160 ? -7.510  6.067   8.690   1.00 33.25 ? 160 THR A OG1 1 
ATOM   1203 C  CG2 . THR A 1 160 ? -9.303  5.220   10.032  1.00 34.20 ? 160 THR A CG2 1 
ATOM   1204 N  N   . ASP A 1 161 ? -8.675  8.790   6.918   1.00 41.43 ? 161 ASP A N   1 
ATOM   1205 C  CA  . ASP A 1 161 ? -8.303  10.102  6.336   1.00 40.22 ? 161 ASP A CA  1 
ATOM   1206 C  C   . ASP A 1 161 ? -9.559  10.934  6.094   1.00 41.13 ? 161 ASP A C   1 
ATOM   1207 O  O   . ASP A 1 161 ? -9.499  12.139  6.333   1.00 34.28 ? 161 ASP A O   1 
ATOM   1208 C  CB  . ASP A 1 161 ? -7.506  9.920   5.049   1.00 42.29 ? 161 ASP A CB  1 
ATOM   1209 C  CG  . ASP A 1 161 ? -6.025  9.803   5.326   1.00 44.79 ? 161 ASP A CG  1 
ATOM   1210 O  OD1 . ASP A 1 161 ? -5.684  9.618   6.509   1.00 46.31 ? 161 ASP A OD1 1 
ATOM   1211 O  OD2 . ASP A 1 161 ? -5.224  9.909   4.363   1.00 53.39 ? 161 ASP A OD2 1 
ATOM   1212 N  N   . GLU A 1 162 ? -10.653 10.310  5.648   1.00 44.93 ? 162 GLU A N   1 
ATOM   1213 C  CA  . GLU A 1 162 ? -11.904 11.040  5.315   1.00 48.33 ? 162 GLU A CA  1 
ATOM   1214 C  C   . GLU A 1 162 ? -12.722 11.281  6.593   1.00 47.41 ? 162 GLU A C   1 
ATOM   1215 O  O   . GLU A 1 162 ? -13.402 12.329  6.687   1.00 44.59 ? 162 GLU A O   1 
ATOM   1216 C  CB  . GLU A 1 162 ? -12.729 10.291  4.264   1.00 56.35 ? 162 GLU A CB  1 
ATOM   1217 C  CG  . GLU A 1 162 ? -13.166 11.134  3.043   1.00 66.65 ? 162 GLU A CG  1 
ATOM   1218 C  CD  . GLU A 1 162 ? -12.843 12.634  2.984   1.00 72.44 ? 162 GLU A CD  1 
ATOM   1219 O  OE1 . GLU A 1 162 ? -11.732 12.997  2.485   1.00 68.92 ? 162 GLU A OE1 1 
ATOM   1220 O  OE2 . GLU A 1 162 ? -13.707 13.456  3.412   1.00 66.80 ? 162 GLU A OE2 1 
ATOM   1221 N  N   . HIS A 1 163 ? -12.701 10.351  7.543   1.00 44.64 ? 163 HIS A N   1 
ATOM   1222 C  CA  . HIS A 1 163 ? -13.565 10.435  8.748   1.00 42.30 ? 163 HIS A CA  1 
ATOM   1223 C  C   . HIS A 1 163 ? -12.718 10.310  10.008  1.00 40.47 ? 163 HIS A C   1 
ATOM   1224 O  O   . HIS A 1 163 ? -11.619 9.732   9.929   1.00 43.26 ? 163 HIS A O   1 
ATOM   1225 C  CB  . HIS A 1 163 ? -14.665 9.380   8.690   1.00 42.54 ? 163 HIS A CB  1 
ATOM   1226 C  CG  . HIS A 1 163 ? -15.638 9.597   7.588   1.00 42.85 ? 163 HIS A CG  1 
ATOM   1227 N  ND1 . HIS A 1 163 ? -15.450 9.055   6.316   1.00 43.22 ? 163 HIS A ND1 1 
ATOM   1228 C  CD2 . HIS A 1 163 ? -16.800 10.287  7.562   1.00 41.33 ? 163 HIS A CD2 1 
ATOM   1229 C  CE1 . HIS A 1 163 ? -16.471 9.394   5.559   1.00 42.09 ? 163 HIS A CE1 1 
ATOM   1230 N  NE2 . HIS A 1 163 ? -17.314 10.154  6.303   1.00 42.29 ? 163 HIS A NE2 1 
ATOM   1231 N  N   . LYS A 1 164 ? -13.230 10.843  11.114  1.00 40.18 ? 164 LYS A N   1 
ATOM   1232 C  CA  . LYS A 1 164 ? -12.518 10.940  12.415  1.00 40.68 ? 164 LYS A CA  1 
ATOM   1233 C  C   . LYS A 1 164 ? -12.820 9.659   13.195  1.00 38.97 ? 164 LYS A C   1 
ATOM   1234 O  O   . LYS A 1 164 ? -13.441 9.698   14.271  1.00 36.80 ? 164 LYS A O   1 
ATOM   1235 C  CB  . LYS A 1 164 ? -12.887 12.255  13.095  1.00 42.05 ? 164 LYS A CB  1 
ATOM   1236 C  CG  . LYS A 1 164 ? -12.429 13.458  12.293  1.00 44.07 ? 164 LYS A CG  1 
ATOM   1237 C  CD  . LYS A 1 164 ? -12.282 14.740  13.065  1.00 45.48 ? 164 LYS A CD  1 
ATOM   1238 C  CE  . LYS A 1 164 ? -11.494 15.781  12.292  1.00 44.16 ? 164 LYS A CE  1 
ATOM   1239 N  NZ  . LYS A 1 164 ? -10.911 16.776  13.213  1.00 42.54 ? 164 LYS A NZ  1 
ATOM   1240 N  N   . VAL A 1 165 ? -12.384 8.550   12.614  1.00 35.02 ? 165 VAL A N   1 
ATOM   1241 C  CA  . VAL A 1 165 ? -12.606 7.189   13.151  1.00 32.81 ? 165 VAL A CA  1 
ATOM   1242 C  C   . VAL A 1 165 ? -11.272 6.457   13.101  1.00 31.35 ? 165 VAL A C   1 
ATOM   1243 O  O   . VAL A 1 165 ? -10.385 6.895   12.347  1.00 31.92 ? 165 VAL A O   1 
ATOM   1244 C  CB  . VAL A 1 165 ? -13.727 6.442   12.400  1.00 31.02 ? 165 VAL A CB  1 
ATOM   1245 C  CG1 . VAL A 1 165 ? -15.019 7.235   12.450  1.00 32.61 ? 165 VAL A CG1 1 
ATOM   1246 C  CG2 . VAL A 1 165 ? -13.358 6.077   10.974  1.00 30.53 ? 165 VAL A CG2 1 
ATOM   1247 N  N   . ALA A 1 166 ? -11.131 5.443   13.948  1.00 32.05 ? 166 ALA A N   1 
ATOM   1248 C  CA  . ALA A 1 166 ? -10.118 4.387   13.800  1.00 33.13 ? 166 ALA A CA  1 
ATOM   1249 C  C   . ALA A 1 166 ? -10.857 3.076   13.573  1.00 31.63 ? 166 ALA A C   1 
ATOM   1250 O  O   . ALA A 1 166 ? -12.043 2.997   13.954  1.00 28.75 ? 166 ALA A O   1 
ATOM   1251 C  CB  . ALA A 1 166 ? -9.237  4.351   15.014  1.00 37.19 ? 166 ALA A CB  1 
ATOM   1252 N  N   . THR A 1 167 ? -10.181 2.106   12.959  1.00 28.91 ? 167 THR A N   1 
ATOM   1253 C  CA  . THR A 1 167 ? -10.754 0.768   12.699  1.00 29.14 ? 167 THR A CA  1 
ATOM   1254 C  C   . THR A 1 167 ? -10.341 -0.189  13.814  1.00 29.61 ? 167 THR A C   1 
ATOM   1255 O  O   . THR A 1 167 ? -9.168  -0.320  14.150  1.00 31.59 ? 167 THR A O   1 
ATOM   1256 C  CB  . THR A 1 167 ? -10.428 0.314   11.275  1.00 27.07 ? 167 THR A CB  1 
ATOM   1257 O  OG1 . THR A 1 167 ? -9.020  0.175   11.126  1.00 28.80 ? 167 THR A OG1 1 
ATOM   1258 C  CG2 . THR A 1 167 ? -10.977 1.292   10.262  1.00 26.76 ? 167 THR A CG2 1 
ATOM   1259 N  N   . PRO A 1 168 ? -11.305 -0.899  14.428  1.00 31.71 ? 168 PRO A N   1 
ATOM   1260 C  CA  . PRO A 1 168 ? -10.970 -1.881  15.456  1.00 34.20 ? 168 PRO A CA  1 
ATOM   1261 C  C   . PRO A 1 168 ? -10.279 -3.145  14.917  1.00 33.07 ? 168 PRO A C   1 
ATOM   1262 O  O   . PRO A 1 168 ? -10.187 -3.302  13.737  1.00 33.74 ? 168 PRO A O   1 
ATOM   1263 C  CB  . PRO A 1 168 ? -12.334 -2.148  16.119  1.00 36.54 ? 168 PRO A CB  1 
ATOM   1264 C  CG  . PRO A 1 168 ? -13.383 -1.809  15.076  1.00 35.38 ? 168 PRO A CG  1 
ATOM   1265 C  CD  . PRO A 1 168 ? -12.752 -0.742  14.213  1.00 34.51 ? 168 PRO A CD  1 
ATOM   1266 N  N   . ALA A 1 169 ? -9.751  -3.996  15.801  1.00 35.41 ? 169 ALA A N   1 
ATOM   1267 C  CA  . ALA A 1 169 ? -9.185  -5.316  15.439  1.00 35.06 ? 169 ALA A CA  1 
ATOM   1268 C  C   . ALA A 1 169 ? -10.194 -6.069  14.556  1.00 40.65 ? 169 ALA A C   1 
ATOM   1269 O  O   . ALA A 1 169 ? -11.420 -5.957  14.811  1.00 41.17 ? 169 ALA A O   1 
ATOM   1270 C  CB  . ALA A 1 169 ? -8.860  -6.084  16.692  1.00 34.31 ? 169 ALA A CB  1 
ATOM   1271 N  N   . ASN A 1 170 ? -9.716  -6.806  13.544  1.00 45.20 ? 170 ASN A N   1 
ATOM   1272 C  CA  . ASN A 1 170 ? -10.566 -7.659  12.664  1.00 44.79 ? 170 ASN A CA  1 
ATOM   1273 C  C   . ASN A 1 170 ? -11.691 -6.799  12.048  1.00 42.04 ? 170 ASN A C   1 
ATOM   1274 O  O   . ASN A 1 170 ? -12.789 -7.325  11.761  1.00 35.72 ? 170 ASN A O   1 
ATOM   1275 C  CB  . ASN A 1 170 ? -11.087 -8.884  13.425  1.00 47.91 ? 170 ASN A CB  1 
ATOM   1276 C  CG  . ASN A 1 170 ? -10.026 -9.926  13.739  1.00 50.44 ? 170 ASN A CG  1 
ATOM   1277 O  OD1 . ASN A 1 170 ? -8.833  -9.756  13.454  1.00 49.41 ? 170 ASN A OD1 1 
ATOM   1278 N  ND2 . ASN A 1 170 ? -10.468 -11.028 14.322  1.00 45.84 ? 170 ASN A ND2 1 
ATOM   1279 N  N   . TRP A 1 171 ? -11.405 -5.520  11.807  1.00 38.34 ? 171 TRP A N   1 
ATOM   1280 C  CA  . TRP A 1 171 ? -12.250 -4.635  10.966  1.00 37.92 ? 171 TRP A CA  1 
ATOM   1281 C  C   . TRP A 1 171 ? -12.005 -4.993  9.500   1.00 36.05 ? 171 TRP A C   1 
ATOM   1282 O  O   . TRP A 1 171 ? -10.853 -5.209  9.128   1.00 35.74 ? 171 TRP A O   1 
ATOM   1283 C  CB  . TRP A 1 171 ? -11.976 -3.151  11.236  1.00 33.98 ? 171 TRP A CB  1 
ATOM   1284 C  CG  . TRP A 1 171 ? -12.669 -2.230  10.283  1.00 32.23 ? 171 TRP A CG  1 
ATOM   1285 C  CD1 . TRP A 1 171 ? -13.892 -1.648  10.449  1.00 30.79 ? 171 TRP A CD1 1 
ATOM   1286 C  CD2 . TRP A 1 171 ? -12.191 -1.794  8.998   1.00 32.48 ? 171 TRP A CD2 1 
ATOM   1287 N  NE1 . TRP A 1 171 ? -14.187 -0.858  9.381   1.00 29.77 ? 171 TRP A NE1 1 
ATOM   1288 C  CE2 . TRP A 1 171 ? -13.177 -0.939  8.465   1.00 29.36 ? 171 TRP A CE2 1 
ATOM   1289 C  CE3 . TRP A 1 171 ? -11.034 -2.038  8.246   1.00 34.60 ? 171 TRP A CE3 1 
ATOM   1290 C  CZ2 . TRP A 1 171 ? -13.043 -0.334  7.222   1.00 30.37 ? 171 TRP A CZ2 1 
ATOM   1291 C  CZ3 . TRP A 1 171 ? -10.901 -1.434  7.009   1.00 32.50 ? 171 TRP A CZ3 1 
ATOM   1292 C  CH2 . TRP A 1 171 ? -11.900 -0.597  6.505   1.00 31.98 ? 171 TRP A CH2 1 
ATOM   1293 N  N   . GLU A 1 172 ? -13.089 -5.052  8.738   1.00 39.10 ? 172 GLU A N   1 
ATOM   1294 C  CA  . GLU A 1 172 ? -13.143 -5.224  7.267   1.00 43.56 ? 172 GLU A CA  1 
ATOM   1295 C  C   . GLU A 1 172 ? -14.010 -4.089  6.738   1.00 41.33 ? 172 GLU A C   1 
ATOM   1296 O  O   . GLU A 1 172 ? -14.931 -3.689  7.466   1.00 41.20 ? 172 GLU A O   1 
ATOM   1297 C  CB  . GLU A 1 172 ? -13.791 -6.576  6.954   1.00 51.10 ? 172 GLU A CB  1 
ATOM   1298 C  CG  . GLU A 1 172 ? -13.146 -7.329  5.807   1.00 58.03 ? 172 GLU A CG  1 
ATOM   1299 C  CD  . GLU A 1 172 ? -13.259 -8.840  5.933   1.00 58.42 ? 172 GLU A CD  1 
ATOM   1300 O  OE1 . GLU A 1 172 ? -14.404 -9.328  6.042   1.00 55.58 ? 172 GLU A OE1 1 
ATOM   1301 O  OE2 . GLU A 1 172 ? -12.199 -9.521  5.959   1.00 64.34 ? 172 GLU A OE2 1 
ATOM   1302 N  N   . ASP A 1 173 ? -13.791 -3.614  5.517   1.00 44.40 ? 173 ASP A N   1 
ATOM   1303 C  CA  . ASP A 1 173 ? -14.623 -2.513  4.951   1.00 44.18 ? 173 ASP A CA  1 
ATOM   1304 C  C   . ASP A 1 173 ? -16.134 -2.795  5.153   1.00 38.35 ? 173 ASP A C   1 
ATOM   1305 O  O   . ASP A 1 173 ? -16.656 -3.814  4.664   1.00 38.97 ? 173 ASP A O   1 
ATOM   1306 C  CB  . ASP A 1 173 ? -14.270 -2.239  3.492   1.00 47.25 ? 173 ASP A CB  1 
ATOM   1307 C  CG  . ASP A 1 173 ? -14.827 -0.909  3.030   1.00 46.45 ? 173 ASP A CG  1 
ATOM   1308 O  OD1 . ASP A 1 173 ? -14.379 0.117   3.556   1.00 50.50 ? 173 ASP A OD1 1 
ATOM   1309 O  OD2 . ASP A 1 173 ? -15.748 -0.920  2.204   1.00 49.82 ? 173 ASP A OD2 1 
ATOM   1310 N  N   . GLY A 1 174 ? -16.821 -1.910  5.871   1.00 34.59 ? 174 GLY A N   1 
ATOM   1311 C  CA  . GLY A 1 174 ? -18.244 -2.058  6.230   1.00 35.78 ? 174 GLY A CA  1 
ATOM   1312 C  C   . GLY A 1 174 ? -18.470 -2.234  7.727   1.00 33.28 ? 174 GLY A C   1 
ATOM   1313 O  O   . GLY A 1 174 ? -19.555 -1.853  8.212   1.00 33.13 ? 174 GLY A O   1 
ATOM   1314 N  N   . ASP A 1 175 ? -17.501 -2.805  8.445   1.00 32.88 ? 175 ASP A N   1 
ATOM   1315 C  CA  . ASP A 1 175 ? -17.605 -3.064  9.905   1.00 33.87 ? 175 ASP A CA  1 
ATOM   1316 C  C   . ASP A 1 175 ? -17.763 -1.734  10.652  1.00 32.10 ? 175 ASP A C   1 
ATOM   1317 O  O   . ASP A 1 175 ? -17.363 -0.667  10.143  1.00 31.57 ? 175 ASP A O   1 
ATOM   1318 C  CB  . ASP A 1 175 ? -16.429 -3.925  10.391  1.00 33.47 ? 175 ASP A CB  1 
ATOM   1319 C  CG  . ASP A 1 175 ? -16.584 -5.393  10.036  1.00 33.96 ? 175 ASP A CG  1 
ATOM   1320 O  OD1 . ASP A 1 175 ? -17.676 -5.768  9.574   1.00 37.33 ? 175 ASP A OD1 1 
ATOM   1321 O  OD2 . ASP A 1 175 ? -15.621 -6.162  10.237  1.00 39.90 ? 175 ASP A OD2 1 
ATOM   1322 N  N   . GLU A 1 176 ? -18.383 -1.818  11.816  1.00 33.05 ? 176 GLU A N   1 
ATOM   1323 C  CA  . GLU A 1 176 ? -18.497 -0.754  12.850  1.00 35.05 ? 176 GLU A CA  1 
ATOM   1324 C  C   . GLU A 1 176 ? -17.115 -0.240  13.277  1.00 31.59 ? 176 GLU A C   1 
ATOM   1325 O  O   . GLU A 1 176 ? -16.160 -1.030  13.463  1.00 29.41 ? 176 GLU A O   1 
ATOM   1326 C  CB  . GLU A 1 176 ? -19.231 -1.352  14.054  1.00 39.95 ? 176 GLU A CB  1 
ATOM   1327 C  CG  . GLU A 1 176 ? -19.410 -0.404  15.225  1.00 45.33 ? 176 GLU A CG  1 
ATOM   1328 C  CD  . GLU A 1 176 ? -20.272 -0.963  16.349  1.00 45.97 ? 176 GLU A CD  1 
ATOM   1329 O  OE1 . GLU A 1 176 ? -21.485 -0.607  16.426  1.00 48.76 ? 176 GLU A OE1 1 
ATOM   1330 O  OE2 . GLU A 1 176 ? -19.725 -1.739  17.161  1.00 41.54 ? 176 GLU A OE2 1 
ATOM   1331 N  N   . VAL A 1 177 ? -17.015 1.058   13.498  1.00 31.83 ? 177 VAL A N   1 
ATOM   1332 C  CA  . VAL A 1 177 ? -15.710 1.682   13.848  1.00 32.77 ? 177 VAL A CA  1 
ATOM   1333 C  C   . VAL A 1 177 ? -15.836 2.424   15.173  1.00 32.40 ? 177 VAL A C   1 
ATOM   1334 O  O   . VAL A 1 177 ? -16.893 2.361   15.826  1.00 33.56 ? 177 VAL A O   1 
ATOM   1335 C  CB  . VAL A 1 177 ? -15.202 2.613   12.733  1.00 30.91 ? 177 VAL A CB  1 
ATOM   1336 C  CG1 . VAL A 1 177 ? -15.054 1.869   11.411  1.00 33.24 ? 177 VAL A CG1 1 
ATOM   1337 C  CG2 . VAL A 1 177 ? -16.081 3.836   12.586  1.00 31.62 ? 177 VAL A CG2 1 
ATOM   1338 N  N   . VAL A 1 178 ? -14.771 3.138   15.494  1.00 33.54 ? 178 VAL A N   1 
ATOM   1339 C  CA  . VAL A 1 178 ? -14.500 3.797   16.797  1.00 33.99 ? 178 VAL A CA  1 
ATOM   1340 C  C   . VAL A 1 178 ? -14.290 5.292   16.537  1.00 31.06 ? 178 VAL A C   1 
ATOM   1341 O  O   . VAL A 1 178 ? -13.474 5.599   15.678  1.00 27.12 ? 178 VAL A O   1 
ATOM   1342 C  CB  . VAL A 1 178 ? -13.251 3.132   17.390  1.00 34.49 ? 178 VAL A CB  1 
ATOM   1343 C  CG1 . VAL A 1 178 ? -12.395 4.103   18.166  1.00 35.40 ? 178 VAL A CG1 1 
ATOM   1344 C  CG2 . VAL A 1 178 ? -13.621 1.922   18.223  1.00 35.59 ? 178 VAL A CG2 1 
ATOM   1345 N  N   . ILE A 1 179 ? -14.991 6.180   17.244  1.00 28.62 ? 179 ILE A N   1 
ATOM   1346 C  CA  . ILE A 1 179 ? -14.727 7.639   17.142  1.00 30.09 ? 179 ILE A CA  1 
ATOM   1347 C  C   . ILE A 1 179 ? -13.305 7.867   17.655  1.00 30.32 ? 179 ILE A C   1 
ATOM   1348 O  O   . ILE A 1 179 ? -12.982 7.337   18.711  1.00 33.69 ? 179 ILE A O   1 
ATOM   1349 C  CB  . ILE A 1 179 ? -15.765 8.478   17.904  1.00 30.15 ? 179 ILE A CB  1 
ATOM   1350 C  CG1 . ILE A 1 179 ? -17.170 8.329   17.311  1.00 31.07 ? 179 ILE A CG1 1 
ATOM   1351 C  CG2 . ILE A 1 179 ? -15.334 9.940   17.952  1.00 32.58 ? 179 ILE A CG2 1 
ATOM   1352 C  CD1 . ILE A 1 179 ? -18.222 9.212   17.981  1.00 30.28 ? 179 ILE A CD1 1 
ATOM   1353 N  N   . VAL A 1 180 ? -12.476 8.593   16.917  1.00 32.33 ? 180 VAL A N   1 
ATOM   1354 C  CA  . VAL A 1 180 ? -11.040 8.768   17.270  1.00 36.05 ? 180 VAL A CA  1 
ATOM   1355 C  C   . VAL A 1 180 ? -10.996 9.503   18.616  1.00 39.35 ? 180 VAL A C   1 
ATOM   1356 O  O   . VAL A 1 180 ? -11.833 10.363  18.875  1.00 36.85 ? 180 VAL A O   1 
ATOM   1357 C  CB  . VAL A 1 180 ? -10.294 9.491   16.138  1.00 40.94 ? 180 VAL A CB  1 
ATOM   1358 C  CG1 . VAL A 1 180 ? -10.521 11.004  16.168  1.00 43.64 ? 180 VAL A CG1 1 
ATOM   1359 C  CG2 . VAL A 1 180 ? -8.809  9.160   16.138  1.00 44.69 ? 180 VAL A CG2 1 
ATOM   1360 N  N   . PRO A 1 181 ? -10.076 9.146   19.548  1.00 41.75 ? 181 PRO A N   1 
ATOM   1361 C  CA  . PRO A 1 181 ? -10.149 9.631   20.933  1.00 42.87 ? 181 PRO A CA  1 
ATOM   1362 C  C   . PRO A 1 181 ? -9.995  11.155  21.117  1.00 41.20 ? 181 PRO A C   1 
ATOM   1363 O  O   . PRO A 1 181 ? -10.613 11.706  22.008  1.00 39.78 ? 181 PRO A O   1 
ATOM   1364 C  CB  . PRO A 1 181 ? -8.993  8.891   21.639  1.00 41.74 ? 181 PRO A CB  1 
ATOM   1365 C  CG  . PRO A 1 181 ? -8.646  7.722   20.731  1.00 38.27 ? 181 PRO A CG  1 
ATOM   1366 C  CD  . PRO A 1 181 ? -8.945  8.219   19.336  1.00 39.95 ? 181 PRO A CD  1 
ATOM   1367 N  N   . SER A 1 182 ? -9.189  11.795  20.272  1.00 41.66 ? 182 SER A N   1 
ATOM   1368 C  CA  . SER A 1 182 ? -8.931  13.263  20.258  1.00 42.91 ? 182 SER A CA  1 
ATOM   1369 C  C   . SER A 1 182 ? -10.213 14.083  20.023  1.00 42.01 ? 182 SER A C   1 
ATOM   1370 O  O   . SER A 1 182 ? -10.218 15.271  20.399  1.00 37.56 ? 182 SER A O   1 
ATOM   1371 C  CB  . SER A 1 182 ? -7.899  13.594  19.216  1.00 43.07 ? 182 SER A CB  1 
ATOM   1372 O  OG  . SER A 1 182 ? -8.018  12.711  18.111  1.00 42.84 ? 182 SER A OG  1 
ATOM   1373 N  N   . LEU A 1 183 ? -11.246 13.503  19.402  1.00 40.57 ? 183 LEU A N   1 
ATOM   1374 C  CA  . LEU A 1 183 ? -12.487 14.237  19.046  1.00 38.30 ? 183 LEU A CA  1 
ATOM   1375 C  C   . LEU A 1 183 ? -13.440 14.149  20.226  1.00 37.31 ? 183 LEU A C   1 
ATOM   1376 O  O   . LEU A 1 183 ? -14.000 13.079  20.434  1.00 39.79 ? 183 LEU A O   1 
ATOM   1377 C  CB  . LEU A 1 183 ? -13.122 13.649  17.784  1.00 40.95 ? 183 LEU A CB  1 
ATOM   1378 C  CG  . LEU A 1 183 ? -14.496 14.214  17.411  1.00 44.41 ? 183 LEU A CG  1 
ATOM   1379 C  CD1 . LEU A 1 183 ? -14.431 15.728  17.226  1.00 44.66 ? 183 LEU A CD1 1 
ATOM   1380 C  CD2 . LEU A 1 183 ? -15.064 13.539  16.159  1.00 43.25 ? 183 LEU A CD2 1 
ATOM   1381 N  N   . LYS A 1 184 ? -13.618 15.257  20.937  1.00 40.68 ? 184 LYS A N   1 
ATOM   1382 C  CA  . LYS A 1 184 ? -14.386 15.339  22.205  1.00 44.73 ? 184 LYS A CA  1 
ATOM   1383 C  C   . LYS A 1 184 ? -15.586 16.298  22.079  1.00 46.26 ? 184 LYS A C   1 
ATOM   1384 O  O   . LYS A 1 184 ? -16.560 16.072  22.791  1.00 45.45 ? 184 LYS A O   1 
ATOM   1385 C  CB  . LYS A 1 184 ? -13.414 15.709  23.327  1.00 45.15 ? 184 LYS A CB  1 
ATOM   1386 C  CG  . LYS A 1 184 ? -12.745 14.504  23.972  1.00 48.64 ? 184 LYS A CG  1 
ATOM   1387 C  CD  . LYS A 1 184 ? -11.505 14.822  24.786  1.00 53.14 ? 184 LYS A CD  1 
ATOM   1388 C  CE  . LYS A 1 184 ? -10.741 13.578  25.195  1.00 52.91 ? 184 LYS A CE  1 
ATOM   1389 N  NZ  . LYS A 1 184 ? -9.577  13.334  24.309  1.00 52.58 ? 184 LYS A NZ  1 
ATOM   1390 N  N   . ASP A 1 185 ? -15.535 17.319  21.217  1.00 50.65 ? 185 ASP A N   1 
ATOM   1391 C  CA  . ASP A 1 185 ? -16.639 18.299  21.014  1.00 53.09 ? 185 ASP A CA  1 
ATOM   1392 C  C   . ASP A 1 185 ? -17.931 17.538  20.659  1.00 52.43 ? 185 ASP A C   1 
ATOM   1393 O  O   . ASP A 1 185 ? -17.980 16.896  19.585  1.00 43.53 ? 185 ASP A O   1 
ATOM   1394 C  CB  . ASP A 1 185 ? -16.236 19.330  19.950  1.00 59.14 ? 185 ASP A CB  1 
ATOM   1395 C  CG  . ASP A 1 185 ? -17.067 20.604  19.893  1.00 63.30 ? 185 ASP A CG  1 
ATOM   1396 O  OD1 . ASP A 1 185 ? -18.075 20.703  20.621  1.00 71.67 ? 185 ASP A OD1 1 
ATOM   1397 O  OD2 . ASP A 1 185 ? -16.687 21.497  19.112  1.00 69.78 ? 185 ASP A OD2 1 
ATOM   1398 N  N   . GLU A 1 186 ? -18.951 17.637  21.522  1.00 54.98 ? 186 GLU A N   1 
ATOM   1399 C  CA  . GLU A 1 186 ? -20.247 16.909  21.413  1.00 57.83 ? 186 GLU A CA  1 
ATOM   1400 C  C   . GLU A 1 186 ? -21.030 17.356  20.166  1.00 60.02 ? 186 GLU A C   1 
ATOM   1401 O  O   . GLU A 1 186 ? -21.688 16.496  19.535  1.00 57.81 ? 186 GLU A O   1 
ATOM   1402 C  CB  . GLU A 1 186 ? -21.079 17.121  22.680  1.00 58.85 ? 186 GLU A CB  1 
ATOM   1403 C  CG  . GLU A 1 186 ? -21.651 18.523  22.808  1.00 67.57 ? 186 GLU A CG  1 
ATOM   1404 C  CD  . GLU A 1 186 ? -22.268 18.855  24.166  1.00 78.18 ? 186 GLU A CD  1 
ATOM   1405 O  OE1 . GLU A 1 186 ? -23.506 19.110  24.230  1.00 75.28 ? 186 GLU A OE1 1 
ATOM   1406 O  OE2 . GLU A 1 186 ? -21.508 18.874  25.166  1.00 78.87 ? 186 GLU A OE2 1 
ATOM   1407 N  N   . GLU A 1 187 ? -20.971 18.645  19.817  1.00 61.69 ? 187 GLU A N   1 
ATOM   1408 C  CA  . GLU A 1 187 ? -21.751 19.220  18.693  1.00 60.05 ? 187 GLU A CA  1 
ATOM   1409 C  C   . GLU A 1 187 ? -21.120 18.735  17.390  1.00 51.90 ? 187 GLU A C   1 
ATOM   1410 O  O   . GLU A 1 187 ? -21.856 18.374  16.453  1.00 47.65 ? 187 GLU A O   1 
ATOM   1411 C  CB  . GLU A 1 187 ? -21.803 20.747  18.794  1.00 69.77 ? 187 GLU A CB  1 
ATOM   1412 C  CG  . GLU A 1 187 ? -23.128 21.345  18.320  1.00 78.43 ? 187 GLU A CG  1 
ATOM   1413 C  CD  . GLU A 1 187 ? -24.390 20.852  19.031  1.00 82.84 ? 187 GLU A CD  1 
ATOM   1414 O  OE1 . GLU A 1 187 ? -24.305 20.507  20.233  1.00 82.61 ? 187 GLU A OE1 1 
ATOM   1415 O  OE2 . GLU A 1 187 ? -25.465 20.812  18.384  1.00 81.82 ? 187 GLU A OE2 1 
ATOM   1416 N  N   . GLU A 1 188 ? -19.796 18.695  17.343  1.00 53.97 ? 188 GLU A N   1 
ATOM   1417 C  CA  . GLU A 1 188 ? -19.072 18.237  16.130  1.00 60.78 ? 188 GLU A CA  1 
ATOM   1418 C  C   . GLU A 1 188 ? -19.273 16.720  15.942  1.00 54.68 ? 188 GLU A C   1 
ATOM   1419 O  O   . GLU A 1 188 ? -19.277 16.267  14.787  1.00 43.99 ? 188 GLU A O   1 
ATOM   1420 C  CB  . GLU A 1 188 ? -17.599 18.631  16.204  1.00 65.43 ? 188 GLU A CB  1 
ATOM   1421 C  CG  . GLU A 1 188 ? -16.888 18.343  14.906  1.00 72.89 ? 188 GLU A CG  1 
ATOM   1422 C  CD  . GLU A 1 188 ? -15.587 19.090  14.691  1.00 82.72 ? 188 GLU A CD  1 
ATOM   1423 O  OE1 . GLU A 1 188 ? -14.517 18.467  14.897  1.00 86.88 ? 188 GLU A OE1 1 
ATOM   1424 O  OE2 . GLU A 1 188 ? -15.649 20.276  14.273  1.00 95.28 ? 188 GLU A OE2 1 
ATOM   1425 N  N   . ILE A 1 189 ? -19.451 15.967  17.032  1.00 51.27 ? 189 ILE A N   1 
ATOM   1426 C  CA  . ILE A 1 189 ? -19.687 14.496  16.991  1.00 49.22 ? 189 ILE A CA  1 
ATOM   1427 C  C   . ILE A 1 189 ? -21.090 14.258  16.434  1.00 47.25 ? 189 ILE A C   1 
ATOM   1428 O  O   . ILE A 1 189 ? -21.221 13.445  15.517  1.00 46.31 ? 189 ILE A O   1 
ATOM   1429 C  CB  . ILE A 1 189 ? -19.479 13.852  18.381  1.00 51.28 ? 189 ILE A CB  1 
ATOM   1430 C  CG1 . ILE A 1 189 ? -17.997 13.845  18.778  1.00 49.60 ? 189 ILE A CG1 1 
ATOM   1431 C  CG2 . ILE A 1 189 ? -20.078 12.445  18.435  1.00 48.31 ? 189 ILE A CG2 1 
ATOM   1432 C  CD1 . ILE A 1 189 ? -17.750 13.654  20.262  1.00 49.35 ? 189 ILE A CD1 1 
ATOM   1433 N  N   . LYS A 1 190 ? -22.090 14.939  16.993  1.00 53.32 ? 190 LYS A N   1 
ATOM   1434 C  CA  . LYS A 1 190 ? -23.513 14.895  16.548  1.00 58.61 ? 190 LYS A CA  1 
ATOM   1435 C  C   . LYS A 1 190 ? -23.558 15.189  15.038  1.00 56.93 ? 190 LYS A C   1 
ATOM   1436 O  O   . LYS A 1 190 ? -24.216 14.417  14.302  1.00 53.31 ? 190 LYS A O   1 
ATOM   1437 C  CB  . LYS A 1 190 ? -24.320 15.907  17.373  1.00 61.00 ? 190 LYS A CB  1 
ATOM   1438 C  CG  . LYS A 1 190 ? -25.835 15.825  17.266  1.00 64.53 ? 190 LYS A CG  1 
ATOM   1439 C  CD  . LYS A 1 190 ? -26.530 17.046  17.863  1.00 71.72 ? 190 LYS A CD  1 
ATOM   1440 C  CE  . LYS A 1 190 ? -26.184 17.305  19.321  1.00 74.48 ? 190 LYS A CE  1 
ATOM   1441 N  NZ  . LYS A 1 190 ? -27.111 18.280  19.954  1.00 71.59 ? 190 LYS A NZ  1 
ATOM   1442 N  N   . ARG A 1 191 ? -22.844 16.244  14.616  1.00 55.04 ? 191 ARG A N   1 
ATOM   1443 C  CA  . ARG A 1 191 ? -22.775 16.744  13.218  1.00 53.47 ? 191 ARG A CA  1 
ATOM   1444 C  C   . ARG A 1 191 ? -22.136 15.677  12.320  1.00 45.42 ? 191 ARG A C   1 
ATOM   1445 O  O   . ARG A 1 191 ? -22.677 15.423  11.240  1.00 42.04 ? 191 ARG A O   1 
ATOM   1446 C  CB  . ARG A 1 191 ? -22.013 18.074  13.138  1.00 58.11 ? 191 ARG A CB  1 
ATOM   1447 C  CG  . ARG A 1 191 ? -22.125 18.753  11.776  1.00 67.84 ? 191 ARG A CG  1 
ATOM   1448 C  CD  . ARG A 1 191 ? -21.640 20.196  11.705  1.00 70.22 ? 191 ARG A CD  1 
ATOM   1449 N  NE  . ARG A 1 191 ? -20.181 20.292  11.715  1.00 75.69 ? 191 ARG A NE  1 
ATOM   1450 C  CZ  . ARG A 1 191 ? -19.424 20.682  12.751  1.00 71.49 ? 191 ARG A CZ  1 
ATOM   1451 N  NH1 . ARG A 1 191 ? -19.966 21.044  13.905  1.00 62.84 ? 191 ARG A NH1 1 
ATOM   1452 N  NH2 . ARG A 1 191 ? -18.109 20.716  12.618  1.00 69.67 ? 191 ARG A NH2 1 
ATOM   1453 N  N   . ARG A 1 192 ? -21.037 15.062  12.747  1.00 39.33 ? 192 ARG A N   1 
ATOM   1454 C  CA  . ARG A 1 192 ? -20.260 14.143  11.879  1.00 38.34 ? 192 ARG A CA  1 
ATOM   1455 C  C   . ARG A 1 192 ? -20.864 12.746  11.912  1.00 33.89 ? 192 ARG A C   1 
ATOM   1456 O  O   . ARG A 1 192 ? -20.652 12.025  10.977  1.00 35.08 ? 192 ARG A O   1 
ATOM   1457 C  CB  . ARG A 1 192 ? -18.791 14.079  12.298  1.00 43.38 ? 192 ARG A CB  1 
ATOM   1458 C  CG  . ARG A 1 192 ? -17.977 15.313  11.934  1.00 46.05 ? 192 ARG A CG  1 
ATOM   1459 C  CD  . ARG A 1 192 ? -16.681 15.349  12.728  1.00 49.25 ? 192 ARG A CD  1 
ATOM   1460 N  NE  . ARG A 1 192 ? -15.957 16.586  12.512  1.00 50.87 ? 192 ARG A NE  1 
ATOM   1461 C  CZ  . ARG A 1 192 ? -15.192 16.866  11.468  1.00 53.44 ? 192 ARG A CZ  1 
ATOM   1462 N  NH1 . ARG A 1 192 ? -14.992 15.972  10.516  1.00 54.40 ? 192 ARG A NH1 1 
ATOM   1463 N  NH2 . ARG A 1 192 ? -14.602 18.046  11.391  1.00 56.36 ? 192 ARG A NH2 1 
ATOM   1464 N  N   . PHE A 1 193 ? -21.595 12.375  12.955  1.00 36.75 ? 193 PHE A N   1 
ATOM   1465 C  CA  . PHE A 1 193 ? -22.152 11.010  13.112  1.00 35.95 ? 193 PHE A CA  1 
ATOM   1466 C  C   . PHE A 1 193 ? -23.655 11.077  13.340  1.00 36.61 ? 193 PHE A C   1 
ATOM   1467 O  O   . PHE A 1 193 ? -24.114 10.891  14.464  1.00 40.80 ? 193 PHE A O   1 
ATOM   1468 C  CB  . PHE A 1 193 ? -21.397 10.310  14.236  1.00 35.87 ? 193 PHE A CB  1 
ATOM   1469 C  CG  . PHE A 1 193 ? -19.919 10.314  13.981  1.00 34.07 ? 193 PHE A CG  1 
ATOM   1470 C  CD1 . PHE A 1 193 ? -19.389 9.523   12.978  1.00 31.36 ? 193 PHE A CD1 1 
ATOM   1471 C  CD2 . PHE A 1 193 ? -19.080 11.152  14.694  1.00 33.09 ? 193 PHE A CD2 1 
ATOM   1472 C  CE1 . PHE A 1 193 ? -18.035 9.562   12.708  1.00 33.97 ? 193 PHE A CE1 1 
ATOM   1473 C  CE2 . PHE A 1 193 ? -17.721 11.161  14.441  1.00 34.36 ? 193 PHE A CE2 1 
ATOM   1474 C  CZ  . PHE A 1 193 ? -17.202 10.371  13.444  1.00 34.63 ? 193 PHE A CZ  1 
ATOM   1475 N  N   . PRO A 1 194 ? -24.457 11.342  12.284  1.00 35.68 ? 194 PRO A N   1 
ATOM   1476 C  CA  . PRO A 1 194 ? -25.917 11.293  12.382  1.00 35.77 ? 194 PRO A CA  1 
ATOM   1477 C  C   . PRO A 1 194 ? -26.476 9.901   12.723  1.00 34.51 ? 194 PRO A C   1 
ATOM   1478 O  O   . PRO A 1 194 ? -27.527 9.834   13.353  1.00 35.64 ? 194 PRO A O   1 
ATOM   1479 C  CB  . PRO A 1 194 ? -26.395 11.736  10.992  1.00 35.88 ? 194 PRO A CB  1 
ATOM   1480 C  CG  . PRO A 1 194 ? -25.235 11.439  10.076  1.00 35.72 ? 194 PRO A CG  1 
ATOM   1481 C  CD  . PRO A 1 194 ? -24.005 11.682  10.926  1.00 37.56 ? 194 PRO A CD  1 
ATOM   1482 N  N   . LYS A 1 195 ? -25.769 8.834   12.331  1.00 33.04 ? 195 LYS A N   1 
ATOM   1483 C  CA  . LYS A 1 195 ? -26.109 7.436   12.712  1.00 34.65 ? 195 LYS A CA  1 
ATOM   1484 C  C   . LYS A 1 195 ? -25.941 7.206   14.223  1.00 35.46 ? 195 LYS A C   1 
ATOM   1485 O  O   . LYS A 1 195 ? -26.442 6.171   14.714  1.00 33.42 ? 195 LYS A O   1 
ATOM   1486 C  CB  . LYS A 1 195 ? -25.263 6.448   11.913  1.00 34.44 ? 195 LYS A CB  1 
ATOM   1487 C  CG  . LYS A 1 195 ? -25.574 6.437   10.419  1.00 37.45 ? 195 LYS A CG  1 
ATOM   1488 C  CD  . LYS A 1 195 ? -24.622 5.588   9.617   1.00 36.64 ? 195 LYS A CD  1 
ATOM   1489 C  CE  . LYS A 1 195 ? -25.193 5.054   8.327   1.00 36.71 ? 195 LYS A CE  1 
ATOM   1490 N  NZ  . LYS A 1 195 ? -24.755 3.650   8.115   1.00 39.17 ? 195 LYS A NZ  1 
ATOM   1491 N  N   . GLY A 1 196 ? -25.259 8.111   14.937  1.00 36.31 ? 196 GLY A N   1 
ATOM   1492 C  CA  . GLY A 1 196 ? -25.066 8.017   16.399  1.00 36.50 ? 196 GLY A CA  1 
ATOM   1493 C  C   . GLY A 1 196 ? -23.890 7.118   16.791  1.00 37.24 ? 196 GLY A C   1 
ATOM   1494 O  O   . GLY A 1 196 ? -23.133 6.638   15.911  1.00 32.45 ? 196 GLY A O   1 
ATOM   1495 N  N   . TYR A 1 197 ? -23.727 6.904   18.092  1.00 34.71 ? 197 TYR A N   1 
ATOM   1496 C  CA  . TYR A 1 197 ? -22.648 6.074   18.661  1.00 36.56 ? 197 TYR A CA  1 
ATOM   1497 C  C   . TYR A 1 197 ? -23.101 5.515   20.002  1.00 34.67 ? 197 TYR A C   1 
ATOM   1498 O  O   . TYR A 1 197 ? -23.970 6.104   20.670  1.00 35.94 ? 197 TYR A O   1 
ATOM   1499 C  CB  . TYR A 1 197 ? -21.365 6.894   18.813  1.00 40.20 ? 197 TYR A CB  1 
ATOM   1500 C  CG  . TYR A 1 197 ? -21.423 7.958   19.880  1.00 40.09 ? 197 TYR A CG  1 
ATOM   1501 C  CD1 . TYR A 1 197 ? -22.091 9.151   19.671  1.00 40.84 ? 197 TYR A CD1 1 
ATOM   1502 C  CD2 . TYR A 1 197 ? -20.795 7.769   21.098  1.00 41.02 ? 197 TYR A CD2 1 
ATOM   1503 C  CE1 . TYR A 1 197 ? -22.150 10.123  20.654  1.00 43.53 ? 197 TYR A CE1 1 
ATOM   1504 C  CE2 . TYR A 1 197 ? -20.829 8.738   22.083  1.00 40.01 ? 197 TYR A CE2 1 
ATOM   1505 C  CZ  . TYR A 1 197 ? -21.513 9.916   21.865  1.00 41.89 ? 197 TYR A CZ  1 
ATOM   1506 O  OH  . TYR A 1 197 ? -21.544 10.867  22.843  1.00 40.79 ? 197 TYR A OH  1 
ATOM   1507 N  N   . ARG A 1 198 ? -22.481 4.410   20.391  1.00 34.36 ? 198 ARG A N   1 
ATOM   1508 C  CA  . ARG A 1 198 ? -22.673 3.745   21.706  1.00 33.91 ? 198 ARG A CA  1 
ATOM   1509 C  C   . ARG A 1 198 ? -21.372 3.922   22.483  1.00 32.07 ? 198 ARG A C   1 
ATOM   1510 O  O   . ARG A 1 198 ? -20.337 3.392   22.034  1.00 35.04 ? 198 ARG A O   1 
ATOM   1511 C  CB  . ARG A 1 198 ? -23.035 2.268   21.513  1.00 32.55 ? 198 ARG A CB  1 
ATOM   1512 C  CG  . ARG A 1 198 ? -24.326 2.054   20.741  1.00 34.23 ? 198 ARG A CG  1 
ATOM   1513 C  CD  . ARG A 1 198 ? -24.571 0.602   20.378  1.00 40.56 ? 198 ARG A CD  1 
ATOM   1514 N  NE  . ARG A 1 198 ? -23.496 -0.031  19.610  1.00 42.20 ? 198 ARG A NE  1 
ATOM   1515 C  CZ  . ARG A 1 198 ? -22.629 -0.912  20.093  1.00 42.39 ? 198 ARG A CZ  1 
ATOM   1516 N  NH1 . ARG A 1 198 ? -22.694 -1.300  21.356  1.00 47.23 ? 198 ARG A NH1 1 
ATOM   1517 N  NH2 . ARG A 1 198 ? -21.703 -1.421  19.306  1.00 43.53 ? 198 ARG A NH2 1 
ATOM   1518 N  N   . ALA A 1 199 ? -21.417 4.713   23.544  1.00 31.68 ? 199 ALA A N   1 
ATOM   1519 C  CA  . ALA A 1 199 ? -20.325 4.885   24.529  1.00 31.45 ? 199 ALA A CA  1 
ATOM   1520 C  C   . ALA A 1 199 ? -20.346 3.669   25.458  1.00 32.12 ? 199 ALA A C   1 
ATOM   1521 O  O   . ALA A 1 199 ? -20.918 3.750   26.560  1.00 31.52 ? 199 ALA A O   1 
ATOM   1522 C  CB  . ALA A 1 199 ? -20.498 6.192   25.282  1.00 31.17 ? 199 ALA A CB  1 
ATOM   1523 N  N   . VAL A 1 200 ? -19.794 2.546   24.998  1.00 33.76 ? 200 VAL A N   1 
ATOM   1524 C  CA  . VAL A 1 200 ? -19.774 1.300   25.806  1.00 37.86 ? 200 VAL A CA  1 
ATOM   1525 C  C   . VAL A 1 200 ? -18.771 1.526   26.945  1.00 39.36 ? 200 VAL A C   1 
ATOM   1526 O  O   . VAL A 1 200 ? -18.994 0.988   28.042  1.00 42.86 ? 200 VAL A O   1 
ATOM   1527 C  CB  . VAL A 1 200 ? -19.510 0.061   24.936  1.00 41.18 ? 200 VAL A CB  1 
ATOM   1528 C  CG1 . VAL A 1 200 ? -18.172 0.122   24.217  1.00 46.05 ? 200 VAL A CG1 1 
ATOM   1529 C  CG2 . VAL A 1 200 ? -19.642 -1.200  25.771  1.00 46.92 ? 200 VAL A CG2 1 
ATOM   1530 N  N   . LYS A 1 201 ? -17.748 2.351   26.694  1.00 37.53 ? 201 LYS A N   1 
ATOM   1531 C  CA  . LYS A 1 201 ? -16.991 3.130   27.711  1.00 35.77 ? 201 LYS A CA  1 
ATOM   1532 C  C   . LYS A 1 201 ? -16.854 4.564   27.216  1.00 33.28 ? 201 LYS A C   1 
ATOM   1533 O  O   . LYS A 1 201 ? -16.960 4.824   26.026  1.00 35.11 ? 201 LYS A O   1 
ATOM   1534 C  CB  . LYS A 1 201 ? -15.584 2.566   27.942  1.00 38.14 ? 201 LYS A CB  1 
ATOM   1535 C  CG  . LYS A 1 201 ? -15.532 1.240   28.673  1.00 40.20 ? 201 LYS A CG  1 
ATOM   1536 C  CD  . LYS A 1 201 ? -16.149 1.324   30.037  1.00 44.70 ? 201 LYS A CD  1 
ATOM   1537 C  CE  . LYS A 1 201 ? -16.331 -0.029  30.680  1.00 51.21 ? 201 LYS A CE  1 
ATOM   1538 N  NZ  . LYS A 1 201 ? -16.761 0.110   32.089  1.00 55.70 ? 201 LYS A NZ  1 
ATOM   1539 N  N   . PRO A 1 202 ? -16.574 5.538   28.099  1.00 31.26 ? 202 PRO A N   1 
ATOM   1540 C  CA  . PRO A 1 202 ? -16.400 6.919   27.668  1.00 31.75 ? 202 PRO A CA  1 
ATOM   1541 C  C   . PRO A 1 202 ? -15.310 7.079   26.596  1.00 30.41 ? 202 PRO A C   1 
ATOM   1542 O  O   . PRO A 1 202 ? -15.438 7.952   25.801  1.00 30.37 ? 202 PRO A O   1 
ATOM   1543 C  CB  . PRO A 1 202 ? -16.017 7.642   28.973  1.00 32.38 ? 202 PRO A CB  1 
ATOM   1544 C  CG  . PRO A 1 202 ? -16.612 6.780   30.065  1.00 31.20 ? 202 PRO A CG  1 
ATOM   1545 C  CD  . PRO A 1 202 ? -16.432 5.370   29.556  1.00 32.35 ? 202 PRO A CD  1 
ATOM   1546 N  N   . TYR A 1 203 ? -14.294 6.216   26.579  1.00 31.02 ? 203 TYR A N   1 
ATOM   1547 C  CA  . TYR A 1 203 ? -13.153 6.273   25.620  1.00 31.78 ? 203 TYR A CA  1 
ATOM   1548 C  C   . TYR A 1 203 ? -13.379 5.303   24.454  1.00 31.03 ? 203 TYR A C   1 
ATOM   1549 O  O   . TYR A 1 203 ? -12.486 5.195   23.581  1.00 31.17 ? 203 TYR A O   1 
ATOM   1550 C  CB  . TYR A 1 203 ? -11.814 5.934   26.302  1.00 31.64 ? 203 TYR A CB  1 
ATOM   1551 C  CG  . TYR A 1 203 ? -11.749 4.559   26.937  1.00 30.52 ? 203 TYR A CG  1 
ATOM   1552 C  CD1 . TYR A 1 203 ? -12.171 4.343   28.246  1.00 29.70 ? 203 TYR A CD1 1 
ATOM   1553 C  CD2 . TYR A 1 203 ? -11.300 3.467   26.209  1.00 28.47 ? 203 TYR A CD2 1 
ATOM   1554 C  CE1 . TYR A 1 203 ? -12.138 3.080   28.810  1.00 29.21 ? 203 TYR A CE1 1 
ATOM   1555 C  CE2 . TYR A 1 203 ? -11.266 2.197   26.754  1.00 26.95 ? 203 TYR A CE2 1 
ATOM   1556 C  CZ  . TYR A 1 203 ? -11.687 2.007   28.051  1.00 28.93 ? 203 TYR A CZ  1 
ATOM   1557 O  OH  . TYR A 1 203 ? -11.619 0.746   28.560  1.00 33.26 ? 203 TYR A OH  1 
ATOM   1558 N  N   . LEU A 1 204 ? -14.478 4.551   24.472  1.00 31.98 ? 204 LEU A N   1 
ATOM   1559 C  CA  . LEU A 1 204 ? -14.753 3.491   23.462  1.00 33.47 ? 204 LEU A CA  1 
ATOM   1560 C  C   . LEU A 1 204 ? -16.136 3.764   22.900  1.00 33.77 ? 204 LEU A C   1 
ATOM   1561 O  O   . LEU A 1 204 ? -17.117 3.189   23.423  1.00 34.07 ? 204 LEU A O   1 
ATOM   1562 C  CB  . LEU A 1 204 ? -14.645 2.098   24.094  1.00 35.39 ? 204 LEU A CB  1 
ATOM   1563 C  CG  . LEU A 1 204 ? -14.861 0.892   23.173  1.00 37.33 ? 204 LEU A CG  1 
ATOM   1564 C  CD1 . LEU A 1 204 ? -14.130 1.030   21.848  1.00 39.64 ? 204 LEU A CD1 1 
ATOM   1565 C  CD2 . LEU A 1 204 ? -14.400 -0.380  23.856  1.00 37.75 ? 204 LEU A CD2 1 
ATOM   1566 N  N   . ARG A 1 205 ? -16.173 4.686   21.931  1.00 32.21 ? 205 ARG A N   1 
ATOM   1567 C  CA  . ARG A 1 205 ? -17.393 5.230   21.291  1.00 30.44 ? 205 ARG A CA  1 
ATOM   1568 C  C   . ARG A 1 205 ? -17.516 4.559   19.923  1.00 31.11 ? 205 ARG A C   1 
ATOM   1569 O  O   . ARG A 1 205 ? -16.793 4.972   19.001  1.00 30.03 ? 205 ARG A O   1 
ATOM   1570 C  CB  . ARG A 1 205 ? -17.302 6.757   21.206  1.00 29.40 ? 205 ARG A CB  1 
ATOM   1571 C  CG  . ARG A 1 205 ? -17.240 7.431   22.571  1.00 28.44 ? 205 ARG A CG  1 
ATOM   1572 C  CD  . ARG A 1 205 ? -16.735 8.862   22.536  1.00 30.58 ? 205 ARG A CD  1 
ATOM   1573 N  NE  . ARG A 1 205 ? -15.433 8.946   21.887  1.00 31.99 ? 205 ARG A NE  1 
ATOM   1574 C  CZ  . ARG A 1 205 ? -14.789 10.068  21.608  1.00 34.16 ? 205 ARG A CZ  1 
ATOM   1575 N  NH1 . ARG A 1 205 ? -15.308 11.237  21.950  1.00 35.29 ? 205 ARG A NH1 1 
ATOM   1576 N  NH2 . ARG A 1 205 ? -13.624 10.012  20.976  1.00 34.85 ? 205 ARG A NH2 1 
ATOM   1577 N  N   . LEU A 1 206 ? -18.376 3.537   19.837  1.00 29.54 ? 206 LEU A N   1 
ATOM   1578 C  CA  . LEU A 1 206 ? -18.595 2.722   18.631  1.00 27.79 ? 206 LEU A CA  1 
ATOM   1579 C  C   . LEU A 1 206 ? -19.688 3.368   17.779  1.00 27.90 ? 206 LEU A C   1 
ATOM   1580 O  O   . LEU A 1 206 ? -20.738 3.744   18.304  1.00 26.99 ? 206 LEU A O   1 
ATOM   1581 C  CB  . LEU A 1 206 ? -18.959 1.311   19.065  1.00 29.65 ? 206 LEU A CB  1 
ATOM   1582 C  CG  . LEU A 1 206 ? -17.806 0.543   19.704  1.00 33.41 ? 206 LEU A CG  1 
ATOM   1583 C  CD1 . LEU A 1 206 ? -18.319 -0.750  20.325  1.00 33.81 ? 206 LEU A CD1 1 
ATOM   1584 C  CD2 . LEU A 1 206 ? -16.704 0.271   18.684  1.00 33.09 ? 206 LEU A CD2 1 
ATOM   1585 N  N   . THR A 1 207 ? -19.397 3.548   16.503  1.00 28.11 ? 207 THR A N   1 
ATOM   1586 C  CA  . THR A 1 207 ? -20.287 4.225   15.535  1.00 30.53 ? 207 THR A CA  1 
ATOM   1587 C  C   . THR A 1 207 ? -20.285 3.372   14.283  1.00 31.43 ? 207 THR A C   1 
ATOM   1588 O  O   . THR A 1 207 ? -19.272 2.752   13.998  1.00 32.75 ? 207 THR A O   1 
ATOM   1589 C  CB  . THR A 1 207 ? -19.841 5.661   15.258  1.00 29.81 ? 207 THR A CB  1 
ATOM   1590 O  OG1 . THR A 1 207 ? -20.932 6.191   14.516  1.00 36.15 ? 207 THR A OG1 1 
ATOM   1591 C  CG2 . THR A 1 207 ? -18.535 5.764   14.501  1.00 29.22 ? 207 THR A CG2 1 
ATOM   1592 N  N   . PRO A 1 208 ? -21.422 3.247   13.563  1.00 35.61 ? 208 PRO A N   1 
ATOM   1593 C  CA  . PRO A 1 208 ? -21.413 2.630   12.239  1.00 34.82 ? 208 PRO A CA  1 
ATOM   1594 C  C   . PRO A 1 208 ? -20.387 3.331   11.331  1.00 33.58 ? 208 PRO A C   1 
ATOM   1595 O  O   . PRO A 1 208 ? -20.112 4.523   11.523  1.00 32.35 ? 208 PRO A O   1 
ATOM   1596 C  CB  . PRO A 1 208 ? -22.859 2.820   11.745  1.00 34.56 ? 208 PRO A CB  1 
ATOM   1597 C  CG  . PRO A 1 208 ? -23.675 2.926   13.020  1.00 34.15 ? 208 PRO A CG  1 
ATOM   1598 C  CD  . PRO A 1 208 ? -22.773 3.652   13.992  1.00 34.04 ? 208 PRO A CD  1 
ATOM   1599 N  N   . GLN A 1 209 ? -19.805 2.569   10.406  1.00 34.24 ? 209 GLN A N   1 
ATOM   1600 C  CA  . GLN A 1 209 ? -18.900 3.108   9.365   1.00 36.81 ? 209 GLN A CA  1 
ATOM   1601 C  C   . GLN A 1 209 ? -19.687 4.193   8.640   1.00 35.72 ? 209 GLN A C   1 
ATOM   1602 O  O   . GLN A 1 209 ? -20.750 3.925   8.090   1.00 35.52 ? 209 GLN A O   1 
ATOM   1603 C  CB  . GLN A 1 209 ? -18.387 2.008   8.430   1.00 33.98 ? 209 GLN A CB  1 
ATOM   1604 C  CG  . GLN A 1 209 ? -17.319 2.527   7.488   1.00 32.64 ? 209 GLN A CG  1 
ATOM   1605 C  CD  . GLN A 1 209 ? -16.691 1.453   6.638   1.00 30.33 ? 209 GLN A CD  1 
ATOM   1606 O  OE1 . GLN A 1 209 ? -16.235 0.424   7.123   1.00 27.37 ? 209 GLN A OE1 1 
ATOM   1607 N  NE2 . GLN A 1 209 ? -16.620 1.709   5.348   1.00 31.93 ? 209 GLN A NE2 1 
ATOM   1608 N  N   . PRO A 1 210 ? -19.225 5.460   8.678   1.00 42.19 ? 210 PRO A N   1 
ATOM   1609 C  CA  . PRO A 1 210 ? -20.071 6.599   8.329   1.00 45.63 ? 210 PRO A CA  1 
ATOM   1610 C  C   . PRO A 1 210 ? -20.310 6.793   6.823   1.00 55.62 ? 210 PRO A C   1 
ATOM   1611 O  O   . PRO A 1 210 ? -21.287 7.475   6.494   1.00 54.19 ? 210 PRO A O   1 
ATOM   1612 C  CB  . PRO A 1 210 ? -19.311 7.810   8.875   1.00 44.76 ? 210 PRO A CB  1 
ATOM   1613 C  CG  . PRO A 1 210 ? -18.088 7.263   9.583   1.00 43.35 ? 210 PRO A CG  1 
ATOM   1614 C  CD  . PRO A 1 210 ? -17.863 5.872   9.046   1.00 43.25 ? 210 PRO A CD  1 
ATOM   1615 N  N   . ASN A 1 211 ? -19.434 6.212   5.981   1.00 63.14 ? 211 ASN A N   1 
ATOM   1616 C  CA  . ASN A 1 211 ? -19.444 6.269   4.490   1.00 68.96 ? 211 ASN A CA  1 
ATOM   1617 C  C   . ASN A 1 211 ? -20.838 6.626   3.965   1.00 70.99 ? 211 ASN A C   1 
ATOM   1618 O  O   . ASN A 1 211 ? -21.688 5.741   4.013   1.00 79.13 ? 211 ASN A O   1 
ATOM   1619 C  CB  . ASN A 1 211 ? -18.997 4.934   3.885   1.00 72.72 ? 211 ASN A CB  1 
ATOM   1620 C  CG  . ASN A 1 211 ? -17.493 4.785   3.775   1.00 72.04 ? 211 ASN A CG  1 
ATOM   1621 O  OD1 . ASN A 1 211 ? -16.995 3.676   3.608   1.00 75.63 ? 211 ASN A OD1 1 
ATOM   1622 N  ND2 . ASN A 1 211 ? -16.760 5.888   3.832   1.00 69.96 ? 211 ASN A ND2 1 
HETATM 1623 CL CL  . CL  B 2 .   ? -14.924 -8.278  10.492  1.00 47.43 ? 301 CL  A CL  1 
HETATM 1624 O  O   . HOH C 3 .   ? 0.369   9.812   -4.085  1.00 29.58 ? 401 HOH A O   1 
HETATM 1625 O  O   . HOH C 3 .   ? 1.565   -21.732 -18.097 1.00 33.30 ? 402 HOH A O   1 
HETATM 1626 O  O   . HOH C 3 .   ? 5.880   -4.491  -16.208 1.00 28.64 ? 403 HOH A O   1 
HETATM 1627 O  O   . HOH C 3 .   ? 17.467  7.981   5.025   1.00 43.86 ? 404 HOH A O   1 
HETATM 1628 O  O   . HOH C 3 .   ? -0.182  5.980   8.644   1.00 25.13 ? 405 HOH A O   1 
HETATM 1629 O  O   . HOH C 3 .   ? 0.136   -0.890  -17.313 0.50 31.30 ? 406 HOH A O   1 
HETATM 1630 O  O   . HOH C 3 .   ? -12.803 17.671  20.122  1.00 41.68 ? 407 HOH A O   1 
HETATM 1631 O  O   . HOH C 3 .   ? -11.297 4.178   -2.360  1.00 30.57 ? 408 HOH A O   1 
HETATM 1632 O  O   . HOH C 3 .   ? -9.131  9.278   11.811  1.00 34.62 ? 409 HOH A O   1 
HETATM 1633 O  O   . HOH C 3 .   ? -28.822 6.414   16.066  1.00 32.89 ? 410 HOH A O   1 
HETATM 1634 O  O   . HOH C 3 .   ? 11.519  12.014  2.770   1.00 28.28 ? 411 HOH A O   1 
HETATM 1635 O  O   . HOH C 3 .   ? -12.330 -11.196 3.641   1.00 34.79 ? 412 HOH A O   1 
HETATM 1636 O  O   . HOH C 3 .   ? -11.855 -5.140  3.902   1.00 41.08 ? 413 HOH A O   1 
HETATM 1637 O  O   . HOH C 3 .   ? 4.953   -12.912 -21.375 1.00 30.91 ? 414 HOH A O   1 
HETATM 1638 O  O   . HOH C 3 .   ? -1.837  -23.963 -15.840 1.00 33.72 ? 415 HOH A O   1 
HETATM 1639 O  O   . HOH C 3 .   ? -22.923 8.487   11.313  1.00 35.16 ? 416 HOH A O   1 
HETATM 1640 O  O   . HOH C 3 .   ? 0.285   14.069  -11.763 1.00 35.49 ? 417 HOH A O   1 
HETATM 1641 O  O   . HOH C 3 .   ? 11.187  13.994  -2.517  1.00 27.33 ? 418 HOH A O   1 
HETATM 1642 O  O   . HOH C 3 .   ? -14.203 -5.252  13.706  1.00 36.13 ? 419 HOH A O   1 
HETATM 1643 O  O   . HOH C 3 .   ? 14.085  12.731  -3.325  1.00 37.54 ? 420 HOH A O   1 
HETATM 1644 O  O   . HOH C 3 .   ? 18.289  -3.305  -19.211 1.00 32.62 ? 421 HOH A O   1 
HETATM 1645 O  O   . HOH C 3 .   ? -8.060  6.912   -4.250  1.00 42.61 ? 422 HOH A O   1 
HETATM 1646 O  O   . HOH C 3 .   ? -15.958 12.549  10.392  1.00 33.57 ? 423 HOH A O   1 
HETATM 1647 O  O   . HOH C 3 .   ? 20.342  3.434   2.756   1.00 39.22 ? 424 HOH A O   1 
HETATM 1648 O  O   . HOH C 3 .   ? -26.784 6.619   22.917  1.00 40.51 ? 425 HOH A O   1 
HETATM 1649 O  O   . HOH C 3 .   ? -4.857  -20.919 -15.119 1.00 45.42 ? 426 HOH A O   1 
# 
loop_
_pdbx_poly_seq_scheme.asym_id 
_pdbx_poly_seq_scheme.entity_id 
_pdbx_poly_seq_scheme.seq_id 
_pdbx_poly_seq_scheme.mon_id 
_pdbx_poly_seq_scheme.ndb_seq_num 
_pdbx_poly_seq_scheme.pdb_seq_num 
_pdbx_poly_seq_scheme.auth_seq_num 
_pdbx_poly_seq_scheme.pdb_mon_id 
_pdbx_poly_seq_scheme.auth_mon_id 
_pdbx_poly_seq_scheme.pdb_strand_id 
_pdbx_poly_seq_scheme.pdb_ins_code 
_pdbx_poly_seq_scheme.hetero 
A 1 1   MET 1   1   1   MET MET A . n 
A 1 2   SER 2   2   ?   ?   ?   A . n 
A 1 3   LEU 3   3   3   LEU LEU A . n 
A 1 4   ARG 4   4   4   ARG ARG A . n 
A 1 5   LEU 5   5   5   LEU LEU A . n 
A 1 6   GLY 6   6   6   GLY GLY A . n 
A 1 7   ASP 7   7   7   ASP ASP A . n 
A 1 8   ILE 8   8   8   ILE ILE A . n 
A 1 9   ALA 9   9   9   ALA ALA A . n 
A 1 10  PRO 10  10  10  PRO PRO A . n 
A 1 11  ASP 11  11  11  ASP ASP A . n 
A 1 12  PHE 12  12  12  PHE PHE A . n 
A 1 13  GLU 13  13  13  GLU GLU A . n 
A 1 14  GLN 14  14  14  GLN GLN A . n 
A 1 15  ASP 15  15  15  ASP ASP A . n 
A 1 16  SER 16  16  16  SER SER A . n 
A 1 17  SER 17  17  17  SER SER A . n 
A 1 18  GLU 18  18  18  GLU GLU A . n 
A 1 19  GLY 19  19  19  GLY GLY A . n 
A 1 20  ARG 20  20  20  ARG ARG A . n 
A 1 21  ILE 21  21  21  ILE ILE A . n 
A 1 22  ARG 22  22  22  ARG ARG A . n 
A 1 23  LEU 23  23  23  LEU LEU A . n 
A 1 24  HIS 24  24  24  HIS HIS A . n 
A 1 25  GLU 25  25  25  GLU GLU A . n 
A 1 26  TRP 26  26  26  TRP TRP A . n 
A 1 27  LEU 27  27  27  LEU LEU A . n 
A 1 28  GLY 28  28  28  GLY GLY A . n 
A 1 29  ASP 29  29  29  ASP ASP A . n 
A 1 30  SER 30  30  30  SER SER A . n 
A 1 31  TRP 31  31  31  TRP TRP A . n 
A 1 32  GLY 32  32  32  GLY GLY A . n 
A 1 33  VAL 33  33  33  VAL VAL A . n 
A 1 34  LEU 34  34  34  LEU LEU A . n 
A 1 35  PHE 35  35  35  PHE PHE A . n 
A 1 36  SER 36  36  36  SER SER A . n 
A 1 37  HIS 37  37  37  HIS HIS A . n 
A 1 38  PRO 38  38  38  PRO PRO A . n 
A 1 39  ALA 39  39  39  ALA ALA A . n 
A 1 40  ASP 40  40  40  ASP ASP A . n 
A 1 41  PHE 41  41  41  PHE PHE A . n 
A 1 42  THR 42  42  42  THR THR A . n 
A 1 43  PRO 43  43  43  PRO PRO A . n 
A 1 44  VAL 44  44  44  VAL VAL A . n 
A 1 45  CYS 45  45  45  CYS CYS A . n 
A 1 46  THR 46  46  46  THR THR A . n 
A 1 47  THR 47  47  47  THR THR A . n 
A 1 48  GLU 48  48  48  GLU GLU A . n 
A 1 49  LEU 49  49  49  LEU LEU A . n 
A 1 50  GLY 50  50  50  GLY GLY A . n 
A 1 51  PHE 51  51  51  PHE PHE A . n 
A 1 52  THR 52  52  52  THR THR A . n 
A 1 53  ALA 53  53  53  ALA ALA A . n 
A 1 54  LYS 54  54  54  LYS LYS A . n 
A 1 55  LEU 55  55  55  LEU LEU A . n 
A 1 56  LYS 56  56  56  LYS LYS A . n 
A 1 57  ASP 57  57  57  ASP ASP A . n 
A 1 58  GLN 58  58  58  GLN GLN A . n 
A 1 59  PHE 59  59  59  PHE PHE A . n 
A 1 60  ALA 60  60  60  ALA ALA A . n 
A 1 61  GLN 61  61  61  GLN GLN A . n 
A 1 62  ARG 62  62  62  ARG ARG A . n 
A 1 63  GLY 63  63  63  GLY GLY A . n 
A 1 64  VAL 64  64  64  VAL VAL A . n 
A 1 65  LYS 65  65  65  LYS LYS A . n 
A 1 66  VAL 66  66  66  VAL VAL A . n 
A 1 67  LEU 67  67  67  LEU LEU A . n 
A 1 68  ALA 68  68  68  ALA ALA A . n 
A 1 69  LEU 69  69  69  LEU LEU A . n 
A 1 70  SER 70  70  70  SER SER A . n 
A 1 71  VAL 71  71  71  VAL VAL A . n 
A 1 72  ASP 72  72  72  ASP ASP A . n 
A 1 73  PRO 73  73  73  PRO PRO A . n 
A 1 74  VAL 74  74  74  VAL VAL A . n 
A 1 75  ASP 75  75  75  ASP ASP A . n 
A 1 76  SER 76  76  76  SER SER A . n 
A 1 77  HIS 77  77  77  HIS HIS A . n 
A 1 78  LEU 78  78  78  LEU LEU A . n 
A 1 79  LYS 79  79  79  LYS LYS A . n 
A 1 80  TRP 80  80  80  TRP TRP A . n 
A 1 81  ILE 81  81  81  ILE ILE A . n 
A 1 82  ASP 82  82  82  ASP ASP A . n 
A 1 83  ASP 83  83  83  ASP ASP A . n 
A 1 84  ILE 84  84  84  ILE ILE A . n 
A 1 85  ASN 85  85  85  ASN ASN A . n 
A 1 86  GLU 86  86  86  GLU GLU A . n 
A 1 87  THR 87  87  87  THR THR A . n 
A 1 88  GLN 88  88  88  GLN GLN A . n 
A 1 89  ASP 89  89  89  ASP ASP A . n 
A 1 90  THR 90  90  90  THR THR A . n 
A 1 91  ARG 91  91  91  ARG ARG A . n 
A 1 92  VAL 92  92  92  VAL VAL A . n 
A 1 93  ASN 93  93  93  ASN ASN A . n 
A 1 94  PHE 94  94  94  PHE PHE A . n 
A 1 95  PRO 95  95  95  PRO PRO A . n 
A 1 96  ILE 96  96  96  ILE ILE A . n 
A 1 97  ILE 97  97  97  ILE ILE A . n 
A 1 98  ALA 98  98  98  ALA ALA A . n 
A 1 99  ASP 99  99  99  ASP ASP A . n 
A 1 100 ALA 100 100 100 ALA ALA A . n 
A 1 101 ASP 101 101 101 ASP ASP A . n 
A 1 102 ARG 102 102 102 ARG ARG A . n 
A 1 103 LYS 103 103 103 LYS LYS A . n 
A 1 104 VAL 104 104 104 VAL VAL A . n 
A 1 105 SER 105 105 105 SER SER A . n 
A 1 106 GLU 106 106 106 GLU GLU A . n 
A 1 107 LEU 107 107 107 LEU LEU A . n 
A 1 108 TYR 108 108 108 TYR TYR A . n 
A 1 109 ASP 109 109 109 ASP ASP A . n 
A 1 110 LEU 110 110 110 LEU LEU A . n 
A 1 111 ILE 111 111 ?   ?   ?   A . n 
A 1 112 HIS 112 112 ?   ?   ?   A . n 
A 1 113 PRO 113 113 ?   ?   ?   A . n 
A 1 114 ASN 114 114 ?   ?   ?   A . n 
A 1 115 ALA 115 115 ?   ?   ?   A . n 
A 1 116 ASN 116 116 ?   ?   ?   A . n 
A 1 117 ASP 117 117 ?   ?   ?   A . n 
A 1 118 THR 118 118 ?   ?   ?   A . n 
A 1 119 LEU 119 119 ?   ?   ?   A . n 
A 1 120 THR 120 120 120 THR THR A . n 
A 1 121 VAL 121 121 121 VAL VAL A . n 
A 1 122 ARG 122 122 122 ARG ARG A . n 
A 1 123 SER 123 123 123 SER SER A . n 
A 1 124 LEU 124 124 124 LEU LEU A . n 
A 1 125 PHE 125 125 125 PHE PHE A . n 
A 1 126 ILE 126 126 126 ILE ILE A . n 
A 1 127 ILE 127 127 127 ILE ILE A . n 
A 1 128 ASP 128 128 128 ASP ASP A . n 
A 1 129 PRO 129 129 129 PRO PRO A . n 
A 1 130 ASN 130 130 130 ASN ASN A . n 
A 1 131 LYS 131 131 131 LYS LYS A . n 
A 1 132 LYS 132 132 132 LYS LYS A . n 
A 1 133 VAL 133 133 133 VAL VAL A . n 
A 1 134 ARG 134 134 134 ARG ARG A . n 
A 1 135 LEU 135 135 135 LEU LEU A . n 
A 1 136 ILE 136 136 136 ILE ILE A . n 
A 1 137 ILE 137 137 137 ILE ILE A . n 
A 1 138 THR 138 138 138 THR THR A . n 
A 1 139 TYR 139 139 139 TYR TYR A . n 
A 1 140 PRO 140 140 140 PRO PRO A . n 
A 1 141 ALA 141 141 141 ALA ALA A . n 
A 1 142 SER 142 142 142 SER SER A . n 
A 1 143 THR 143 143 143 THR THR A . n 
A 1 144 GLY 144 144 144 GLY GLY A . n 
A 1 145 ARG 145 145 145 ARG ARG A . n 
A 1 146 ASN 146 146 146 ASN ASN A . n 
A 1 147 PHE 147 147 147 PHE PHE A . n 
A 1 148 ASN 148 148 148 ASN ASN A . n 
A 1 149 GLU 149 149 149 GLU GLU A . n 
A 1 150 ILE 150 150 150 ILE ILE A . n 
A 1 151 LEU 151 151 151 LEU LEU A . n 
A 1 152 ARG 152 152 152 ARG ARG A . n 
A 1 153 VAL 153 153 153 VAL VAL A . n 
A 1 154 ILE 154 154 154 ILE ILE A . n 
A 1 155 ASP 155 155 155 ASP ASP A . n 
A 1 156 SER 156 156 156 SER SER A . n 
A 1 157 LEU 157 157 157 LEU LEU A . n 
A 1 158 GLN 158 158 158 GLN GLN A . n 
A 1 159 LEU 159 159 159 LEU LEU A . n 
A 1 160 THR 160 160 160 THR THR A . n 
A 1 161 ASP 161 161 161 ASP ASP A . n 
A 1 162 GLU 162 162 162 GLU GLU A . n 
A 1 163 HIS 163 163 163 HIS HIS A . n 
A 1 164 LYS 164 164 164 LYS LYS A . n 
A 1 165 VAL 165 165 165 VAL VAL A . n 
A 1 166 ALA 166 166 166 ALA ALA A . n 
A 1 167 THR 167 167 167 THR THR A . n 
A 1 168 PRO 168 168 168 PRO PRO A . n 
A 1 169 ALA 169 169 169 ALA ALA A . n 
A 1 170 ASN 170 170 170 ASN ASN A . n 
A 1 171 TRP 171 171 171 TRP TRP A . n 
A 1 172 GLU 172 172 172 GLU GLU A . n 
A 1 173 ASP 173 173 173 ASP ASP A . n 
A 1 174 GLY 174 174 174 GLY GLY A . n 
A 1 175 ASP 175 175 175 ASP ASP A . n 
A 1 176 GLU 176 176 176 GLU GLU A . n 
A 1 177 VAL 177 177 177 VAL VAL A . n 
A 1 178 VAL 178 178 178 VAL VAL A . n 
A 1 179 ILE 179 179 179 ILE ILE A . n 
A 1 180 VAL 180 180 180 VAL VAL A . n 
A 1 181 PRO 181 181 181 PRO PRO A . n 
A 1 182 SER 182 182 182 SER SER A . n 
A 1 183 LEU 183 183 183 LEU LEU A . n 
A 1 184 LYS 184 184 184 LYS LYS A . n 
A 1 185 ASP 185 185 185 ASP ASP A . n 
A 1 186 GLU 186 186 186 GLU GLU A . n 
A 1 187 GLU 187 187 187 GLU GLU A . n 
A 1 188 GLU 188 188 188 GLU GLU A . n 
A 1 189 ILE 189 189 189 ILE ILE A . n 
A 1 190 LYS 190 190 190 LYS LYS A . n 
A 1 191 ARG 191 191 191 ARG ARG A . n 
A 1 192 ARG 192 192 192 ARG ARG A . n 
A 1 193 PHE 193 193 193 PHE PHE A . n 
A 1 194 PRO 194 194 194 PRO PRO A . n 
A 1 195 LYS 195 195 195 LYS LYS A . n 
A 1 196 GLY 196 196 196 GLY GLY A . n 
A 1 197 TYR 197 197 197 TYR TYR A . n 
A 1 198 ARG 198 198 198 ARG ARG A . n 
A 1 199 ALA 199 199 199 ALA ALA A . n 
A 1 200 VAL 200 200 200 VAL VAL A . n 
A 1 201 LYS 201 201 201 LYS LYS A . n 
A 1 202 PRO 202 202 202 PRO PRO A . n 
A 1 203 TYR 203 203 203 TYR TYR A . n 
A 1 204 LEU 204 204 204 LEU LEU A . n 
A 1 205 ARG 205 205 205 ARG ARG A . n 
A 1 206 LEU 206 206 206 LEU LEU A . n 
A 1 207 THR 207 207 207 THR THR A . n 
A 1 208 PRO 208 208 208 PRO PRO A . n 
A 1 209 GLN 209 209 209 GLN GLN A . n 
A 1 210 PRO 210 210 210 PRO PRO A . n 
A 1 211 ASN 211 211 211 ASN ASN A . n 
A 1 212 ARG 212 212 ?   ?   ?   A . n 
# 
loop_
_pdbx_nonpoly_scheme.asym_id 
_pdbx_nonpoly_scheme.entity_id 
_pdbx_nonpoly_scheme.mon_id 
_pdbx_nonpoly_scheme.ndb_seq_num 
_pdbx_nonpoly_scheme.pdb_seq_num 
_pdbx_nonpoly_scheme.auth_seq_num 
_pdbx_nonpoly_scheme.pdb_mon_id 
_pdbx_nonpoly_scheme.auth_mon_id 
_pdbx_nonpoly_scheme.pdb_strand_id 
_pdbx_nonpoly_scheme.pdb_ins_code 
B 2 CL  1  301 1  CL  CL  A . 
C 3 HOH 1  401 14 HOH HOH A . 
C 3 HOH 2  402 23 HOH HOH A . 
C 3 HOH 3  403 18 HOH HOH A . 
C 3 HOH 4  404 4  HOH HOH A . 
C 3 HOH 5  405 6  HOH HOH A . 
C 3 HOH 6  406 21 HOH HOH A . 
C 3 HOH 7  407 16 HOH HOH A . 
C 3 HOH 8  408 25 HOH HOH A . 
C 3 HOH 9  409 12 HOH HOH A . 
C 3 HOH 10 410 17 HOH HOH A . 
C 3 HOH 11 411 7  HOH HOH A . 
C 3 HOH 12 412 8  HOH HOH A . 
C 3 HOH 13 413 9  HOH HOH A . 
C 3 HOH 14 414 15 HOH HOH A . 
C 3 HOH 15 415 2  HOH HOH A . 
C 3 HOH 16 416 11 HOH HOH A . 
C 3 HOH 17 417 13 HOH HOH A . 
C 3 HOH 18 418 1  HOH HOH A . 
C 3 HOH 19 419 26 HOH HOH A . 
C 3 HOH 20 420 5  HOH HOH A . 
C 3 HOH 21 421 19 HOH HOH A . 
C 3 HOH 22 422 10 HOH HOH A . 
C 3 HOH 23 423 3  HOH HOH A . 
C 3 HOH 24 424 20 HOH HOH A . 
C 3 HOH 25 425 27 HOH HOH A . 
C 3 HOH 26 426 28 HOH HOH A . 
# 
_pdbx_struct_assembly.id                   1 
_pdbx_struct_assembly.details              author_and_software_defined_assembly 
_pdbx_struct_assembly.method_details       PISA 
_pdbx_struct_assembly.oligomeric_details   dimeric 
_pdbx_struct_assembly.oligomeric_count     2 
# 
_pdbx_struct_assembly_gen.assembly_id       1 
_pdbx_struct_assembly_gen.oper_expression   1,2 
_pdbx_struct_assembly_gen.asym_id_list      A,B,C 
# 
loop_
_pdbx_struct_assembly_prop.biol_id 
_pdbx_struct_assembly_prop.type 
_pdbx_struct_assembly_prop.value 
_pdbx_struct_assembly_prop.details 
1 'ABSA (A^2)' 3910  ? 
1 MORE         -35   ? 
1 'SSA (A^2)'  17790 ? 
# 
loop_
_pdbx_struct_oper_list.id 
_pdbx_struct_oper_list.type 
_pdbx_struct_oper_list.name 
_pdbx_struct_oper_list.symmetry_operation 
_pdbx_struct_oper_list.matrix[1][1] 
_pdbx_struct_oper_list.matrix[1][2] 
_pdbx_struct_oper_list.matrix[1][3] 
_pdbx_struct_oper_list.vector[1] 
_pdbx_struct_oper_list.matrix[2][1] 
_pdbx_struct_oper_list.matrix[2][2] 
_pdbx_struct_oper_list.matrix[2][3] 
_pdbx_struct_oper_list.vector[2] 
_pdbx_struct_oper_list.matrix[3][1] 
_pdbx_struct_oper_list.matrix[3][2] 
_pdbx_struct_oper_list.matrix[3][3] 
_pdbx_struct_oper_list.vector[3] 
1 'identity operation'         1_555  x,y,z          1.0000000000 0.0000000000 0.0000000000 0.0000000000 0.0000000000 1.0000000000  0.0000000000 0.0000000000   0.0000000000 0.0000000000 1.0000000000  0.0000000000  
2 'crystal symmetry operation' 12_565 x,x-y+1,-z+1/6 0.3198875329 0.8796663682 0.3519361404 4.3157557593 0.8796663682 -0.4137281397 0.2345551259 -13.3092875705 0.3519361404 0.2345551259 -0.9061593933 17.0809977988 
# 
_pdbx_struct_special_symmetry.id              1 
_pdbx_struct_special_symmetry.PDB_model_num   1 
_pdbx_struct_special_symmetry.auth_asym_id    A 
_pdbx_struct_special_symmetry.auth_comp_id    HOH 
_pdbx_struct_special_symmetry.auth_seq_id     406 
_pdbx_struct_special_symmetry.PDB_ins_code    ? 
_pdbx_struct_special_symmetry.label_asym_id   C 
_pdbx_struct_special_symmetry.label_comp_id   HOH 
_pdbx_struct_special_symmetry.label_seq_id    . 
# 
loop_
_pdbx_audit_revision_history.ordinal 
_pdbx_audit_revision_history.data_content_type 
_pdbx_audit_revision_history.major_revision 
_pdbx_audit_revision_history.minor_revision 
_pdbx_audit_revision_history.revision_date 
1 'Structure model' 1 0 2020-05-13 
2 'Structure model' 1 1 2023-10-11 
# 
_pdbx_audit_revision_details.ordinal             1 
_pdbx_audit_revision_details.revision_ordinal    1 
_pdbx_audit_revision_details.data_content_type   'Structure model' 
_pdbx_audit_revision_details.provider            repository 
_pdbx_audit_revision_details.type                'Initial release' 
_pdbx_audit_revision_details.description         ? 
_pdbx_audit_revision_details.details             ? 
# 
loop_
_pdbx_audit_revision_group.ordinal 
_pdbx_audit_revision_group.revision_ordinal 
_pdbx_audit_revision_group.data_content_type 
_pdbx_audit_revision_group.group 
1 2 'Structure model' 'Data collection'        
2 2 'Structure model' 'Database references'    
3 2 'Structure model' 'Refinement description' 
# 
loop_
_pdbx_audit_revision_category.ordinal 
_pdbx_audit_revision_category.revision_ordinal 
_pdbx_audit_revision_category.data_content_type 
_pdbx_audit_revision_category.category 
1 2 'Structure model' chem_comp_atom                
2 2 'Structure model' chem_comp_bond                
3 2 'Structure model' database_2                    
4 2 'Structure model' pdbx_initial_refinement_model 
# 
loop_
_pdbx_audit_revision_item.ordinal 
_pdbx_audit_revision_item.revision_ordinal 
_pdbx_audit_revision_item.data_content_type 
_pdbx_audit_revision_item.item 
1 2 'Structure model' '_database_2.pdbx_DOI'                
2 2 'Structure model' '_database_2.pdbx_database_accession' 
# 
loop_
_software.citation_id 
_software.classification 
_software.compiler_name 
_software.compiler_version 
_software.contact_author 
_software.contact_author_email 
_software.date 
_software.description 
_software.dependencies 
_software.hardware 
_software.language 
_software.location 
_software.mods 
_software.name 
_software.os 
_software.os_version 
_software.type 
_software.version 
_software.pdbx_ordinal 
? refinement        ? ? ? ? ? ? ? ? ? ? ? REFMAC      ? ? ? 5.8.0238 1 
? 'data extraction' ? ? ? ? ? ? ? ? ? ? ? PDB_EXTRACT ? ? ? 3.22     2 
? 'data reduction'  ? ? ? ? ? ? ? ? ? ? ? XDS         ? ? ? .        3 
? 'data scaling'    ? ? ? ? ? ? ? ? ? ? ? Aimless     ? ? ? .        4 
? phasing           ? ? ? ? ? ? ? ? ? ? ? PHASER      ? ? ? .        5 
# 
_pdbx_validate_symm_contact.id                1 
_pdbx_validate_symm_contact.PDB_model_num     1 
_pdbx_validate_symm_contact.auth_atom_id_1    O 
_pdbx_validate_symm_contact.auth_asym_id_1    A 
_pdbx_validate_symm_contact.auth_comp_id_1    ALA 
_pdbx_validate_symm_contact.auth_seq_id_1     100 
_pdbx_validate_symm_contact.PDB_ins_code_1    ? 
_pdbx_validate_symm_contact.label_alt_id_1    ? 
_pdbx_validate_symm_contact.site_symmetry_1   1_555 
_pdbx_validate_symm_contact.auth_atom_id_2    CL 
_pdbx_validate_symm_contact.auth_asym_id_2    A 
_pdbx_validate_symm_contact.auth_comp_id_2    CL 
_pdbx_validate_symm_contact.auth_seq_id_2     301 
_pdbx_validate_symm_contact.PDB_ins_code_2    ? 
_pdbx_validate_symm_contact.label_alt_id_2    ? 
_pdbx_validate_symm_contact.site_symmetry_2   8_565 
_pdbx_validate_symm_contact.dist              2.19 
# 
loop_
_pdbx_validate_torsion.id 
_pdbx_validate_torsion.PDB_model_num 
_pdbx_validate_torsion.auth_comp_id 
_pdbx_validate_torsion.auth_asym_id 
_pdbx_validate_torsion.auth_seq_id 
_pdbx_validate_torsion.PDB_ins_code 
_pdbx_validate_torsion.label_alt_id 
_pdbx_validate_torsion.phi 
_pdbx_validate_torsion.psi 
1 1 SER A 17 ? ? -59.14  -7.72 
2 1 ASP A 99 ? ? -109.51 58.10 
# 
loop_
_pdbx_unobs_or_zero_occ_residues.id 
_pdbx_unobs_or_zero_occ_residues.PDB_model_num 
_pdbx_unobs_or_zero_occ_residues.polymer_flag 
_pdbx_unobs_or_zero_occ_residues.occupancy_flag 
_pdbx_unobs_or_zero_occ_residues.auth_asym_id 
_pdbx_unobs_or_zero_occ_residues.auth_comp_id 
_pdbx_unobs_or_zero_occ_residues.auth_seq_id 
_pdbx_unobs_or_zero_occ_residues.PDB_ins_code 
_pdbx_unobs_or_zero_occ_residues.label_asym_id 
_pdbx_unobs_or_zero_occ_residues.label_comp_id 
_pdbx_unobs_or_zero_occ_residues.label_seq_id 
1  1 Y 1 A SER 2   ? A SER 2   
2  1 Y 1 A ILE 111 ? A ILE 111 
3  1 Y 1 A HIS 112 ? A HIS 112 
4  1 Y 1 A PRO 113 ? A PRO 113 
5  1 Y 1 A ASN 114 ? A ASN 114 
6  1 Y 1 A ALA 115 ? A ALA 115 
7  1 Y 1 A ASN 116 ? A ASN 116 
8  1 Y 1 A ASP 117 ? A ASP 117 
9  1 Y 1 A THR 118 ? A THR 118 
10 1 Y 1 A LEU 119 ? A LEU 119 
11 1 Y 1 A ARG 212 ? A ARG 212 
# 
loop_
_chem_comp_atom.comp_id 
_chem_comp_atom.atom_id 
_chem_comp_atom.type_symbol 
_chem_comp_atom.pdbx_aromatic_flag 
_chem_comp_atom.pdbx_stereo_config 
_chem_comp_atom.pdbx_ordinal 
ALA N    N  N N 1   
ALA CA   C  N S 2   
ALA C    C  N N 3   
ALA O    O  N N 4   
ALA CB   C  N N 5   
ALA OXT  O  N N 6   
ALA H    H  N N 7   
ALA H2   H  N N 8   
ALA HA   H  N N 9   
ALA HB1  H  N N 10  
ALA HB2  H  N N 11  
ALA HB3  H  N N 12  
ALA HXT  H  N N 13  
ARG N    N  N N 14  
ARG CA   C  N S 15  
ARG C    C  N N 16  
ARG O    O  N N 17  
ARG CB   C  N N 18  
ARG CG   C  N N 19  
ARG CD   C  N N 20  
ARG NE   N  N N 21  
ARG CZ   C  N N 22  
ARG NH1  N  N N 23  
ARG NH2  N  N N 24  
ARG OXT  O  N N 25  
ARG H    H  N N 26  
ARG H2   H  N N 27  
ARG HA   H  N N 28  
ARG HB2  H  N N 29  
ARG HB3  H  N N 30  
ARG HG2  H  N N 31  
ARG HG3  H  N N 32  
ARG HD2  H  N N 33  
ARG HD3  H  N N 34  
ARG HE   H  N N 35  
ARG HH11 H  N N 36  
ARG HH12 H  N N 37  
ARG HH21 H  N N 38  
ARG HH22 H  N N 39  
ARG HXT  H  N N 40  
ASN N    N  N N 41  
ASN CA   C  N S 42  
ASN C    C  N N 43  
ASN O    O  N N 44  
ASN CB   C  N N 45  
ASN CG   C  N N 46  
ASN OD1  O  N N 47  
ASN ND2  N  N N 48  
ASN OXT  O  N N 49  
ASN H    H  N N 50  
ASN H2   H  N N 51  
ASN HA   H  N N 52  
ASN HB2  H  N N 53  
ASN HB3  H  N N 54  
ASN HD21 H  N N 55  
ASN HD22 H  N N 56  
ASN HXT  H  N N 57  
ASP N    N  N N 58  
ASP CA   C  N S 59  
ASP C    C  N N 60  
ASP O    O  N N 61  
ASP CB   C  N N 62  
ASP CG   C  N N 63  
ASP OD1  O  N N 64  
ASP OD2  O  N N 65  
ASP OXT  O  N N 66  
ASP H    H  N N 67  
ASP H2   H  N N 68  
ASP HA   H  N N 69  
ASP HB2  H  N N 70  
ASP HB3  H  N N 71  
ASP HD2  H  N N 72  
ASP HXT  H  N N 73  
CL  CL   CL N N 74  
CYS N    N  N N 75  
CYS CA   C  N R 76  
CYS C    C  N N 77  
CYS O    O  N N 78  
CYS CB   C  N N 79  
CYS SG   S  N N 80  
CYS OXT  O  N N 81  
CYS H    H  N N 82  
CYS H2   H  N N 83  
CYS HA   H  N N 84  
CYS HB2  H  N N 85  
CYS HB3  H  N N 86  
CYS HG   H  N N 87  
CYS HXT  H  N N 88  
GLN N    N  N N 89  
GLN CA   C  N S 90  
GLN C    C  N N 91  
GLN O    O  N N 92  
GLN CB   C  N N 93  
GLN CG   C  N N 94  
GLN CD   C  N N 95  
GLN OE1  O  N N 96  
GLN NE2  N  N N 97  
GLN OXT  O  N N 98  
GLN H    H  N N 99  
GLN H2   H  N N 100 
GLN HA   H  N N 101 
GLN HB2  H  N N 102 
GLN HB3  H  N N 103 
GLN HG2  H  N N 104 
GLN HG3  H  N N 105 
GLN HE21 H  N N 106 
GLN HE22 H  N N 107 
GLN HXT  H  N N 108 
GLU N    N  N N 109 
GLU CA   C  N S 110 
GLU C    C  N N 111 
GLU O    O  N N 112 
GLU CB   C  N N 113 
GLU CG   C  N N 114 
GLU CD   C  N N 115 
GLU OE1  O  N N 116 
GLU OE2  O  N N 117 
GLU OXT  O  N N 118 
GLU H    H  N N 119 
GLU H2   H  N N 120 
GLU HA   H  N N 121 
GLU HB2  H  N N 122 
GLU HB3  H  N N 123 
GLU HG2  H  N N 124 
GLU HG3  H  N N 125 
GLU HE2  H  N N 126 
GLU HXT  H  N N 127 
GLY N    N  N N 128 
GLY CA   C  N N 129 
GLY C    C  N N 130 
GLY O    O  N N 131 
GLY OXT  O  N N 132 
GLY H    H  N N 133 
GLY H2   H  N N 134 
GLY HA2  H  N N 135 
GLY HA3  H  N N 136 
GLY HXT  H  N N 137 
HIS N    N  N N 138 
HIS CA   C  N S 139 
HIS C    C  N N 140 
HIS O    O  N N 141 
HIS CB   C  N N 142 
HIS CG   C  Y N 143 
HIS ND1  N  Y N 144 
HIS CD2  C  Y N 145 
HIS CE1  C  Y N 146 
HIS NE2  N  Y N 147 
HIS OXT  O  N N 148 
HIS H    H  N N 149 
HIS H2   H  N N 150 
HIS HA   H  N N 151 
HIS HB2  H  N N 152 
HIS HB3  H  N N 153 
HIS HD1  H  N N 154 
HIS HD2  H  N N 155 
HIS HE1  H  N N 156 
HIS HE2  H  N N 157 
HIS HXT  H  N N 158 
HOH O    O  N N 159 
HOH H1   H  N N 160 
HOH H2   H  N N 161 
ILE N    N  N N 162 
ILE CA   C  N S 163 
ILE C    C  N N 164 
ILE O    O  N N 165 
ILE CB   C  N S 166 
ILE CG1  C  N N 167 
ILE CG2  C  N N 168 
ILE CD1  C  N N 169 
ILE OXT  O  N N 170 
ILE H    H  N N 171 
ILE H2   H  N N 172 
ILE HA   H  N N 173 
ILE HB   H  N N 174 
ILE HG12 H  N N 175 
ILE HG13 H  N N 176 
ILE HG21 H  N N 177 
ILE HG22 H  N N 178 
ILE HG23 H  N N 179 
ILE HD11 H  N N 180 
ILE HD12 H  N N 181 
ILE HD13 H  N N 182 
ILE HXT  H  N N 183 
LEU N    N  N N 184 
LEU CA   C  N S 185 
LEU C    C  N N 186 
LEU O    O  N N 187 
LEU CB   C  N N 188 
LEU CG   C  N N 189 
LEU CD1  C  N N 190 
LEU CD2  C  N N 191 
LEU OXT  O  N N 192 
LEU H    H  N N 193 
LEU H2   H  N N 194 
LEU HA   H  N N 195 
LEU HB2  H  N N 196 
LEU HB3  H  N N 197 
LEU HG   H  N N 198 
LEU HD11 H  N N 199 
LEU HD12 H  N N 200 
LEU HD13 H  N N 201 
LEU HD21 H  N N 202 
LEU HD22 H  N N 203 
LEU HD23 H  N N 204 
LEU HXT  H  N N 205 
LYS N    N  N N 206 
LYS CA   C  N S 207 
LYS C    C  N N 208 
LYS O    O  N N 209 
LYS CB   C  N N 210 
LYS CG   C  N N 211 
LYS CD   C  N N 212 
LYS CE   C  N N 213 
LYS NZ   N  N N 214 
LYS OXT  O  N N 215 
LYS H    H  N N 216 
LYS H2   H  N N 217 
LYS HA   H  N N 218 
LYS HB2  H  N N 219 
LYS HB3  H  N N 220 
LYS HG2  H  N N 221 
LYS HG3  H  N N 222 
LYS HD2  H  N N 223 
LYS HD3  H  N N 224 
LYS HE2  H  N N 225 
LYS HE3  H  N N 226 
LYS HZ1  H  N N 227 
LYS HZ2  H  N N 228 
LYS HZ3  H  N N 229 
LYS HXT  H  N N 230 
MET N    N  N N 231 
MET CA   C  N S 232 
MET C    C  N N 233 
MET O    O  N N 234 
MET CB   C  N N 235 
MET CG   C  N N 236 
MET SD   S  N N 237 
MET CE   C  N N 238 
MET OXT  O  N N 239 
MET H    H  N N 240 
MET H2   H  N N 241 
MET HA   H  N N 242 
MET HB2  H  N N 243 
MET HB3  H  N N 244 
MET HG2  H  N N 245 
MET HG3  H  N N 246 
MET HE1  H  N N 247 
MET HE2  H  N N 248 
MET HE3  H  N N 249 
MET HXT  H  N N 250 
PHE N    N  N N 251 
PHE CA   C  N S 252 
PHE C    C  N N 253 
PHE O    O  N N 254 
PHE CB   C  N N 255 
PHE CG   C  Y N 256 
PHE CD1  C  Y N 257 
PHE CD2  C  Y N 258 
PHE CE1  C  Y N 259 
PHE CE2  C  Y N 260 
PHE CZ   C  Y N 261 
PHE OXT  O  N N 262 
PHE H    H  N N 263 
PHE H2   H  N N 264 
PHE HA   H  N N 265 
PHE HB2  H  N N 266 
PHE HB3  H  N N 267 
PHE HD1  H  N N 268 
PHE HD2  H  N N 269 
PHE HE1  H  N N 270 
PHE HE2  H  N N 271 
PHE HZ   H  N N 272 
PHE HXT  H  N N 273 
PRO N    N  N N 274 
PRO CA   C  N S 275 
PRO C    C  N N 276 
PRO O    O  N N 277 
PRO CB   C  N N 278 
PRO CG   C  N N 279 
PRO CD   C  N N 280 
PRO OXT  O  N N 281 
PRO H    H  N N 282 
PRO HA   H  N N 283 
PRO HB2  H  N N 284 
PRO HB3  H  N N 285 
PRO HG2  H  N N 286 
PRO HG3  H  N N 287 
PRO HD2  H  N N 288 
PRO HD3  H  N N 289 
PRO HXT  H  N N 290 
SER N    N  N N 291 
SER CA   C  N S 292 
SER C    C  N N 293 
SER O    O  N N 294 
SER CB   C  N N 295 
SER OG   O  N N 296 
SER OXT  O  N N 297 
SER H    H  N N 298 
SER H2   H  N N 299 
SER HA   H  N N 300 
SER HB2  H  N N 301 
SER HB3  H  N N 302 
SER HG   H  N N 303 
SER HXT  H  N N 304 
THR N    N  N N 305 
THR CA   C  N S 306 
THR C    C  N N 307 
THR O    O  N N 308 
THR CB   C  N R 309 
THR OG1  O  N N 310 
THR CG2  C  N N 311 
THR OXT  O  N N 312 
THR H    H  N N 313 
THR H2   H  N N 314 
THR HA   H  N N 315 
THR HB   H  N N 316 
THR HG1  H  N N 317 
THR HG21 H  N N 318 
THR HG22 H  N N 319 
THR HG23 H  N N 320 
THR HXT  H  N N 321 
TRP N    N  N N 322 
TRP CA   C  N S 323 
TRP C    C  N N 324 
TRP O    O  N N 325 
TRP CB   C  N N 326 
TRP CG   C  Y N 327 
TRP CD1  C  Y N 328 
TRP CD2  C  Y N 329 
TRP NE1  N  Y N 330 
TRP CE2  C  Y N 331 
TRP CE3  C  Y N 332 
TRP CZ2  C  Y N 333 
TRP CZ3  C  Y N 334 
TRP CH2  C  Y N 335 
TRP OXT  O  N N 336 
TRP H    H  N N 337 
TRP H2   H  N N 338 
TRP HA   H  N N 339 
TRP HB2  H  N N 340 
TRP HB3  H  N N 341 
TRP HD1  H  N N 342 
TRP HE1  H  N N 343 
TRP HE3  H  N N 344 
TRP HZ2  H  N N 345 
TRP HZ3  H  N N 346 
TRP HH2  H  N N 347 
TRP HXT  H  N N 348 
TYR N    N  N N 349 
TYR CA   C  N S 350 
TYR C    C  N N 351 
TYR O    O  N N 352 
TYR CB   C  N N 353 
TYR CG   C  Y N 354 
TYR CD1  C  Y N 355 
TYR CD2  C  Y N 356 
TYR CE1  C  Y N 357 
TYR CE2  C  Y N 358 
TYR CZ   C  Y N 359 
TYR OH   O  N N 360 
TYR OXT  O  N N 361 
TYR H    H  N N 362 
TYR H2   H  N N 363 
TYR HA   H  N N 364 
TYR HB2  H  N N 365 
TYR HB3  H  N N 366 
TYR HD1  H  N N 367 
TYR HD2  H  N N 368 
TYR HE1  H  N N 369 
TYR HE2  H  N N 370 
TYR HH   H  N N 371 
TYR HXT  H  N N 372 
VAL N    N  N N 373 
VAL CA   C  N S 374 
VAL C    C  N N 375 
VAL O    O  N N 376 
VAL CB   C  N N 377 
VAL CG1  C  N N 378 
VAL CG2  C  N N 379 
VAL OXT  O  N N 380 
VAL H    H  N N 381 
VAL H2   H  N N 382 
VAL HA   H  N N 383 
VAL HB   H  N N 384 
VAL HG11 H  N N 385 
VAL HG12 H  N N 386 
VAL HG13 H  N N 387 
VAL HG21 H  N N 388 
VAL HG22 H  N N 389 
VAL HG23 H  N N 390 
VAL HXT  H  N N 391 
# 
loop_
_chem_comp_bond.comp_id 
_chem_comp_bond.atom_id_1 
_chem_comp_bond.atom_id_2 
_chem_comp_bond.value_order 
_chem_comp_bond.pdbx_aromatic_flag 
_chem_comp_bond.pdbx_stereo_config 
_chem_comp_bond.pdbx_ordinal 
ALA N   CA   sing N N 1   
ALA N   H    sing N N 2   
ALA N   H2   sing N N 3   
ALA CA  C    sing N N 4   
ALA CA  CB   sing N N 5   
ALA CA  HA   sing N N 6   
ALA C   O    doub N N 7   
ALA C   OXT  sing N N 8   
ALA CB  HB1  sing N N 9   
ALA CB  HB2  sing N N 10  
ALA CB  HB3  sing N N 11  
ALA OXT HXT  sing N N 12  
ARG N   CA   sing N N 13  
ARG N   H    sing N N 14  
ARG N   H2   sing N N 15  
ARG CA  C    sing N N 16  
ARG CA  CB   sing N N 17  
ARG CA  HA   sing N N 18  
ARG C   O    doub N N 19  
ARG C   OXT  sing N N 20  
ARG CB  CG   sing N N 21  
ARG CB  HB2  sing N N 22  
ARG CB  HB3  sing N N 23  
ARG CG  CD   sing N N 24  
ARG CG  HG2  sing N N 25  
ARG CG  HG3  sing N N 26  
ARG CD  NE   sing N N 27  
ARG CD  HD2  sing N N 28  
ARG CD  HD3  sing N N 29  
ARG NE  CZ   sing N N 30  
ARG NE  HE   sing N N 31  
ARG CZ  NH1  sing N N 32  
ARG CZ  NH2  doub N N 33  
ARG NH1 HH11 sing N N 34  
ARG NH1 HH12 sing N N 35  
ARG NH2 HH21 sing N N 36  
ARG NH2 HH22 sing N N 37  
ARG OXT HXT  sing N N 38  
ASN N   CA   sing N N 39  
ASN N   H    sing N N 40  
ASN N   H2   sing N N 41  
ASN CA  C    sing N N 42  
ASN CA  CB   sing N N 43  
ASN CA  HA   sing N N 44  
ASN C   O    doub N N 45  
ASN C   OXT  sing N N 46  
ASN CB  CG   sing N N 47  
ASN CB  HB2  sing N N 48  
ASN CB  HB3  sing N N 49  
ASN CG  OD1  doub N N 50  
ASN CG  ND2  sing N N 51  
ASN ND2 HD21 sing N N 52  
ASN ND2 HD22 sing N N 53  
ASN OXT HXT  sing N N 54  
ASP N   CA   sing N N 55  
ASP N   H    sing N N 56  
ASP N   H2   sing N N 57  
ASP CA  C    sing N N 58  
ASP CA  CB   sing N N 59  
ASP CA  HA   sing N N 60  
ASP C   O    doub N N 61  
ASP C   OXT  sing N N 62  
ASP CB  CG   sing N N 63  
ASP CB  HB2  sing N N 64  
ASP CB  HB3  sing N N 65  
ASP CG  OD1  doub N N 66  
ASP CG  OD2  sing N N 67  
ASP OD2 HD2  sing N N 68  
ASP OXT HXT  sing N N 69  
CYS N   CA   sing N N 70  
CYS N   H    sing N N 71  
CYS N   H2   sing N N 72  
CYS CA  C    sing N N 73  
CYS CA  CB   sing N N 74  
CYS CA  HA   sing N N 75  
CYS C   O    doub N N 76  
CYS C   OXT  sing N N 77  
CYS CB  SG   sing N N 78  
CYS CB  HB2  sing N N 79  
CYS CB  HB3  sing N N 80  
CYS SG  HG   sing N N 81  
CYS OXT HXT  sing N N 82  
GLN N   CA   sing N N 83  
GLN N   H    sing N N 84  
GLN N   H2   sing N N 85  
GLN CA  C    sing N N 86  
GLN CA  CB   sing N N 87  
GLN CA  HA   sing N N 88  
GLN C   O    doub N N 89  
GLN C   OXT  sing N N 90  
GLN CB  CG   sing N N 91  
GLN CB  HB2  sing N N 92  
GLN CB  HB3  sing N N 93  
GLN CG  CD   sing N N 94  
GLN CG  HG2  sing N N 95  
GLN CG  HG3  sing N N 96  
GLN CD  OE1  doub N N 97  
GLN CD  NE2  sing N N 98  
GLN NE2 HE21 sing N N 99  
GLN NE2 HE22 sing N N 100 
GLN OXT HXT  sing N N 101 
GLU N   CA   sing N N 102 
GLU N   H    sing N N 103 
GLU N   H2   sing N N 104 
GLU CA  C    sing N N 105 
GLU CA  CB   sing N N 106 
GLU CA  HA   sing N N 107 
GLU C   O    doub N N 108 
GLU C   OXT  sing N N 109 
GLU CB  CG   sing N N 110 
GLU CB  HB2  sing N N 111 
GLU CB  HB3  sing N N 112 
GLU CG  CD   sing N N 113 
GLU CG  HG2  sing N N 114 
GLU CG  HG3  sing N N 115 
GLU CD  OE1  doub N N 116 
GLU CD  OE2  sing N N 117 
GLU OE2 HE2  sing N N 118 
GLU OXT HXT  sing N N 119 
GLY N   CA   sing N N 120 
GLY N   H    sing N N 121 
GLY N   H2   sing N N 122 
GLY CA  C    sing N N 123 
GLY CA  HA2  sing N N 124 
GLY CA  HA3  sing N N 125 
GLY C   O    doub N N 126 
GLY C   OXT  sing N N 127 
GLY OXT HXT  sing N N 128 
HIS N   CA   sing N N 129 
HIS N   H    sing N N 130 
HIS N   H2   sing N N 131 
HIS CA  C    sing N N 132 
HIS CA  CB   sing N N 133 
HIS CA  HA   sing N N 134 
HIS C   O    doub N N 135 
HIS C   OXT  sing N N 136 
HIS CB  CG   sing N N 137 
HIS CB  HB2  sing N N 138 
HIS CB  HB3  sing N N 139 
HIS CG  ND1  sing Y N 140 
HIS CG  CD2  doub Y N 141 
HIS ND1 CE1  doub Y N 142 
HIS ND1 HD1  sing N N 143 
HIS CD2 NE2  sing Y N 144 
HIS CD2 HD2  sing N N 145 
HIS CE1 NE2  sing Y N 146 
HIS CE1 HE1  sing N N 147 
HIS NE2 HE2  sing N N 148 
HIS OXT HXT  sing N N 149 
HOH O   H1   sing N N 150 
HOH O   H2   sing N N 151 
ILE N   CA   sing N N 152 
ILE N   H    sing N N 153 
ILE N   H2   sing N N 154 
ILE CA  C    sing N N 155 
ILE CA  CB   sing N N 156 
ILE CA  HA   sing N N 157 
ILE C   O    doub N N 158 
ILE C   OXT  sing N N 159 
ILE CB  CG1  sing N N 160 
ILE CB  CG2  sing N N 161 
ILE CB  HB   sing N N 162 
ILE CG1 CD1  sing N N 163 
ILE CG1 HG12 sing N N 164 
ILE CG1 HG13 sing N N 165 
ILE CG2 HG21 sing N N 166 
ILE CG2 HG22 sing N N 167 
ILE CG2 HG23 sing N N 168 
ILE CD1 HD11 sing N N 169 
ILE CD1 HD12 sing N N 170 
ILE CD1 HD13 sing N N 171 
ILE OXT HXT  sing N N 172 
LEU N   CA   sing N N 173 
LEU N   H    sing N N 174 
LEU N   H2   sing N N 175 
LEU CA  C    sing N N 176 
LEU CA  CB   sing N N 177 
LEU CA  HA   sing N N 178 
LEU C   O    doub N N 179 
LEU C   OXT  sing N N 180 
LEU CB  CG   sing N N 181 
LEU CB  HB2  sing N N 182 
LEU CB  HB3  sing N N 183 
LEU CG  CD1  sing N N 184 
LEU CG  CD2  sing N N 185 
LEU CG  HG   sing N N 186 
LEU CD1 HD11 sing N N 187 
LEU CD1 HD12 sing N N 188 
LEU CD1 HD13 sing N N 189 
LEU CD2 HD21 sing N N 190 
LEU CD2 HD22 sing N N 191 
LEU CD2 HD23 sing N N 192 
LEU OXT HXT  sing N N 193 
LYS N   CA   sing N N 194 
LYS N   H    sing N N 195 
LYS N   H2   sing N N 196 
LYS CA  C    sing N N 197 
LYS CA  CB   sing N N 198 
LYS CA  HA   sing N N 199 
LYS C   O    doub N N 200 
LYS C   OXT  sing N N 201 
LYS CB  CG   sing N N 202 
LYS CB  HB2  sing N N 203 
LYS CB  HB3  sing N N 204 
LYS CG  CD   sing N N 205 
LYS CG  HG2  sing N N 206 
LYS CG  HG3  sing N N 207 
LYS CD  CE   sing N N 208 
LYS CD  HD2  sing N N 209 
LYS CD  HD3  sing N N 210 
LYS CE  NZ   sing N N 211 
LYS CE  HE2  sing N N 212 
LYS CE  HE3  sing N N 213 
LYS NZ  HZ1  sing N N 214 
LYS NZ  HZ2  sing N N 215 
LYS NZ  HZ3  sing N N 216 
LYS OXT HXT  sing N N 217 
MET N   CA   sing N N 218 
MET N   H    sing N N 219 
MET N   H2   sing N N 220 
MET CA  C    sing N N 221 
MET CA  CB   sing N N 222 
MET CA  HA   sing N N 223 
MET C   O    doub N N 224 
MET C   OXT  sing N N 225 
MET CB  CG   sing N N 226 
MET CB  HB2  sing N N 227 
MET CB  HB3  sing N N 228 
MET CG  SD   sing N N 229 
MET CG  HG2  sing N N 230 
MET CG  HG3  sing N N 231 
MET SD  CE   sing N N 232 
MET CE  HE1  sing N N 233 
MET CE  HE2  sing N N 234 
MET CE  HE3  sing N N 235 
MET OXT HXT  sing N N 236 
PHE N   CA   sing N N 237 
PHE N   H    sing N N 238 
PHE N   H2   sing N N 239 
PHE CA  C    sing N N 240 
PHE CA  CB   sing N N 241 
PHE CA  HA   sing N N 242 
PHE C   O    doub N N 243 
PHE C   OXT  sing N N 244 
PHE CB  CG   sing N N 245 
PHE CB  HB2  sing N N 246 
PHE CB  HB3  sing N N 247 
PHE CG  CD1  doub Y N 248 
PHE CG  CD2  sing Y N 249 
PHE CD1 CE1  sing Y N 250 
PHE CD1 HD1  sing N N 251 
PHE CD2 CE2  doub Y N 252 
PHE CD2 HD2  sing N N 253 
PHE CE1 CZ   doub Y N 254 
PHE CE1 HE1  sing N N 255 
PHE CE2 CZ   sing Y N 256 
PHE CE2 HE2  sing N N 257 
PHE CZ  HZ   sing N N 258 
PHE OXT HXT  sing N N 259 
PRO N   CA   sing N N 260 
PRO N   CD   sing N N 261 
PRO N   H    sing N N 262 
PRO CA  C    sing N N 263 
PRO CA  CB   sing N N 264 
PRO CA  HA   sing N N 265 
PRO C   O    doub N N 266 
PRO C   OXT  sing N N 267 
PRO CB  CG   sing N N 268 
PRO CB  HB2  sing N N 269 
PRO CB  HB3  sing N N 270 
PRO CG  CD   sing N N 271 
PRO CG  HG2  sing N N 272 
PRO CG  HG3  sing N N 273 
PRO CD  HD2  sing N N 274 
PRO CD  HD3  sing N N 275 
PRO OXT HXT  sing N N 276 
SER N   CA   sing N N 277 
SER N   H    sing N N 278 
SER N   H2   sing N N 279 
SER CA  C    sing N N 280 
SER CA  CB   sing N N 281 
SER CA  HA   sing N N 282 
SER C   O    doub N N 283 
SER C   OXT  sing N N 284 
SER CB  OG   sing N N 285 
SER CB  HB2  sing N N 286 
SER CB  HB3  sing N N 287 
SER OG  HG   sing N N 288 
SER OXT HXT  sing N N 289 
THR N   CA   sing N N 290 
THR N   H    sing N N 291 
THR N   H2   sing N N 292 
THR CA  C    sing N N 293 
THR CA  CB   sing N N 294 
THR CA  HA   sing N N 295 
THR C   O    doub N N 296 
THR C   OXT  sing N N 297 
THR CB  OG1  sing N N 298 
THR CB  CG2  sing N N 299 
THR CB  HB   sing N N 300 
THR OG1 HG1  sing N N 301 
THR CG2 HG21 sing N N 302 
THR CG2 HG22 sing N N 303 
THR CG2 HG23 sing N N 304 
THR OXT HXT  sing N N 305 
TRP N   CA   sing N N 306 
TRP N   H    sing N N 307 
TRP N   H2   sing N N 308 
TRP CA  C    sing N N 309 
TRP CA  CB   sing N N 310 
TRP CA  HA   sing N N 311 
TRP C   O    doub N N 312 
TRP C   OXT  sing N N 313 
TRP CB  CG   sing N N 314 
TRP CB  HB2  sing N N 315 
TRP CB  HB3  sing N N 316 
TRP CG  CD1  doub Y N 317 
TRP CG  CD2  sing Y N 318 
TRP CD1 NE1  sing Y N 319 
TRP CD1 HD1  sing N N 320 
TRP CD2 CE2  doub Y N 321 
TRP CD2 CE3  sing Y N 322 
TRP NE1 CE2  sing Y N 323 
TRP NE1 HE1  sing N N 324 
TRP CE2 CZ2  sing Y N 325 
TRP CE3 CZ3  doub Y N 326 
TRP CE3 HE3  sing N N 327 
TRP CZ2 CH2  doub Y N 328 
TRP CZ2 HZ2  sing N N 329 
TRP CZ3 CH2  sing Y N 330 
TRP CZ3 HZ3  sing N N 331 
TRP CH2 HH2  sing N N 332 
TRP OXT HXT  sing N N 333 
TYR N   CA   sing N N 334 
TYR N   H    sing N N 335 
TYR N   H2   sing N N 336 
TYR CA  C    sing N N 337 
TYR CA  CB   sing N N 338 
TYR CA  HA   sing N N 339 
TYR C   O    doub N N 340 
TYR C   OXT  sing N N 341 
TYR CB  CG   sing N N 342 
TYR CB  HB2  sing N N 343 
TYR CB  HB3  sing N N 344 
TYR CG  CD1  doub Y N 345 
TYR CG  CD2  sing Y N 346 
TYR CD1 CE1  sing Y N 347 
TYR CD1 HD1  sing N N 348 
TYR CD2 CE2  doub Y N 349 
TYR CD2 HD2  sing N N 350 
TYR CE1 CZ   doub Y N 351 
TYR CE1 HE1  sing N N 352 
TYR CE2 CZ   sing Y N 353 
TYR CE2 HE2  sing N N 354 
TYR CZ  OH   sing N N 355 
TYR OH  HH   sing N N 356 
TYR OXT HXT  sing N N 357 
VAL N   CA   sing N N 358 
VAL N   H    sing N N 359 
VAL N   H2   sing N N 360 
VAL CA  C    sing N N 361 
VAL CA  CB   sing N N 362 
VAL CA  HA   sing N N 363 
VAL C   O    doub N N 364 
VAL C   OXT  sing N N 365 
VAL CB  CG1  sing N N 366 
VAL CB  CG2  sing N N 367 
VAL CB  HB   sing N N 368 
VAL CG1 HG11 sing N N 369 
VAL CG1 HG12 sing N N 370 
VAL CG1 HG13 sing N N 371 
VAL CG2 HG21 sing N N 372 
VAL CG2 HG22 sing N N 373 
VAL CG2 HG23 sing N N 374 
VAL OXT HXT  sing N N 375 
# 
loop_
_pdbx_audit_support.funding_organization 
_pdbx_audit_support.country 
_pdbx_audit_support.grant_number 
_pdbx_audit_support.ordinal 
'Brazilian National Council for Scientific and Technological Development (CNPq)' Brazil 130255/2016-5 1 
'Sao Paulo Research Foundation (FAPESP)'                                         Brazil 2013/07937-8  2 
# 
loop_
_pdbx_entity_nonpoly.entity_id 
_pdbx_entity_nonpoly.name 
_pdbx_entity_nonpoly.comp_id 
2 'CHLORIDE ION' CL  
3 water          HOH 
# 
_pdbx_initial_refinement_model.id               1 
_pdbx_initial_refinement_model.entity_id_list   ? 
_pdbx_initial_refinement_model.type             'experimental model' 
_pdbx_initial_refinement_model.source_name      PDB 
_pdbx_initial_refinement_model.accession_code   1PRX 
_pdbx_initial_refinement_model.details          ? 
# 
_pdbx_struct_assembly_auth_evidence.id                     1 
_pdbx_struct_assembly_auth_evidence.assembly_id            1 
_pdbx_struct_assembly_auth_evidence.experimental_support   SAXS 
_pdbx_struct_assembly_auth_evidence.details                'Is a dimer reduced, oxidezed or overoxidezed' 
# 
